data_1FUS
# 
_entry.id   1FUS 
# 
_audit_conform.dict_name       mmcif_pdbx.dic 
_audit_conform.dict_version    5.398 
_audit_conform.dict_location   http://mmcif.pdb.org/dictionaries/ascii/mmcif_pdbx.dic 
# 
loop_
_database_2.database_id 
_database_2.database_code 
_database_2.pdbx_database_accession 
_database_2.pdbx_DOI 
PDB   1FUS         pdb_00001fus 10.2210/pdb1fus/pdb 
WWPDB D_1000173430 ?            ?                   
# 
loop_
_pdbx_audit_revision_history.ordinal 
_pdbx_audit_revision_history.data_content_type 
_pdbx_audit_revision_history.major_revision 
_pdbx_audit_revision_history.minor_revision 
_pdbx_audit_revision_history.revision_date 
1 'Structure model' 1 0 1993-10-31 
2 'Structure model' 1 1 2008-03-24 
3 'Structure model' 1 2 2011-07-13 
4 'Structure model' 1 3 2017-11-29 
5 'Structure model' 2 0 2019-12-25 
6 'Structure model' 2 1 2024-11-06 
# 
_pdbx_audit_revision_details.ordinal             1 
_pdbx_audit_revision_details.revision_ordinal    1 
_pdbx_audit_revision_details.data_content_type   'Structure model' 
_pdbx_audit_revision_details.provider            repository 
_pdbx_audit_revision_details.type                'Initial release' 
_pdbx_audit_revision_details.description         ? 
_pdbx_audit_revision_details.details             ? 
# 
loop_
_pdbx_audit_revision_group.ordinal 
_pdbx_audit_revision_group.revision_ordinal 
_pdbx_audit_revision_group.data_content_type 
_pdbx_audit_revision_group.group 
1  2 'Structure model' 'Version format compliance' 
2  3 'Structure model' 'Version format compliance' 
3  4 'Structure model' 'Derived calculations'      
4  4 'Structure model' Other                       
5  5 'Structure model' 'Database references'       
6  5 'Structure model' 'Derived calculations'      
7  5 'Structure model' 'Polymer sequence'          
8  6 'Structure model' 'Data collection'           
9  6 'Structure model' 'Database references'       
10 6 'Structure model' 'Structure summary'         
# 
loop_
_pdbx_audit_revision_category.ordinal 
_pdbx_audit_revision_category.revision_ordinal 
_pdbx_audit_revision_category.data_content_type 
_pdbx_audit_revision_category.category 
1  4 'Structure model' pdbx_database_status      
2  4 'Structure model' struct_conf               
3  4 'Structure model' struct_conf_type          
4  5 'Structure model' entity_poly               
5  5 'Structure model' pdbx_struct_mod_residue   
6  5 'Structure model' struct_conn               
7  5 'Structure model' struct_ref_seq_dif        
8  6 'Structure model' chem_comp_atom            
9  6 'Structure model' chem_comp_bond            
10 6 'Structure model' database_2                
11 6 'Structure model' pdbx_entry_details        
12 6 'Structure model' pdbx_modification_feature 
# 
loop_
_pdbx_audit_revision_item.ordinal 
_pdbx_audit_revision_item.revision_ordinal 
_pdbx_audit_revision_item.data_content_type 
_pdbx_audit_revision_item.item 
1 4 'Structure model' '_pdbx_database_status.process_site'           
2 5 'Structure model' '_entity_poly.pdbx_seq_one_letter_code_can'    
3 5 'Structure model' '_pdbx_struct_mod_residue.parent_comp_id'      
4 5 'Structure model' '_struct_conn.pdbx_leaving_atom_flag'          
5 5 'Structure model' '_struct_ref_seq_dif.details'                  
6 6 'Structure model' '_database_2.pdbx_DOI'                         
7 6 'Structure model' '_database_2.pdbx_database_accession'          
8 6 'Structure model' '_pdbx_entry_details.has_protein_modification' 
# 
_pdbx_database_status.status_code                     REL 
_pdbx_database_status.entry_id                        1FUS 
_pdbx_database_status.recvd_initial_deposition_date   1993-01-18 
_pdbx_database_status.deposit_site                    ? 
_pdbx_database_status.process_site                    BNL 
_pdbx_database_status.SG_entry                        . 
_pdbx_database_status.pdb_format_compatible           Y 
_pdbx_database_status.status_code_mr                  ? 
_pdbx_database_status.status_code_sf                  ? 
_pdbx_database_status.status_code_cs                  ? 
_pdbx_database_status.methods_development_category    ? 
_pdbx_database_status.status_code_nmr_data            ? 
# 
loop_
_audit_author.name 
_audit_author.pdbx_ordinal 
'Katayanagi, K.'  1 
'Vassylyev, D.G.' 2 
'Ishikawa, K.'    3 
'Morikawa, K.'    4 
# 
_citation.id                        primary 
_citation.title                     
;Crystal structures of ribonuclease F1 of Fusarium moniliforme in its free form and in complex with 2'GMP.
;
_citation.journal_abbrev            J.Mol.Biol. 
_citation.journal_volume            230 
_citation.page_first                979 
_citation.page_last                 996 
_citation.year                      1993 
_citation.journal_id_ASTM           JMOBAK 
_citation.country                   UK 
_citation.journal_id_ISSN           0022-2836 
_citation.journal_id_CSD            0070 
_citation.book_publisher            ? 
_citation.pdbx_database_id_PubMed   8386773 
_citation.pdbx_database_id_DOI      10.1006/jmbi.1993.1214 
# 
loop_
_citation_author.citation_id 
_citation_author.name 
_citation_author.ordinal 
_citation_author.identifier_ORCID 
primary 'Vassylyev, D.G.'      1  ? 
primary 'Katayanagi, K.'       2  ? 
primary 'Ishikawa, K.'         3  ? 
primary 'Tsujimoto-Hirano, M.' 4  ? 
primary 'Danno, M.'            5  ? 
primary 'Pahler, A.'           6  ? 
primary 'Matsumoto, O.'        7  ? 
primary 'Matsushima, M.'       8  ? 
primary 'Yoshida, H.'          9  ? 
primary 'Morikawa, K.'         10 ? 
# 
loop_
_entity.id 
_entity.type 
_entity.src_method 
_entity.pdbx_description 
_entity.formula_weight 
_entity.pdbx_number_of_molecules 
_entity.pdbx_ec 
_entity.pdbx_mutation 
_entity.pdbx_fragment 
_entity.details 
1 polymer man 'RIBONUCLEASE F1' 10989.544 1   3.1.27.3 ? ? ? 
2 water   nat water             18.015    107 ?        ? ? ? 
# 
_entity_poly.entity_id                      1 
_entity_poly.type                           'polypeptide(L)' 
_entity_poly.nstd_linkage                   no 
_entity_poly.nstd_monomer                   yes 
_entity_poly.pdbx_seq_one_letter_code       
;(PCA)SATTCGSTNYSASQVRAAANAACQYYQNDDTAGSSTYPHTYNNYEGFDFPVDGPYQEFPIKSGGVYTGGSPGADR
VVINTNCEYAGAITHTGASGNNFVGCSGTN
;
_entity_poly.pdbx_seq_one_letter_code_can   
;QSATTCGSTNYSASQVRAAANAACQYYQNDDTAGSSTYPHTYNNYEGFDFPVDGPYQEFPIKSGGVYTGGSPGADRVVIN
TNCEYAGAITHTGASGNNFVGCSGTN
;
_entity_poly.pdbx_strand_id                 A 
_entity_poly.pdbx_target_identifier         ? 
# 
_pdbx_entity_nonpoly.entity_id   2 
_pdbx_entity_nonpoly.name        water 
_pdbx_entity_nonpoly.comp_id     HOH 
# 
loop_
_entity_poly_seq.entity_id 
_entity_poly_seq.num 
_entity_poly_seq.mon_id 
_entity_poly_seq.hetero 
1 1   PCA n 
1 2   SER n 
1 3   ALA n 
1 4   THR n 
1 5   THR n 
1 6   CYS n 
1 7   GLY n 
1 8   SER n 
1 9   THR n 
1 10  ASN n 
1 11  TYR n 
1 12  SER n 
1 13  ALA n 
1 14  SER n 
1 15  GLN n 
1 16  VAL n 
1 17  ARG n 
1 18  ALA n 
1 19  ALA n 
1 20  ALA n 
1 21  ASN n 
1 22  ALA n 
1 23  ALA n 
1 24  CYS n 
1 25  GLN n 
1 26  TYR n 
1 27  TYR n 
1 28  GLN n 
1 29  ASN n 
1 30  ASP n 
1 31  ASP n 
1 32  THR n 
1 33  ALA n 
1 34  GLY n 
1 35  SER n 
1 36  SER n 
1 37  THR n 
1 38  TYR n 
1 39  PRO n 
1 40  HIS n 
1 41  THR n 
1 42  TYR n 
1 43  ASN n 
1 44  ASN n 
1 45  TYR n 
1 46  GLU n 
1 47  GLY n 
1 48  PHE n 
1 49  ASP n 
1 50  PHE n 
1 51  PRO n 
1 52  VAL n 
1 53  ASP n 
1 54  GLY n 
1 55  PRO n 
1 56  TYR n 
1 57  GLN n 
1 58  GLU n 
1 59  PHE n 
1 60  PRO n 
1 61  ILE n 
1 62  LYS n 
1 63  SER n 
1 64  GLY n 
1 65  GLY n 
1 66  VAL n 
1 67  TYR n 
1 68  THR n 
1 69  GLY n 
1 70  GLY n 
1 71  SER n 
1 72  PRO n 
1 73  GLY n 
1 74  ALA n 
1 75  ASP n 
1 76  ARG n 
1 77  VAL n 
1 78  VAL n 
1 79  ILE n 
1 80  ASN n 
1 81  THR n 
1 82  ASN n 
1 83  CYS n 
1 84  GLU n 
1 85  TYR n 
1 86  ALA n 
1 87  GLY n 
1 88  ALA n 
1 89  ILE n 
1 90  THR n 
1 91  HIS n 
1 92  THR n 
1 93  GLY n 
1 94  ALA n 
1 95  SER n 
1 96  GLY n 
1 97  ASN n 
1 98  ASN n 
1 99  PHE n 
1 100 VAL n 
1 101 GLY n 
1 102 CYS n 
1 103 SER n 
1 104 GLY n 
1 105 THR n 
1 106 ASN n 
# 
_entity_src_gen.entity_id                          1 
_entity_src_gen.pdbx_src_id                        1 
_entity_src_gen.pdbx_alt_source_flag               sample 
_entity_src_gen.pdbx_seq_type                      ? 
_entity_src_gen.pdbx_beg_seq_num                   ? 
_entity_src_gen.pdbx_end_seq_num                   ? 
_entity_src_gen.gene_src_common_name               ? 
_entity_src_gen.gene_src_genus                     Gibberella 
_entity_src_gen.pdbx_gene_src_gene                 ? 
_entity_src_gen.gene_src_species                   ? 
_entity_src_gen.gene_src_strain                    ? 
_entity_src_gen.gene_src_tissue                    ? 
_entity_src_gen.gene_src_tissue_fraction           ? 
_entity_src_gen.gene_src_details                   ? 
_entity_src_gen.pdbx_gene_src_fragment             ? 
_entity_src_gen.pdbx_gene_src_scientific_name      'Gibberella fujikuroi' 
_entity_src_gen.pdbx_gene_src_ncbi_taxonomy_id     5127 
_entity_src_gen.pdbx_gene_src_variant              ? 
_entity_src_gen.pdbx_gene_src_cell_line            ? 
_entity_src_gen.pdbx_gene_src_atcc                 ? 
_entity_src_gen.pdbx_gene_src_organ                ? 
_entity_src_gen.pdbx_gene_src_organelle            ? 
_entity_src_gen.pdbx_gene_src_cell                 ? 
_entity_src_gen.pdbx_gene_src_cellular_location    ? 
_entity_src_gen.host_org_common_name               ? 
_entity_src_gen.pdbx_host_org_scientific_name      ? 
_entity_src_gen.pdbx_host_org_ncbi_taxonomy_id     ? 
_entity_src_gen.host_org_genus                     ? 
_entity_src_gen.pdbx_host_org_gene                 ? 
_entity_src_gen.pdbx_host_org_organ                ? 
_entity_src_gen.host_org_species                   ? 
_entity_src_gen.pdbx_host_org_tissue               ? 
_entity_src_gen.pdbx_host_org_tissue_fraction      ? 
_entity_src_gen.pdbx_host_org_strain               ? 
_entity_src_gen.pdbx_host_org_variant              ? 
_entity_src_gen.pdbx_host_org_cell_line            ? 
_entity_src_gen.pdbx_host_org_atcc                 ? 
_entity_src_gen.pdbx_host_org_culture_collection   ? 
_entity_src_gen.pdbx_host_org_cell                 ? 
_entity_src_gen.pdbx_host_org_organelle            ? 
_entity_src_gen.pdbx_host_org_cellular_location    ? 
_entity_src_gen.pdbx_host_org_vector_type          ? 
_entity_src_gen.pdbx_host_org_vector               ? 
_entity_src_gen.host_org_details                   ? 
_entity_src_gen.expression_system_id               ? 
_entity_src_gen.plasmid_name                       ? 
_entity_src_gen.plasmid_details                    ? 
_entity_src_gen.pdbx_description                   ? 
# 
loop_
_chem_comp.id 
_chem_comp.type 
_chem_comp.mon_nstd_flag 
_chem_comp.name 
_chem_comp.pdbx_synonyms 
_chem_comp.formula 
_chem_comp.formula_weight 
ALA 'L-peptide linking' y ALANINE             ? 'C3 H7 N O2'     89.093  
ARG 'L-peptide linking' y ARGININE            ? 'C6 H15 N4 O2 1' 175.209 
ASN 'L-peptide linking' y ASPARAGINE          ? 'C4 H8 N2 O3'    132.118 
ASP 'L-peptide linking' y 'ASPARTIC ACID'     ? 'C4 H7 N O4'     133.103 
CYS 'L-peptide linking' y CYSTEINE            ? 'C3 H7 N O2 S'   121.158 
GLN 'L-peptide linking' y GLUTAMINE           ? 'C5 H10 N2 O3'   146.144 
GLU 'L-peptide linking' y 'GLUTAMIC ACID'     ? 'C5 H9 N O4'     147.129 
GLY 'peptide linking'   y GLYCINE             ? 'C2 H5 N O2'     75.067  
HIS 'L-peptide linking' y HISTIDINE           ? 'C6 H10 N3 O2 1' 156.162 
HOH non-polymer         . WATER               ? 'H2 O'           18.015  
ILE 'L-peptide linking' y ISOLEUCINE          ? 'C6 H13 N O2'    131.173 
LYS 'L-peptide linking' y LYSINE              ? 'C6 H15 N2 O2 1' 147.195 
PCA 'L-peptide linking' n 'PYROGLUTAMIC ACID' ? 'C5 H7 N O3'     129.114 
PHE 'L-peptide linking' y PHENYLALANINE       ? 'C9 H11 N O2'    165.189 
PRO 'L-peptide linking' y PROLINE             ? 'C5 H9 N O2'     115.130 
SER 'L-peptide linking' y SERINE              ? 'C3 H7 N O3'     105.093 
THR 'L-peptide linking' y THREONINE           ? 'C4 H9 N O3'     119.119 
TYR 'L-peptide linking' y TYROSINE            ? 'C9 H11 N O3'    181.189 
VAL 'L-peptide linking' y VALINE              ? 'C5 H11 N O2'    117.146 
# 
loop_
_pdbx_poly_seq_scheme.asym_id 
_pdbx_poly_seq_scheme.entity_id 
_pdbx_poly_seq_scheme.seq_id 
_pdbx_poly_seq_scheme.mon_id 
_pdbx_poly_seq_scheme.ndb_seq_num 
_pdbx_poly_seq_scheme.pdb_seq_num 
_pdbx_poly_seq_scheme.auth_seq_num 
_pdbx_poly_seq_scheme.pdb_mon_id 
_pdbx_poly_seq_scheme.auth_mon_id 
_pdbx_poly_seq_scheme.pdb_strand_id 
_pdbx_poly_seq_scheme.pdb_ins_code 
_pdbx_poly_seq_scheme.hetero 
A 1 1   PCA 1   1   1   PCA PCA A . n 
A 1 2   SER 2   2   2   SER SER A . n 
A 1 3   ALA 3   3   3   ALA ALA A . n 
A 1 4   THR 4   4   4   THR THR A . n 
A 1 5   THR 5   5   5   THR THR A . n 
A 1 6   CYS 6   6   6   CYS CYS A . n 
A 1 7   GLY 7   7   7   GLY GLY A . n 
A 1 8   SER 8   8   8   SER SER A . n 
A 1 9   THR 9   9   9   THR THR A . n 
A 1 10  ASN 10  10  10  ASN ASN A . n 
A 1 11  TYR 11  11  11  TYR TYR A . n 
A 1 12  SER 12  12  12  SER SER A . n 
A 1 13  ALA 13  13  13  ALA ALA A . n 
A 1 14  SER 14  14  14  SER SER A . n 
A 1 15  GLN 15  15  15  GLN GLN A . n 
A 1 16  VAL 16  16  16  VAL VAL A . n 
A 1 17  ARG 17  17  17  ARG ARG A . n 
A 1 18  ALA 18  18  18  ALA ALA A . n 
A 1 19  ALA 19  19  19  ALA ALA A . n 
A 1 20  ALA 20  20  20  ALA ALA A . n 
A 1 21  ASN 21  21  21  ASN ASN A . n 
A 1 22  ALA 22  22  22  ALA ALA A . n 
A 1 23  ALA 23  23  23  ALA ALA A . n 
A 1 24  CYS 24  24  24  CYS CYS A . n 
A 1 25  GLN 25  25  25  GLN GLN A . n 
A 1 26  TYR 26  26  26  TYR TYR A . n 
A 1 27  TYR 27  27  27  TYR TYR A . n 
A 1 28  GLN 28  28  28  GLN GLN A . n 
A 1 29  ASN 29  29  29  ASN ASN A . n 
A 1 30  ASP 30  30  30  ASP ASP A . n 
A 1 31  ASP 31  31  31  ASP ASP A . n 
A 1 32  THR 32  32  32  THR THR A . n 
A 1 33  ALA 33  33  33  ALA ALA A . n 
A 1 34  GLY 34  34  34  GLY GLY A . n 
A 1 35  SER 35  35  35  SER SER A . n 
A 1 36  SER 36  36  36  SER SER A . n 
A 1 37  THR 37  37  37  THR THR A . n 
A 1 38  TYR 38  38  38  TYR TYR A . n 
A 1 39  PRO 39  39  39  PRO PRO A . n 
A 1 40  HIS 40  40  40  HIS HIS A . n 
A 1 41  THR 41  41  41  THR THR A . n 
A 1 42  TYR 42  42  42  TYR TYR A . n 
A 1 43  ASN 43  43  43  ASN ASN A . n 
A 1 44  ASN 44  44  44  ASN ASN A . n 
A 1 45  TYR 45  45  45  TYR TYR A . n 
A 1 46  GLU 46  46  46  GLU GLU A . n 
A 1 47  GLY 47  47  47  GLY GLY A . n 
A 1 48  PHE 48  48  48  PHE PHE A . n 
A 1 49  ASP 49  49  49  ASP ASP A . n 
A 1 50  PHE 50  50  50  PHE PHE A . n 
A 1 51  PRO 51  51  51  PRO PRO A . n 
A 1 52  VAL 52  52  52  VAL VAL A . n 
A 1 53  ASP 53  53  53  ASP ASP A . n 
A 1 54  GLY 54  54  54  GLY GLY A . n 
A 1 55  PRO 55  55  55  PRO PRO A . n 
A 1 56  TYR 56  56  56  TYR TYR A . n 
A 1 57  GLN 57  57  57  GLN GLN A . n 
A 1 58  GLU 58  58  58  GLU GLU A . n 
A 1 59  PHE 59  59  59  PHE PHE A . n 
A 1 60  PRO 60  60  60  PRO PRO A . n 
A 1 61  ILE 61  61  61  ILE ILE A . n 
A 1 62  LYS 62  62  62  LYS LYS A . n 
A 1 63  SER 63  63  63  SER SER A . n 
A 1 64  GLY 64  64  64  GLY GLY A . n 
A 1 65  GLY 65  65  65  GLY GLY A . n 
A 1 66  VAL 66  67  67  VAL VAL A . n 
A 1 67  TYR 67  68  68  TYR TYR A . n 
A 1 68  THR 68  69  69  THR THR A . n 
A 1 69  GLY 69  70  70  GLY GLY A . n 
A 1 70  GLY 70  71  71  GLY GLY A . n 
A 1 71  SER 71  72  72  SER SER A . n 
A 1 72  PRO 72  73  73  PRO PRO A . n 
A 1 73  GLY 73  74  74  GLY GLY A . n 
A 1 74  ALA 74  75  75  ALA ALA A . n 
A 1 75  ASP 75  76  76  ASP ASP A . n 
A 1 76  ARG 76  77  77  ARG ARG A . n 
A 1 77  VAL 77  78  78  VAL VAL A . n 
A 1 78  VAL 78  79  79  VAL VAL A . n 
A 1 79  ILE 79  80  80  ILE ILE A . n 
A 1 80  ASN 80  81  81  ASN ASN A . n 
A 1 81  THR 81  82  82  THR THR A . n 
A 1 82  ASN 82  83  83  ASN ASN A . n 
A 1 83  CYS 83  84  84  CYS CYS A . n 
A 1 84  GLU 84  85  85  GLU GLU A . n 
A 1 85  TYR 85  86  86  TYR TYR A . n 
A 1 86  ALA 86  87  87  ALA ALA A . n 
A 1 87  GLY 87  88  88  GLY GLY A . n 
A 1 88  ALA 88  89  89  ALA ALA A . n 
A 1 89  ILE 89  90  90  ILE ILE A . n 
A 1 90  THR 90  91  91  THR THR A . n 
A 1 91  HIS 91  92  92  HIS HIS A . n 
A 1 92  THR 92  93  93  THR THR A . n 
A 1 93  GLY 93  94  94  GLY GLY A . n 
A 1 94  ALA 94  95  95  ALA ALA A . n 
A 1 95  SER 95  96  96  SER SER A . n 
A 1 96  GLY 96  97  97  GLY GLY A . n 
A 1 97  ASN 97  98  98  ASN ASN A . n 
A 1 98  ASN 98  99  99  ASN ASN A . n 
A 1 99  PHE 99  100 100 PHE PHE A . n 
A 1 100 VAL 100 101 101 VAL VAL A . n 
A 1 101 GLY 101 102 102 GLY GLY A . n 
A 1 102 CYS 102 103 103 CYS CYS A . n 
A 1 103 SER 103 104 104 SER SER A . n 
A 1 104 GLY 104 105 105 GLY GLY A . n 
A 1 105 THR 105 106 106 THR THR A . n 
A 1 106 ASN 106 107 107 ASN ASN A . n 
# 
loop_
_pdbx_nonpoly_scheme.asym_id 
_pdbx_nonpoly_scheme.entity_id 
_pdbx_nonpoly_scheme.mon_id 
_pdbx_nonpoly_scheme.ndb_seq_num 
_pdbx_nonpoly_scheme.pdb_seq_num 
_pdbx_nonpoly_scheme.auth_seq_num 
_pdbx_nonpoly_scheme.pdb_mon_id 
_pdbx_nonpoly_scheme.auth_mon_id 
_pdbx_nonpoly_scheme.pdb_strand_id 
_pdbx_nonpoly_scheme.pdb_ins_code 
B 2 HOH 1   108 108 HOH HOH A . 
B 2 HOH 2   109 109 HOH HOH A . 
B 2 HOH 3   110 110 HOH HOH A . 
B 2 HOH 4   111 111 HOH HOH A . 
B 2 HOH 5   112 112 HOH HOH A . 
B 2 HOH 6   113 113 HOH HOH A . 
B 2 HOH 7   114 114 HOH HOH A . 
B 2 HOH 8   115 115 HOH HOH A . 
B 2 HOH 9   116 116 HOH HOH A . 
B 2 HOH 10  117 117 HOH HOH A . 
B 2 HOH 11  118 118 HOH HOH A . 
B 2 HOH 12  119 119 HOH HOH A . 
B 2 HOH 13  120 120 HOH HOH A . 
B 2 HOH 14  121 121 HOH HOH A . 
B 2 HOH 15  122 122 HOH HOH A . 
B 2 HOH 16  123 123 HOH HOH A . 
B 2 HOH 17  124 124 HOH HOH A . 
B 2 HOH 18  125 125 HOH HOH A . 
B 2 HOH 19  126 126 HOH HOH A . 
B 2 HOH 20  127 127 HOH HOH A . 
B 2 HOH 21  128 128 HOH HOH A . 
B 2 HOH 22  129 129 HOH HOH A . 
B 2 HOH 23  130 130 HOH HOH A . 
B 2 HOH 24  131 131 HOH HOH A . 
B 2 HOH 25  132 132 HOH HOH A . 
B 2 HOH 26  133 133 HOH HOH A . 
B 2 HOH 27  134 134 HOH HOH A . 
B 2 HOH 28  135 135 HOH HOH A . 
B 2 HOH 29  136 136 HOH HOH A . 
B 2 HOH 30  137 137 HOH HOH A . 
B 2 HOH 31  138 138 HOH HOH A . 
B 2 HOH 32  139 139 HOH HOH A . 
B 2 HOH 33  140 140 HOH HOH A . 
B 2 HOH 34  141 141 HOH HOH A . 
B 2 HOH 35  142 142 HOH HOH A . 
B 2 HOH 36  143 143 HOH HOH A . 
B 2 HOH 37  144 144 HOH HOH A . 
B 2 HOH 38  145 145 HOH HOH A . 
B 2 HOH 39  146 146 HOH HOH A . 
B 2 HOH 40  147 147 HOH HOH A . 
B 2 HOH 41  148 148 HOH HOH A . 
B 2 HOH 42  149 149 HOH HOH A . 
B 2 HOH 43  150 150 HOH HOH A . 
B 2 HOH 44  151 151 HOH HOH A . 
B 2 HOH 45  152 152 HOH HOH A . 
B 2 HOH 46  153 153 HOH HOH A . 
B 2 HOH 47  154 154 HOH HOH A . 
B 2 HOH 48  155 155 HOH HOH A . 
B 2 HOH 49  156 156 HOH HOH A . 
B 2 HOH 50  157 157 HOH HOH A . 
B 2 HOH 51  158 158 HOH HOH A . 
B 2 HOH 52  159 159 HOH HOH A . 
B 2 HOH 53  160 160 HOH HOH A . 
B 2 HOH 54  161 161 HOH HOH A . 
B 2 HOH 55  162 162 HOH HOH A . 
B 2 HOH 56  163 163 HOH HOH A . 
B 2 HOH 57  164 164 HOH HOH A . 
B 2 HOH 58  165 165 HOH HOH A . 
B 2 HOH 59  166 166 HOH HOH A . 
B 2 HOH 60  167 167 HOH HOH A . 
B 2 HOH 61  168 168 HOH HOH A . 
B 2 HOH 62  169 169 HOH HOH A . 
B 2 HOH 63  170 170 HOH HOH A . 
B 2 HOH 64  171 171 HOH HOH A . 
B 2 HOH 65  172 172 HOH HOH A . 
B 2 HOH 66  173 173 HOH HOH A . 
B 2 HOH 67  174 174 HOH HOH A . 
B 2 HOH 68  175 175 HOH HOH A . 
B 2 HOH 69  176 176 HOH HOH A . 
B 2 HOH 70  177 177 HOH HOH A . 
B 2 HOH 71  178 178 HOH HOH A . 
B 2 HOH 72  179 179 HOH HOH A . 
B 2 HOH 73  180 180 HOH HOH A . 
B 2 HOH 74  181 181 HOH HOH A . 
B 2 HOH 75  182 182 HOH HOH A . 
B 2 HOH 76  183 183 HOH HOH A . 
B 2 HOH 77  184 184 HOH HOH A . 
B 2 HOH 78  185 185 HOH HOH A . 
B 2 HOH 79  186 186 HOH HOH A . 
B 2 HOH 80  187 187 HOH HOH A . 
B 2 HOH 81  188 188 HOH HOH A . 
B 2 HOH 82  189 189 HOH HOH A . 
B 2 HOH 83  190 190 HOH HOH A . 
B 2 HOH 84  191 191 HOH HOH A . 
B 2 HOH 85  192 192 HOH HOH A . 
B 2 HOH 86  193 193 HOH HOH A . 
B 2 HOH 87  194 194 HOH HOH A . 
B 2 HOH 88  195 195 HOH HOH A . 
B 2 HOH 89  196 196 HOH HOH A . 
B 2 HOH 90  197 197 HOH HOH A . 
B 2 HOH 91  198 198 HOH HOH A . 
B 2 HOH 92  199 199 HOH HOH A . 
B 2 HOH 93  200 200 HOH HOH A . 
B 2 HOH 94  201 201 HOH HOH A . 
B 2 HOH 95  202 202 HOH HOH A . 
B 2 HOH 96  203 203 HOH HOH A . 
B 2 HOH 97  204 204 HOH HOH A . 
B 2 HOH 98  205 205 HOH HOH A . 
B 2 HOH 99  206 206 HOH HOH A . 
B 2 HOH 100 207 207 HOH HOH A . 
B 2 HOH 101 208 208 HOH HOH A . 
B 2 HOH 102 209 209 HOH HOH A . 
B 2 HOH 103 210 210 HOH HOH A . 
B 2 HOH 104 211 211 HOH HOH A . 
B 2 HOH 105 212 212 HOH HOH A . 
B 2 HOH 106 213 213 HOH HOH A . 
B 2 HOH 107 214 214 HOH HOH A . 
# 
_software.name             PROLSQ 
_software.classification   refinement 
_software.version          . 
_software.citation_id      ? 
_software.pdbx_ordinal     1 
# 
_cell.entry_id           1FUS 
_cell.length_a           46.650 
_cell.length_b           56.260 
_cell.length_c           31.600 
_cell.angle_alpha        90.00 
_cell.angle_beta         90.00 
_cell.angle_gamma        90.00 
_cell.Z_PDB              4 
_cell.pdbx_unique_axis   ? 
# 
_symmetry.entry_id                         1FUS 
_symmetry.space_group_name_H-M             'P 21 21 21' 
_symmetry.pdbx_full_space_group_name_H-M   ? 
_symmetry.cell_setting                     ? 
_symmetry.Int_Tables_number                19 
# 
_exptl.entry_id          1FUS 
_exptl.method            'X-RAY DIFFRACTION' 
_exptl.crystals_number   ? 
# 
_exptl_crystal.id                    1 
_exptl_crystal.density_meas          ? 
_exptl_crystal.density_Matthews      1.89 
_exptl_crystal.density_percent_sol   34.78 
_exptl_crystal.description           ? 
# 
_diffrn.id                     1 
_diffrn.ambient_temp           ? 
_diffrn.ambient_temp_details   ? 
_diffrn.crystal_id             1 
# 
_diffrn_radiation.diffrn_id                        1 
_diffrn_radiation.wavelength_id                    1 
_diffrn_radiation.pdbx_monochromatic_or_laue_m_l   ? 
_diffrn_radiation.monochromator                    ? 
_diffrn_radiation.pdbx_diffrn_protocol             ? 
_diffrn_radiation.pdbx_scattering_type             x-ray 
# 
_diffrn_radiation_wavelength.id           1 
_diffrn_radiation_wavelength.wavelength   . 
_diffrn_radiation_wavelength.wt           1.0 
# 
_refine.entry_id                                 1FUS 
_refine.ls_number_reflns_obs                     ? 
_refine.ls_number_reflns_all                     ? 
_refine.pdbx_ls_sigma_I                          ? 
_refine.pdbx_ls_sigma_F                          1.0 
_refine.pdbx_data_cutoff_high_absF               ? 
_refine.pdbx_data_cutoff_low_absF                ? 
_refine.pdbx_data_cutoff_high_rms_absF           ? 
_refine.ls_d_res_low                             8.0 
_refine.ls_d_res_high                            1.3 
_refine.ls_percent_reflns_obs                    ? 
_refine.ls_R_factor_obs                          0.187 
_refine.ls_R_factor_all                          ? 
_refine.ls_R_factor_R_work                       ? 
_refine.ls_R_factor_R_free                       ? 
_refine.ls_R_factor_R_free_error                 ? 
_refine.ls_R_factor_R_free_error_details         ? 
_refine.ls_percent_reflns_R_free                 ? 
_refine.ls_number_reflns_R_free                  ? 
_refine.ls_number_parameters                     ? 
_refine.ls_number_restraints                     ? 
_refine.occupancy_min                            ? 
_refine.occupancy_max                            ? 
_refine.B_iso_mean                               ? 
_refine.aniso_B[1][1]                            ? 
_refine.aniso_B[2][2]                            ? 
_refine.aniso_B[3][3]                            ? 
_refine.aniso_B[1][2]                            ? 
_refine.aniso_B[1][3]                            ? 
_refine.aniso_B[2][3]                            ? 
_refine.solvent_model_details                    ? 
_refine.solvent_model_param_ksol                 ? 
_refine.solvent_model_param_bsol                 ? 
_refine.pdbx_ls_cross_valid_method               ? 
_refine.details                                  ? 
_refine.pdbx_starting_model                      ? 
_refine.pdbx_method_to_determine_struct          ? 
_refine.pdbx_isotropic_thermal_model             ? 
_refine.pdbx_stereochemistry_target_values       ? 
_refine.pdbx_stereochem_target_val_spec_case     ? 
_refine.pdbx_R_Free_selection_details            ? 
_refine.pdbx_overall_ESU_R                       ? 
_refine.pdbx_overall_ESU_R_Free                  ? 
_refine.overall_SU_ML                            ? 
_refine.overall_SU_B                             ? 
_refine.pdbx_refine_id                           'X-RAY DIFFRACTION' 
_refine.pdbx_diffrn_id                           1 
_refine.pdbx_TLS_residual_ADP_flag               ? 
_refine.correlation_coeff_Fo_to_Fc               ? 
_refine.correlation_coeff_Fo_to_Fc_free          ? 
_refine.pdbx_solvent_vdw_probe_radii             ? 
_refine.pdbx_solvent_ion_probe_radii             ? 
_refine.pdbx_solvent_shrinkage_radii             ? 
_refine.pdbx_overall_phase_error                 ? 
_refine.overall_SU_R_Cruickshank_DPI             ? 
_refine.pdbx_overall_SU_R_free_Cruickshank_DPI   ? 
_refine.pdbx_overall_SU_R_Blow_DPI               ? 
_refine.pdbx_overall_SU_R_free_Blow_DPI          ? 
# 
_refine_hist.pdbx_refine_id                   'X-RAY DIFFRACTION' 
_refine_hist.cycle_id                         LAST 
_refine_hist.pdbx_number_atoms_protein        773 
_refine_hist.pdbx_number_atoms_nucleic_acid   0 
_refine_hist.pdbx_number_atoms_ligand         0 
_refine_hist.number_atoms_solvent             107 
_refine_hist.number_atoms_total               880 
_refine_hist.d_res_high                       1.3 
_refine_hist.d_res_low                        8.0 
# 
loop_
_refine_ls_restr.type 
_refine_ls_restr.dev_ideal 
_refine_ls_restr.dev_ideal_target 
_refine_ls_restr.weight 
_refine_ls_restr.number 
_refine_ls_restr.pdbx_refine_id 
_refine_ls_restr.pdbx_restraint_function 
p_bond_d            0.015 0.020 ? ? 'X-RAY DIFFRACTION' ? 
p_angle_d           0.033 0.030 ? ? 'X-RAY DIFFRACTION' ? 
p_angle_deg         ?     ?     ? ? 'X-RAY DIFFRACTION' ? 
p_planar_d          0.042 0.050 ? ? 'X-RAY DIFFRACTION' ? 
p_hb_or_metal_coord ?     ?     ? ? 'X-RAY DIFFRACTION' ? 
p_mcbond_it         1.023 1.500 ? ? 'X-RAY DIFFRACTION' ? 
p_mcangle_it        1.505 2.000 ? ? 'X-RAY DIFFRACTION' ? 
p_scbond_it         2.212 2.000 ? ? 'X-RAY DIFFRACTION' ? 
p_scangle_it        3.299 2.500 ? ? 'X-RAY DIFFRACTION' ? 
p_plane_restr       0.015 0.020 ? ? 'X-RAY DIFFRACTION' ? 
p_chiral_restr      0.151 0.150 ? ? 'X-RAY DIFFRACTION' ? 
p_singtor_nbd       0.144 0.300 ? ? 'X-RAY DIFFRACTION' ? 
p_multtor_nbd       0.164 0.300 ? ? 'X-RAY DIFFRACTION' ? 
p_xhyhbond_nbd      0.207 0.300 ? ? 'X-RAY DIFFRACTION' ? 
p_xyhbond_nbd       ?     ?     ? ? 'X-RAY DIFFRACTION' ? 
p_planar_tor        2.9   3.0   ? ? 'X-RAY DIFFRACTION' ? 
p_staggered_tor     15.7  15.0  ? ? 'X-RAY DIFFRACTION' ? 
p_orthonormal_tor   19.7  20.0  ? ? 'X-RAY DIFFRACTION' ? 
p_transverse_tor    ?     ?     ? ? 'X-RAY DIFFRACTION' ? 
p_special_tor       ?     ?     ? ? 'X-RAY DIFFRACTION' ? 
# 
_struct.entry_id                  1FUS 
_struct.title                     
;CRYSTAL STRUCTURES OF RIBONUCLEASE F1 OF FUSARIUM MONILIFORME IN ITS FREE FORM AND IN COMPLEX WITH 2'GMP
;
_struct.pdbx_model_details        ? 
_struct.pdbx_CASP_flag            ? 
_struct.pdbx_model_type_details   ? 
# 
_struct_keywords.entry_id        1FUS 
_struct_keywords.pdbx_keywords   'HYDROLASE(ENDORIBONUCLEASE)' 
_struct_keywords.text            'HYDROLASE(ENDORIBONUCLEASE)' 
# 
loop_
_struct_asym.id 
_struct_asym.pdbx_blank_PDB_chainid_flag 
_struct_asym.pdbx_modified 
_struct_asym.entity_id 
_struct_asym.details 
A N N 1 ? 
B N N 2 ? 
# 
_struct_ref.id                         1 
_struct_ref.db_name                    UNP 
_struct_ref.db_code                    RNF1_GIBFU 
_struct_ref.entity_id                  1 
_struct_ref.pdbx_db_accession          P10282 
_struct_ref.pdbx_align_begin           1 
_struct_ref.pdbx_seq_one_letter_code   
;QSATTCGSTNYSASQVRAAANAACQYYQNDDSAGSTTYPHTYNNYEGFDFPVDGPYQEFPIKSGGVYTGGSPGADRVVIN
TNCEYAGAITHTGASGNNFVGCSGTN
;
_struct_ref.pdbx_db_isoform            ? 
# 
_struct_ref_seq.align_id                      1 
_struct_ref_seq.ref_id                        1 
_struct_ref_seq.pdbx_PDB_id_code              1FUS 
_struct_ref_seq.pdbx_strand_id                A 
_struct_ref_seq.seq_align_beg                 2 
_struct_ref_seq.pdbx_seq_align_beg_ins_code   ? 
_struct_ref_seq.seq_align_end                 106 
_struct_ref_seq.pdbx_seq_align_end_ins_code   ? 
_struct_ref_seq.pdbx_db_accession             P10282 
_struct_ref_seq.db_align_beg                  2 
_struct_ref_seq.pdbx_db_align_beg_ins_code    ? 
_struct_ref_seq.db_align_end                  106 
_struct_ref_seq.pdbx_db_align_end_ins_code    ? 
_struct_ref_seq.pdbx_auth_seq_align_beg       2 
_struct_ref_seq.pdbx_auth_seq_align_end       107 
# 
loop_
_struct_ref_seq_dif.align_id 
_struct_ref_seq_dif.pdbx_pdb_id_code 
_struct_ref_seq_dif.mon_id 
_struct_ref_seq_dif.pdbx_pdb_strand_id 
_struct_ref_seq_dif.seq_num 
_struct_ref_seq_dif.pdbx_pdb_ins_code 
_struct_ref_seq_dif.pdbx_seq_db_name 
_struct_ref_seq_dif.pdbx_seq_db_accession_code 
_struct_ref_seq_dif.db_mon_id 
_struct_ref_seq_dif.pdbx_seq_db_seq_num 
_struct_ref_seq_dif.details 
_struct_ref_seq_dif.pdbx_auth_seq_num 
_struct_ref_seq_dif.pdbx_ordinal 
1 1FUS THR A 32 ? UNP P10282 SER 32 conflict 32 1 
1 1FUS SER A 36 ? UNP P10282 THR 36 conflict 36 2 
# 
_pdbx_struct_assembly.id                   1 
_pdbx_struct_assembly.details              author_defined_assembly 
_pdbx_struct_assembly.method_details       ? 
_pdbx_struct_assembly.oligomeric_details   monomeric 
_pdbx_struct_assembly.oligomeric_count     1 
# 
_pdbx_struct_assembly_gen.assembly_id       1 
_pdbx_struct_assembly_gen.oper_expression   1 
_pdbx_struct_assembly_gen.asym_id_list      A,B 
# 
_pdbx_struct_oper_list.id                   1 
_pdbx_struct_oper_list.type                 'identity operation' 
_pdbx_struct_oper_list.name                 1_555 
_pdbx_struct_oper_list.symmetry_operation   x,y,z 
_pdbx_struct_oper_list.matrix[1][1]         1.0000000000 
_pdbx_struct_oper_list.matrix[1][2]         0.0000000000 
_pdbx_struct_oper_list.matrix[1][3]         0.0000000000 
_pdbx_struct_oper_list.vector[1]            0.0000000000 
_pdbx_struct_oper_list.matrix[2][1]         0.0000000000 
_pdbx_struct_oper_list.matrix[2][2]         1.0000000000 
_pdbx_struct_oper_list.matrix[2][3]         0.0000000000 
_pdbx_struct_oper_list.vector[2]            0.0000000000 
_pdbx_struct_oper_list.matrix[3][1]         0.0000000000 
_pdbx_struct_oper_list.matrix[3][2]         0.0000000000 
_pdbx_struct_oper_list.matrix[3][3]         1.0000000000 
_pdbx_struct_oper_list.vector[3]            0.0000000000 
# 
_struct_biol.id   1 
# 
_struct_conf.conf_type_id            HELX_P 
_struct_conf.id                      HELX_P1 
_struct_conf.pdbx_PDB_helix_id       1 
_struct_conf.beg_label_comp_id       ALA 
_struct_conf.beg_label_asym_id       A 
_struct_conf.beg_label_seq_id        13 
_struct_conf.pdbx_beg_PDB_ins_code   ? 
_struct_conf.end_label_comp_id       GLN 
_struct_conf.end_label_asym_id       A 
_struct_conf.end_label_seq_id        28 
_struct_conf.pdbx_end_PDB_ins_code   ? 
_struct_conf.beg_auth_comp_id        ALA 
_struct_conf.beg_auth_asym_id        A 
_struct_conf.beg_auth_seq_id         13 
_struct_conf.end_auth_comp_id        GLN 
_struct_conf.end_auth_asym_id        A 
_struct_conf.end_auth_seq_id         28 
_struct_conf.pdbx_PDB_helix_class    1 
_struct_conf.details                 ? 
_struct_conf.pdbx_PDB_helix_length   16 
# 
_struct_conf_type.id          HELX_P 
_struct_conf_type.criteria    ? 
_struct_conf_type.reference   ? 
# 
loop_
_struct_conn.id 
_struct_conn.conn_type_id 
_struct_conn.pdbx_leaving_atom_flag 
_struct_conn.pdbx_PDB_id 
_struct_conn.ptnr1_label_asym_id 
_struct_conn.ptnr1_label_comp_id 
_struct_conn.ptnr1_label_seq_id 
_struct_conn.ptnr1_label_atom_id 
_struct_conn.pdbx_ptnr1_label_alt_id 
_struct_conn.pdbx_ptnr1_PDB_ins_code 
_struct_conn.pdbx_ptnr1_standard_comp_id 
_struct_conn.ptnr1_symmetry 
_struct_conn.ptnr2_label_asym_id 
_struct_conn.ptnr2_label_comp_id 
_struct_conn.ptnr2_label_seq_id 
_struct_conn.ptnr2_label_atom_id 
_struct_conn.pdbx_ptnr2_label_alt_id 
_struct_conn.pdbx_ptnr2_PDB_ins_code 
_struct_conn.ptnr1_auth_asym_id 
_struct_conn.ptnr1_auth_comp_id 
_struct_conn.ptnr1_auth_seq_id 
_struct_conn.ptnr2_auth_asym_id 
_struct_conn.ptnr2_auth_comp_id 
_struct_conn.ptnr2_auth_seq_id 
_struct_conn.ptnr2_symmetry 
_struct_conn.pdbx_ptnr3_label_atom_id 
_struct_conn.pdbx_ptnr3_label_seq_id 
_struct_conn.pdbx_ptnr3_label_comp_id 
_struct_conn.pdbx_ptnr3_label_asym_id 
_struct_conn.pdbx_ptnr3_label_alt_id 
_struct_conn.pdbx_ptnr3_PDB_ins_code 
_struct_conn.details 
_struct_conn.pdbx_dist_value 
_struct_conn.pdbx_value_order 
_struct_conn.pdbx_role 
disulf1 disulf ?    ? A CYS 6  SG ? ? ? 1_555 A CYS 102 SG ? ? A CYS 6  A CYS 103 1_555 ? ? ? ? ? ? ? 2.040 ? ? 
disulf2 disulf ?    ? A CYS 24 SG ? ? ? 1_555 A CYS 83  SG ? ? A CYS 24 A CYS 84  1_555 ? ? ? ? ? ? ? 2.055 ? ? 
covale1 covale both ? A PCA 1  C  ? ? ? 1_555 A SER 2   N  ? ? A PCA 1  A SER 2   1_555 ? ? ? ? ? ? ? 1.328 ? ? 
# 
loop_
_struct_conn_type.id 
_struct_conn_type.criteria 
_struct_conn_type.reference 
disulf ? ? 
covale ? ? 
# 
loop_
_pdbx_modification_feature.ordinal 
_pdbx_modification_feature.label_comp_id 
_pdbx_modification_feature.label_asym_id 
_pdbx_modification_feature.label_seq_id 
_pdbx_modification_feature.label_alt_id 
_pdbx_modification_feature.modified_residue_label_comp_id 
_pdbx_modification_feature.modified_residue_label_asym_id 
_pdbx_modification_feature.modified_residue_label_seq_id 
_pdbx_modification_feature.modified_residue_label_alt_id 
_pdbx_modification_feature.auth_comp_id 
_pdbx_modification_feature.auth_asym_id 
_pdbx_modification_feature.auth_seq_id 
_pdbx_modification_feature.PDB_ins_code 
_pdbx_modification_feature.symmetry 
_pdbx_modification_feature.modified_residue_auth_comp_id 
_pdbx_modification_feature.modified_residue_auth_asym_id 
_pdbx_modification_feature.modified_residue_auth_seq_id 
_pdbx_modification_feature.modified_residue_PDB_ins_code 
_pdbx_modification_feature.modified_residue_symmetry 
_pdbx_modification_feature.comp_id_linking_atom 
_pdbx_modification_feature.modified_residue_id_linking_atom 
_pdbx_modification_feature.modified_residue_id 
_pdbx_modification_feature.ref_pcm_id 
_pdbx_modification_feature.ref_comp_id 
_pdbx_modification_feature.type 
_pdbx_modification_feature.category 
1 PCA A 1  ? .   . .   . PCA A 1  ? 1_555 .   . .   . .     .  .  GLN 1 PCA 'Pyrrolidone carboxylic acid' 
'Named protein modification' 
2 CYS A 6  ? CYS A 102 ? CYS A 6  ? 1_555 CYS A 103 ? 1_555 SG SG .   . .   None                          'Disulfide bridge' 
3 CYS A 24 ? CYS A 83  ? CYS A 24 ? 1_555 CYS A 84  ? 1_555 SG SG .   . .   None                          'Disulfide bridge' 
# 
loop_
_struct_mon_prot_cis.pdbx_id 
_struct_mon_prot_cis.label_comp_id 
_struct_mon_prot_cis.label_seq_id 
_struct_mon_prot_cis.label_asym_id 
_struct_mon_prot_cis.label_alt_id 
_struct_mon_prot_cis.pdbx_PDB_ins_code 
_struct_mon_prot_cis.auth_comp_id 
_struct_mon_prot_cis.auth_seq_id 
_struct_mon_prot_cis.auth_asym_id 
_struct_mon_prot_cis.pdbx_label_comp_id_2 
_struct_mon_prot_cis.pdbx_label_seq_id_2 
_struct_mon_prot_cis.pdbx_label_asym_id_2 
_struct_mon_prot_cis.pdbx_PDB_ins_code_2 
_struct_mon_prot_cis.pdbx_auth_comp_id_2 
_struct_mon_prot_cis.pdbx_auth_seq_id_2 
_struct_mon_prot_cis.pdbx_auth_asym_id_2 
_struct_mon_prot_cis.pdbx_PDB_model_num 
_struct_mon_prot_cis.pdbx_omega_angle 
1 TYR 38 A . ? TYR 38 A PRO 39 A ? PRO 39 A 1 -4.75 
2 GLY 54 A . ? GLY 54 A PRO 55 A ? PRO 55 A 1 -0.36 
# 
loop_
_struct_sheet.id 
_struct_sheet.type 
_struct_sheet.number_strands 
_struct_sheet.details 
S1 ? 2 ? 
S2 ? 5 ? 
# 
loop_
_struct_sheet_order.sheet_id 
_struct_sheet_order.range_id_1 
_struct_sheet_order.range_id_2 
_struct_sheet_order.offset 
_struct_sheet_order.sense 
S1 1 2 ? anti-parallel 
S2 1 2 ? anti-parallel 
S2 2 3 ? anti-parallel 
S2 3 4 ? anti-parallel 
S2 4 5 ? anti-parallel 
# 
loop_
_struct_sheet_range.sheet_id 
_struct_sheet_range.id 
_struct_sheet_range.beg_label_comp_id 
_struct_sheet_range.beg_label_asym_id 
_struct_sheet_range.beg_label_seq_id 
_struct_sheet_range.pdbx_beg_PDB_ins_code 
_struct_sheet_range.end_label_comp_id 
_struct_sheet_range.end_label_asym_id 
_struct_sheet_range.end_label_seq_id 
_struct_sheet_range.pdbx_end_PDB_ins_code 
_struct_sheet_range.beg_auth_comp_id 
_struct_sheet_range.beg_auth_asym_id 
_struct_sheet_range.beg_auth_seq_id 
_struct_sheet_range.end_auth_comp_id 
_struct_sheet_range.end_auth_asym_id 
_struct_sheet_range.end_auth_seq_id 
S1 1 ALA A 3   ? CYS A 6   ? ALA A 3   CYS A 6   
S1 2 THR A 9   ? SER A 12  ? THR A 9   SER A 12  
S2 1 TYR A 38  ? TYR A 42  ? TYR A 38  TYR A 42  
S2 2 ASP A 53  ? LYS A 62  ? ASP A 53  LYS A 62  
S2 3 ASP A 75  ? THR A 81  ? ASP A 76  THR A 82  
S2 4 GLY A 87  ? THR A 90  ? GLY A 88  THR A 91  
S2 5 VAL A 100 ? CYS A 102 ? VAL A 101 CYS A 103 
# 
loop_
_pdbx_struct_sheet_hbond.sheet_id 
_pdbx_struct_sheet_hbond.range_id_1 
_pdbx_struct_sheet_hbond.range_id_2 
_pdbx_struct_sheet_hbond.range_1_label_atom_id 
_pdbx_struct_sheet_hbond.range_1_label_comp_id 
_pdbx_struct_sheet_hbond.range_1_label_asym_id 
_pdbx_struct_sheet_hbond.range_1_label_seq_id 
_pdbx_struct_sheet_hbond.range_1_PDB_ins_code 
_pdbx_struct_sheet_hbond.range_1_auth_atom_id 
_pdbx_struct_sheet_hbond.range_1_auth_comp_id 
_pdbx_struct_sheet_hbond.range_1_auth_asym_id 
_pdbx_struct_sheet_hbond.range_1_auth_seq_id 
_pdbx_struct_sheet_hbond.range_2_label_atom_id 
_pdbx_struct_sheet_hbond.range_2_label_comp_id 
_pdbx_struct_sheet_hbond.range_2_label_asym_id 
_pdbx_struct_sheet_hbond.range_2_label_seq_id 
_pdbx_struct_sheet_hbond.range_2_PDB_ins_code 
_pdbx_struct_sheet_hbond.range_2_auth_atom_id 
_pdbx_struct_sheet_hbond.range_2_auth_comp_id 
_pdbx_struct_sheet_hbond.range_2_auth_asym_id 
_pdbx_struct_sheet_hbond.range_2_auth_seq_id 
S1 1 2 N THR A 4  ? N THR A 4  O TYR A 11  ? O TYR A 11  
S2 1 2 N HIS A 40 ? N HIS A 40 O GLU A 58  ? O GLU A 58  
S2 2 3 O PRO A 55 ? O PRO A 55 N THR A 81  ? N THR A 82  
S2 3 4 N ARG A 76 ? N ARG A 77 O ILE A 89  ? O ILE A 90  
S2 4 5 O ALA A 88 ? O ALA A 89 N CYS A 102 ? N CYS A 103 
# 
_pdbx_entry_details.entry_id                   1FUS 
_pdbx_entry_details.compound_details           ? 
_pdbx_entry_details.source_details             ? 
_pdbx_entry_details.nonpolymer_details         ? 
_pdbx_entry_details.sequence_details           
;SEQUENCE ADVISORY NOTICE:
     DIFFERENCE BETWEEN SWISS-PROT AND PDB SEQUENCE.

     SWISS-PROT ENTRY NAME: RFN1_FUSMO

     SWISS-PROT RESIDUE      PDB SEQRES
       NAME   NUMBER         NAME  CHAIN  SEQ/INSERT CODE
       SER    32             THR          32
       THR    36             SER          36
;
_pdbx_entry_details.has_ligand_of_interest     ? 
_pdbx_entry_details.has_protein_modification   Y 
# 
loop_
_pdbx_validate_symm_contact.id 
_pdbx_validate_symm_contact.PDB_model_num 
_pdbx_validate_symm_contact.auth_atom_id_1 
_pdbx_validate_symm_contact.auth_asym_id_1 
_pdbx_validate_symm_contact.auth_comp_id_1 
_pdbx_validate_symm_contact.auth_seq_id_1 
_pdbx_validate_symm_contact.PDB_ins_code_1 
_pdbx_validate_symm_contact.label_alt_id_1 
_pdbx_validate_symm_contact.site_symmetry_1 
_pdbx_validate_symm_contact.auth_atom_id_2 
_pdbx_validate_symm_contact.auth_asym_id_2 
_pdbx_validate_symm_contact.auth_comp_id_2 
_pdbx_validate_symm_contact.auth_seq_id_2 
_pdbx_validate_symm_contact.PDB_ins_code_2 
_pdbx_validate_symm_contact.label_alt_id_2 
_pdbx_validate_symm_contact.site_symmetry_2 
_pdbx_validate_symm_contact.dist 
1 1 O A HOH 164 ? ? 1_555 O A HOH 175 ? ? 3_544 1.86 
2 1 O A HOH 180 ? ? 1_555 O A HOH 191 ? ? 4_444 2.01 
# 
loop_
_pdbx_validate_rmsd_angle.id 
_pdbx_validate_rmsd_angle.PDB_model_num 
_pdbx_validate_rmsd_angle.auth_atom_id_1 
_pdbx_validate_rmsd_angle.auth_asym_id_1 
_pdbx_validate_rmsd_angle.auth_comp_id_1 
_pdbx_validate_rmsd_angle.auth_seq_id_1 
_pdbx_validate_rmsd_angle.PDB_ins_code_1 
_pdbx_validate_rmsd_angle.label_alt_id_1 
_pdbx_validate_rmsd_angle.auth_atom_id_2 
_pdbx_validate_rmsd_angle.auth_asym_id_2 
_pdbx_validate_rmsd_angle.auth_comp_id_2 
_pdbx_validate_rmsd_angle.auth_seq_id_2 
_pdbx_validate_rmsd_angle.PDB_ins_code_2 
_pdbx_validate_rmsd_angle.label_alt_id_2 
_pdbx_validate_rmsd_angle.auth_atom_id_3 
_pdbx_validate_rmsd_angle.auth_asym_id_3 
_pdbx_validate_rmsd_angle.auth_comp_id_3 
_pdbx_validate_rmsd_angle.auth_seq_id_3 
_pdbx_validate_rmsd_angle.PDB_ins_code_3 
_pdbx_validate_rmsd_angle.label_alt_id_3 
_pdbx_validate_rmsd_angle.angle_value 
_pdbx_validate_rmsd_angle.angle_target_value 
_pdbx_validate_rmsd_angle.angle_deviation 
_pdbx_validate_rmsd_angle.angle_standard_deviation 
_pdbx_validate_rmsd_angle.linker_flag 
1 1 NE  A ARG 17 ? ? CZ A ARG 17 ? ? NH2 A ARG 17 ? ? 117.15 120.30 -3.15 0.50 N 
2 1 CA  A ASP 53 ? ? CB A ASP 53 ? ? CG  A ASP 53 ? ? 126.97 113.40 13.57 2.20 N 
3 1 OE1 A GLU 85 ? ? CD A GLU 85 ? ? OE2 A GLU 85 ? ? 114.96 123.30 -8.34 1.20 N 
# 
_pdbx_struct_mod_residue.id               1 
_pdbx_struct_mod_residue.label_asym_id    A 
_pdbx_struct_mod_residue.label_comp_id    PCA 
_pdbx_struct_mod_residue.label_seq_id     1 
_pdbx_struct_mod_residue.auth_asym_id     A 
_pdbx_struct_mod_residue.auth_comp_id     PCA 
_pdbx_struct_mod_residue.auth_seq_id      1 
_pdbx_struct_mod_residue.PDB_ins_code     ? 
_pdbx_struct_mod_residue.parent_comp_id   GLN 
_pdbx_struct_mod_residue.details          'PYROGLUTAMIC ACID' 
# 
loop_
_chem_comp_atom.comp_id 
_chem_comp_atom.atom_id 
_chem_comp_atom.type_symbol 
_chem_comp_atom.pdbx_aromatic_flag 
_chem_comp_atom.pdbx_stereo_config 
_chem_comp_atom.pdbx_ordinal 
ALA N    N N N 1   
ALA CA   C N S 2   
ALA C    C N N 3   
ALA O    O N N 4   
ALA CB   C N N 5   
ALA OXT  O N N 6   
ALA H    H N N 7   
ALA H2   H N N 8   
ALA HA   H N N 9   
ALA HB1  H N N 10  
ALA HB2  H N N 11  
ALA HB3  H N N 12  
ALA HXT  H N N 13  
ARG N    N N N 14  
ARG CA   C N S 15  
ARG C    C N N 16  
ARG O    O N N 17  
ARG CB   C N N 18  
ARG CG   C N N 19  
ARG CD   C N N 20  
ARG NE   N N N 21  
ARG CZ   C N N 22  
ARG NH1  N N N 23  
ARG NH2  N N N 24  
ARG OXT  O N N 25  
ARG H    H N N 26  
ARG H2   H N N 27  
ARG HA   H N N 28  
ARG HB2  H N N 29  
ARG HB3  H N N 30  
ARG HG2  H N N 31  
ARG HG3  H N N 32  
ARG HD2  H N N 33  
ARG HD3  H N N 34  
ARG HE   H N N 35  
ARG HH11 H N N 36  
ARG HH12 H N N 37  
ARG HH21 H N N 38  
ARG HH22 H N N 39  
ARG HXT  H N N 40  
ASN N    N N N 41  
ASN CA   C N S 42  
ASN C    C N N 43  
ASN O    O N N 44  
ASN CB   C N N 45  
ASN CG   C N N 46  
ASN OD1  O N N 47  
ASN ND2  N N N 48  
ASN OXT  O N N 49  
ASN H    H N N 50  
ASN H2   H N N 51  
ASN HA   H N N 52  
ASN HB2  H N N 53  
ASN HB3  H N N 54  
ASN HD21 H N N 55  
ASN HD22 H N N 56  
ASN HXT  H N N 57  
ASP N    N N N 58  
ASP CA   C N S 59  
ASP C    C N N 60  
ASP O    O N N 61  
ASP CB   C N N 62  
ASP CG   C N N 63  
ASP OD1  O N N 64  
ASP OD2  O N N 65  
ASP OXT  O N N 66  
ASP H    H N N 67  
ASP H2   H N N 68  
ASP HA   H N N 69  
ASP HB2  H N N 70  
ASP HB3  H N N 71  
ASP HD2  H N N 72  
ASP HXT  H N N 73  
CYS N    N N N 74  
CYS CA   C N R 75  
CYS C    C N N 76  
CYS O    O N N 77  
CYS CB   C N N 78  
CYS SG   S N N 79  
CYS OXT  O N N 80  
CYS H    H N N 81  
CYS H2   H N N 82  
CYS HA   H N N 83  
CYS HB2  H N N 84  
CYS HB3  H N N 85  
CYS HG   H N N 86  
CYS HXT  H N N 87  
GLN N    N N N 88  
GLN CA   C N S 89  
GLN C    C N N 90  
GLN O    O N N 91  
GLN CB   C N N 92  
GLN CG   C N N 93  
GLN CD   C N N 94  
GLN OE1  O N N 95  
GLN NE2  N N N 96  
GLN OXT  O N N 97  
GLN H    H N N 98  
GLN H2   H N N 99  
GLN HA   H N N 100 
GLN HB2  H N N 101 
GLN HB3  H N N 102 
GLN HG2  H N N 103 
GLN HG3  H N N 104 
GLN HE21 H N N 105 
GLN HE22 H N N 106 
GLN HXT  H N N 107 
GLU N    N N N 108 
GLU CA   C N S 109 
GLU C    C N N 110 
GLU O    O N N 111 
GLU CB   C N N 112 
GLU CG   C N N 113 
GLU CD   C N N 114 
GLU OE1  O N N 115 
GLU OE2  O N N 116 
GLU OXT  O N N 117 
GLU H    H N N 118 
GLU H2   H N N 119 
GLU HA   H N N 120 
GLU HB2  H N N 121 
GLU HB3  H N N 122 
GLU HG2  H N N 123 
GLU HG3  H N N 124 
GLU HE2  H N N 125 
GLU HXT  H N N 126 
GLY N    N N N 127 
GLY CA   C N N 128 
GLY C    C N N 129 
GLY O    O N N 130 
GLY OXT  O N N 131 
GLY H    H N N 132 
GLY H2   H N N 133 
GLY HA2  H N N 134 
GLY HA3  H N N 135 
GLY HXT  H N N 136 
HIS N    N N N 137 
HIS CA   C N S 138 
HIS C    C N N 139 
HIS O    O N N 140 
HIS CB   C N N 141 
HIS CG   C Y N 142 
HIS ND1  N Y N 143 
HIS CD2  C Y N 144 
HIS CE1  C Y N 145 
HIS NE2  N Y N 146 
HIS OXT  O N N 147 
HIS H    H N N 148 
HIS H2   H N N 149 
HIS HA   H N N 150 
HIS HB2  H N N 151 
HIS HB3  H N N 152 
HIS HD1  H N N 153 
HIS HD2  H N N 154 
HIS HE1  H N N 155 
HIS HE2  H N N 156 
HIS HXT  H N N 157 
HOH O    O N N 158 
HOH H1   H N N 159 
HOH H2   H N N 160 
ILE N    N N N 161 
ILE CA   C N S 162 
ILE C    C N N 163 
ILE O    O N N 164 
ILE CB   C N S 165 
ILE CG1  C N N 166 
ILE CG2  C N N 167 
ILE CD1  C N N 168 
ILE OXT  O N N 169 
ILE H    H N N 170 
ILE H2   H N N 171 
ILE HA   H N N 172 
ILE HB   H N N 173 
ILE HG12 H N N 174 
ILE HG13 H N N 175 
ILE HG21 H N N 176 
ILE HG22 H N N 177 
ILE HG23 H N N 178 
ILE HD11 H N N 179 
ILE HD12 H N N 180 
ILE HD13 H N N 181 
ILE HXT  H N N 182 
LYS N    N N N 183 
LYS CA   C N S 184 
LYS C    C N N 185 
LYS O    O N N 186 
LYS CB   C N N 187 
LYS CG   C N N 188 
LYS CD   C N N 189 
LYS CE   C N N 190 
LYS NZ   N N N 191 
LYS OXT  O N N 192 
LYS H    H N N 193 
LYS H2   H N N 194 
LYS HA   H N N 195 
LYS HB2  H N N 196 
LYS HB3  H N N 197 
LYS HG2  H N N 198 
LYS HG3  H N N 199 
LYS HD2  H N N 200 
LYS HD3  H N N 201 
LYS HE2  H N N 202 
LYS HE3  H N N 203 
LYS HZ1  H N N 204 
LYS HZ2  H N N 205 
LYS HZ3  H N N 206 
LYS HXT  H N N 207 
PCA N    N N N 208 
PCA CA   C N S 209 
PCA CB   C N N 210 
PCA CG   C N N 211 
PCA CD   C N N 212 
PCA OE   O N N 213 
PCA C    C N N 214 
PCA O    O N N 215 
PCA OXT  O N N 216 
PCA H    H N N 217 
PCA HA   H N N 218 
PCA HB2  H N N 219 
PCA HB3  H N N 220 
PCA HG2  H N N 221 
PCA HG3  H N N 222 
PCA HXT  H N N 223 
PHE N    N N N 224 
PHE CA   C N S 225 
PHE C    C N N 226 
PHE O    O N N 227 
PHE CB   C N N 228 
PHE CG   C Y N 229 
PHE CD1  C Y N 230 
PHE CD2  C Y N 231 
PHE CE1  C Y N 232 
PHE CE2  C Y N 233 
PHE CZ   C Y N 234 
PHE OXT  O N N 235 
PHE H    H N N 236 
PHE H2   H N N 237 
PHE HA   H N N 238 
PHE HB2  H N N 239 
PHE HB3  H N N 240 
PHE HD1  H N N 241 
PHE HD2  H N N 242 
PHE HE1  H N N 243 
PHE HE2  H N N 244 
PHE HZ   H N N 245 
PHE HXT  H N N 246 
PRO N    N N N 247 
PRO CA   C N S 248 
PRO C    C N N 249 
PRO O    O N N 250 
PRO CB   C N N 251 
PRO CG   C N N 252 
PRO CD   C N N 253 
PRO OXT  O N N 254 
PRO H    H N N 255 
PRO HA   H N N 256 
PRO HB2  H N N 257 
PRO HB3  H N N 258 
PRO HG2  H N N 259 
PRO HG3  H N N 260 
PRO HD2  H N N 261 
PRO HD3  H N N 262 
PRO HXT  H N N 263 
SER N    N N N 264 
SER CA   C N S 265 
SER C    C N N 266 
SER O    O N N 267 
SER CB   C N N 268 
SER OG   O N N 269 
SER OXT  O N N 270 
SER H    H N N 271 
SER H2   H N N 272 
SER HA   H N N 273 
SER HB2  H N N 274 
SER HB3  H N N 275 
SER HG   H N N 276 
SER HXT  H N N 277 
THR N    N N N 278 
THR CA   C N S 279 
THR C    C N N 280 
THR O    O N N 281 
THR CB   C N R 282 
THR OG1  O N N 283 
THR CG2  C N N 284 
THR OXT  O N N 285 
THR H    H N N 286 
THR H2   H N N 287 
THR HA   H N N 288 
THR HB   H N N 289 
THR HG1  H N N 290 
THR HG21 H N N 291 
THR HG22 H N N 292 
THR HG23 H N N 293 
THR HXT  H N N 294 
TYR N    N N N 295 
TYR CA   C N S 296 
TYR C    C N N 297 
TYR O    O N N 298 
TYR CB   C N N 299 
TYR CG   C Y N 300 
TYR CD1  C Y N 301 
TYR CD2  C Y N 302 
TYR CE1  C Y N 303 
TYR CE2  C Y N 304 
TYR CZ   C Y N 305 
TYR OH   O N N 306 
TYR OXT  O N N 307 
TYR H    H N N 308 
TYR H2   H N N 309 
TYR HA   H N N 310 
TYR HB2  H N N 311 
TYR HB3  H N N 312 
TYR HD1  H N N 313 
TYR HD2  H N N 314 
TYR HE1  H N N 315 
TYR HE2  H N N 316 
TYR HH   H N N 317 
TYR HXT  H N N 318 
VAL N    N N N 319 
VAL CA   C N S 320 
VAL C    C N N 321 
VAL O    O N N 322 
VAL CB   C N N 323 
VAL CG1  C N N 324 
VAL CG2  C N N 325 
VAL OXT  O N N 326 
VAL H    H N N 327 
VAL H2   H N N 328 
VAL HA   H N N 329 
VAL HB   H N N 330 
VAL HG11 H N N 331 
VAL HG12 H N N 332 
VAL HG13 H N N 333 
VAL HG21 H N N 334 
VAL HG22 H N N 335 
VAL HG23 H N N 336 
VAL HXT  H N N 337 
# 
loop_
_chem_comp_bond.comp_id 
_chem_comp_bond.atom_id_1 
_chem_comp_bond.atom_id_2 
_chem_comp_bond.value_order 
_chem_comp_bond.pdbx_aromatic_flag 
_chem_comp_bond.pdbx_stereo_config 
_chem_comp_bond.pdbx_ordinal 
ALA N   CA   sing N N 1   
ALA N   H    sing N N 2   
ALA N   H2   sing N N 3   
ALA CA  C    sing N N 4   
ALA CA  CB   sing N N 5   
ALA CA  HA   sing N N 6   
ALA C   O    doub N N 7   
ALA C   OXT  sing N N 8   
ALA CB  HB1  sing N N 9   
ALA CB  HB2  sing N N 10  
ALA CB  HB3  sing N N 11  
ALA OXT HXT  sing N N 12  
ARG N   CA   sing N N 13  
ARG N   H    sing N N 14  
ARG N   H2   sing N N 15  
ARG CA  C    sing N N 16  
ARG CA  CB   sing N N 17  
ARG CA  HA   sing N N 18  
ARG C   O    doub N N 19  
ARG C   OXT  sing N N 20  
ARG CB  CG   sing N N 21  
ARG CB  HB2  sing N N 22  
ARG CB  HB3  sing N N 23  
ARG CG  CD   sing N N 24  
ARG CG  HG2  sing N N 25  
ARG CG  HG3  sing N N 26  
ARG CD  NE   sing N N 27  
ARG CD  HD2  sing N N 28  
ARG CD  HD3  sing N N 29  
ARG NE  CZ   sing N N 30  
ARG NE  HE   sing N N 31  
ARG CZ  NH1  sing N N 32  
ARG CZ  NH2  doub N N 33  
ARG NH1 HH11 sing N N 34  
ARG NH1 HH12 sing N N 35  
ARG NH2 HH21 sing N N 36  
ARG NH2 HH22 sing N N 37  
ARG OXT HXT  sing N N 38  
ASN N   CA   sing N N 39  
ASN N   H    sing N N 40  
ASN N   H2   sing N N 41  
ASN CA  C    sing N N 42  
ASN CA  CB   sing N N 43  
ASN CA  HA   sing N N 44  
ASN C   O    doub N N 45  
ASN C   OXT  sing N N 46  
ASN CB  CG   sing N N 47  
ASN CB  HB2  sing N N 48  
ASN CB  HB3  sing N N 49  
ASN CG  OD1  doub N N 50  
ASN CG  ND2  sing N N 51  
ASN ND2 HD21 sing N N 52  
ASN ND2 HD22 sing N N 53  
ASN OXT HXT  sing N N 54  
ASP N   CA   sing N N 55  
ASP N   H    sing N N 56  
ASP N   H2   sing N N 57  
ASP CA  C    sing N N 58  
ASP CA  CB   sing N N 59  
ASP CA  HA   sing N N 60  
ASP C   O    doub N N 61  
ASP C   OXT  sing N N 62  
ASP CB  CG   sing N N 63  
ASP CB  HB2  sing N N 64  
ASP CB  HB3  sing N N 65  
ASP CG  OD1  doub N N 66  
ASP CG  OD2  sing N N 67  
ASP OD2 HD2  sing N N 68  
ASP OXT HXT  sing N N 69  
CYS N   CA   sing N N 70  
CYS N   H    sing N N 71  
CYS N   H2   sing N N 72  
CYS CA  C    sing N N 73  
CYS CA  CB   sing N N 74  
CYS CA  HA   sing N N 75  
CYS C   O    doub N N 76  
CYS C   OXT  sing N N 77  
CYS CB  SG   sing N N 78  
CYS CB  HB2  sing N N 79  
CYS CB  HB3  sing N N 80  
CYS SG  HG   sing N N 81  
CYS OXT HXT  sing N N 82  
GLN N   CA   sing N N 83  
GLN N   H    sing N N 84  
GLN N   H2   sing N N 85  
GLN CA  C    sing N N 86  
GLN CA  CB   sing N N 87  
GLN CA  HA   sing N N 88  
GLN C   O    doub N N 89  
GLN C   OXT  sing N N 90  
GLN CB  CG   sing N N 91  
GLN CB  HB2  sing N N 92  
GLN CB  HB3  sing N N 93  
GLN CG  CD   sing N N 94  
GLN CG  HG2  sing N N 95  
GLN CG  HG3  sing N N 96  
GLN CD  OE1  doub N N 97  
GLN CD  NE2  sing N N 98  
GLN NE2 HE21 sing N N 99  
GLN NE2 HE22 sing N N 100 
GLN OXT HXT  sing N N 101 
GLU N   CA   sing N N 102 
GLU N   H    sing N N 103 
GLU N   H2   sing N N 104 
GLU CA  C    sing N N 105 
GLU CA  CB   sing N N 106 
GLU CA  HA   sing N N 107 
GLU C   O    doub N N 108 
GLU C   OXT  sing N N 109 
GLU CB  CG   sing N N 110 
GLU CB  HB2  sing N N 111 
GLU CB  HB3  sing N N 112 
GLU CG  CD   sing N N 113 
GLU CG  HG2  sing N N 114 
GLU CG  HG3  sing N N 115 
GLU CD  OE1  doub N N 116 
GLU CD  OE2  sing N N 117 
GLU OE2 HE2  sing N N 118 
GLU OXT HXT  sing N N 119 
GLY N   CA   sing N N 120 
GLY N   H    sing N N 121 
GLY N   H2   sing N N 122 
GLY CA  C    sing N N 123 
GLY CA  HA2  sing N N 124 
GLY CA  HA3  sing N N 125 
GLY C   O    doub N N 126 
GLY C   OXT  sing N N 127 
GLY OXT HXT  sing N N 128 
HIS N   CA   sing N N 129 
HIS N   H    sing N N 130 
HIS N   H2   sing N N 131 
HIS CA  C    sing N N 132 
HIS CA  CB   sing N N 133 
HIS CA  HA   sing N N 134 
HIS C   O    doub N N 135 
HIS C   OXT  sing N N 136 
HIS CB  CG   sing N N 137 
HIS CB  HB2  sing N N 138 
HIS CB  HB3  sing N N 139 
HIS CG  ND1  sing Y N 140 
HIS CG  CD2  doub Y N 141 
HIS ND1 CE1  doub Y N 142 
HIS ND1 HD1  sing N N 143 
HIS CD2 NE2  sing Y N 144 
HIS CD2 HD2  sing N N 145 
HIS CE1 NE2  sing Y N 146 
HIS CE1 HE1  sing N N 147 
HIS NE2 HE2  sing N N 148 
HIS OXT HXT  sing N N 149 
HOH O   H1   sing N N 150 
HOH O   H2   sing N N 151 
ILE N   CA   sing N N 152 
ILE N   H    sing N N 153 
ILE N   H2   sing N N 154 
ILE CA  C    sing N N 155 
ILE CA  CB   sing N N 156 
ILE CA  HA   sing N N 157 
ILE C   O    doub N N 158 
ILE C   OXT  sing N N 159 
ILE CB  CG1  sing N N 160 
ILE CB  CG2  sing N N 161 
ILE CB  HB   sing N N 162 
ILE CG1 CD1  sing N N 163 
ILE CG1 HG12 sing N N 164 
ILE CG1 HG13 sing N N 165 
ILE CG2 HG21 sing N N 166 
ILE CG2 HG22 sing N N 167 
ILE CG2 HG23 sing N N 168 
ILE CD1 HD11 sing N N 169 
ILE CD1 HD12 sing N N 170 
ILE CD1 HD13 sing N N 171 
ILE OXT HXT  sing N N 172 
LYS N   CA   sing N N 173 
LYS N   H    sing N N 174 
LYS N   H2   sing N N 175 
LYS CA  C    sing N N 176 
LYS CA  CB   sing N N 177 
LYS CA  HA   sing N N 178 
LYS C   O    doub N N 179 
LYS C   OXT  sing N N 180 
LYS CB  CG   sing N N 181 
LYS CB  HB2  sing N N 182 
LYS CB  HB3  sing N N 183 
LYS CG  CD   sing N N 184 
LYS CG  HG2  sing N N 185 
LYS CG  HG3  sing N N 186 
LYS CD  CE   sing N N 187 
LYS CD  HD2  sing N N 188 
LYS CD  HD3  sing N N 189 
LYS CE  NZ   sing N N 190 
LYS CE  HE2  sing N N 191 
LYS CE  HE3  sing N N 192 
LYS NZ  HZ1  sing N N 193 
LYS NZ  HZ2  sing N N 194 
LYS NZ  HZ3  sing N N 195 
LYS OXT HXT  sing N N 196 
PCA N   CA   sing N N 197 
PCA N   CD   sing N N 198 
PCA N   H    sing N N 199 
PCA CA  CB   sing N N 200 
PCA CA  C    sing N N 201 
PCA CA  HA   sing N N 202 
PCA CB  CG   sing N N 203 
PCA CB  HB2  sing N N 204 
PCA CB  HB3  sing N N 205 
PCA CG  CD   sing N N 206 
PCA CG  HG2  sing N N 207 
PCA CG  HG3  sing N N 208 
PCA CD  OE   doub N N 209 
PCA C   O    doub N N 210 
PCA C   OXT  sing N N 211 
PCA OXT HXT  sing N N 212 
PHE N   CA   sing N N 213 
PHE N   H    sing N N 214 
PHE N   H2   sing N N 215 
PHE CA  C    sing N N 216 
PHE CA  CB   sing N N 217 
PHE CA  HA   sing N N 218 
PHE C   O    doub N N 219 
PHE C   OXT  sing N N 220 
PHE CB  CG   sing N N 221 
PHE CB  HB2  sing N N 222 
PHE CB  HB3  sing N N 223 
PHE CG  CD1  doub Y N 224 
PHE CG  CD2  sing Y N 225 
PHE CD1 CE1  sing Y N 226 
PHE CD1 HD1  sing N N 227 
PHE CD2 CE2  doub Y N 228 
PHE CD2 HD2  sing N N 229 
PHE CE1 CZ   doub Y N 230 
PHE CE1 HE1  sing N N 231 
PHE CE2 CZ   sing Y N 232 
PHE CE2 HE2  sing N N 233 
PHE CZ  HZ   sing N N 234 
PHE OXT HXT  sing N N 235 
PRO N   CA   sing N N 236 
PRO N   CD   sing N N 237 
PRO N   H    sing N N 238 
PRO CA  C    sing N N 239 
PRO CA  CB   sing N N 240 
PRO CA  HA   sing N N 241 
PRO C   O    doub N N 242 
PRO C   OXT  sing N N 243 
PRO CB  CG   sing N N 244 
PRO CB  HB2  sing N N 245 
PRO CB  HB3  sing N N 246 
PRO CG  CD   sing N N 247 
PRO CG  HG2  sing N N 248 
PRO CG  HG3  sing N N 249 
PRO CD  HD2  sing N N 250 
PRO CD  HD3  sing N N 251 
PRO OXT HXT  sing N N 252 
SER N   CA   sing N N 253 
SER N   H    sing N N 254 
SER N   H2   sing N N 255 
SER CA  C    sing N N 256 
SER CA  CB   sing N N 257 
SER CA  HA   sing N N 258 
SER C   O    doub N N 259 
SER C   OXT  sing N N 260 
SER CB  OG   sing N N 261 
SER CB  HB2  sing N N 262 
SER CB  HB3  sing N N 263 
SER OG  HG   sing N N 264 
SER OXT HXT  sing N N 265 
THR N   CA   sing N N 266 
THR N   H    sing N N 267 
THR N   H2   sing N N 268 
THR CA  C    sing N N 269 
THR CA  CB   sing N N 270 
THR CA  HA   sing N N 271 
THR C   O    doub N N 272 
THR C   OXT  sing N N 273 
THR CB  OG1  sing N N 274 
THR CB  CG2  sing N N 275 
THR CB  HB   sing N N 276 
THR OG1 HG1  sing N N 277 
THR CG2 HG21 sing N N 278 
THR CG2 HG22 sing N N 279 
THR CG2 HG23 sing N N 280 
THR OXT HXT  sing N N 281 
TYR N   CA   sing N N 282 
TYR N   H    sing N N 283 
TYR N   H2   sing N N 284 
TYR CA  C    sing N N 285 
TYR CA  CB   sing N N 286 
TYR CA  HA   sing N N 287 
TYR C   O    doub N N 288 
TYR C   OXT  sing N N 289 
TYR CB  CG   sing N N 290 
TYR CB  HB2  sing N N 291 
TYR CB  HB3  sing N N 292 
TYR CG  CD1  doub Y N 293 
TYR CG  CD2  sing Y N 294 
TYR CD1 CE1  sing Y N 295 
TYR CD1 HD1  sing N N 296 
TYR CD2 CE2  doub Y N 297 
TYR CD2 HD2  sing N N 298 
TYR CE1 CZ   doub Y N 299 
TYR CE1 HE1  sing N N 300 
TYR CE2 CZ   sing Y N 301 
TYR CE2 HE2  sing N N 302 
TYR CZ  OH   sing N N 303 
TYR OH  HH   sing N N 304 
TYR OXT HXT  sing N N 305 
VAL N   CA   sing N N 306 
VAL N   H    sing N N 307 
VAL N   H2   sing N N 308 
VAL CA  C    sing N N 309 
VAL CA  CB   sing N N 310 
VAL CA  HA   sing N N 311 
VAL C   O    doub N N 312 
VAL C   OXT  sing N N 313 
VAL CB  CG1  sing N N 314 
VAL CB  CG2  sing N N 315 
VAL CB  HB   sing N N 316 
VAL CG1 HG11 sing N N 317 
VAL CG1 HG12 sing N N 318 
VAL CG1 HG13 sing N N 319 
VAL CG2 HG21 sing N N 320 
VAL CG2 HG22 sing N N 321 
VAL CG2 HG23 sing N N 322 
VAL OXT HXT  sing N N 323 
# 
_atom_sites.entry_id                    1FUS 
_atom_sites.fract_transf_matrix[1][1]   -0.00177780 
_atom_sites.fract_transf_matrix[1][2]   0.01619674 
_atom_sites.fract_transf_matrix[1][3]   0.01392864 
_atom_sites.fract_transf_matrix[2][1]   -0.01473394 
_atom_sites.fract_transf_matrix[2][2]   -0.00736324 
_atom_sites.fract_transf_matrix[2][3]   0.00668165 
_atom_sites.fract_transf_matrix[3][1]   0.01750639 
_atom_sites.fract_transf_matrix[3][2]   -0.01605827 
_atom_sites.fract_transf_matrix[3][3]   0.02090760 
_atom_sites.fract_transf_vector[1]      0.159486 
_atom_sites.fract_transf_vector[2]      -0.176529 
_atom_sites.fract_transf_vector[3]      -0.231632 
# 
_atom_sites_footnote.id     1 
_atom_sites_footnote.text   'RESIDUES 39 AND 55 ARE CIS PROLINES.' 
# 
loop_
_atom_type.symbol 
C 
N 
O 
S 
# 
loop_
_atom_site.group_PDB 
_atom_site.id 
_atom_site.type_symbol 
_atom_site.label_atom_id 
_atom_site.label_alt_id 
_atom_site.label_comp_id 
_atom_site.label_asym_id 
_atom_site.label_entity_id 
_atom_site.label_seq_id 
_atom_site.pdbx_PDB_ins_code 
_atom_site.Cartn_x 
_atom_site.Cartn_y 
_atom_site.Cartn_z 
_atom_site.occupancy 
_atom_site.B_iso_or_equiv 
_atom_site.pdbx_formal_charge 
_atom_site.auth_seq_id 
_atom_site.auth_comp_id 
_atom_site.auth_asym_id 
_atom_site.auth_atom_id 
_atom_site.pdbx_PDB_model_num 
HETATM 1   N N   . PCA A 1 1   ? 6.498   4.615   -8.860  1.00 28.76 ? 1   PCA A N   1 
HETATM 2   C CA  . PCA A 1 1   ? 7.061   4.988   -7.586  1.00 27.22 ? 1   PCA A CA  1 
HETATM 3   C CB  . PCA A 1 1   ? 6.828   3.778   -6.683  1.00 28.81 ? 1   PCA A CB  1 
HETATM 4   C CG  . PCA A 1 1   ? 6.536   2.631   -7.669  1.00 29.06 ? 1   PCA A CG  1 
HETATM 5   C CD  . PCA A 1 1   ? 5.886   3.410   -8.809  1.00 29.29 ? 1   PCA A CD  1 
HETATM 6   O OE  . PCA A 1 1   ? 4.953   3.056   -9.538  1.00 30.56 ? 1   PCA A OE  1 
HETATM 7   C C   . PCA A 1 1   ? 8.563   5.282   -7.635  1.00 26.37 ? 1   PCA A C   1 
HETATM 8   O O   . PCA A 1 1   ? 9.300   5.079   -8.590  1.00 25.40 ? 1   PCA A O   1 
ATOM   9   N N   . SER A 1 2   ? 8.915   5.781   -6.455  1.00 24.26 ? 2   SER A N   1 
ATOM   10  C CA  . SER A 1 2   ? 10.279  6.152   -6.107  1.00 22.45 ? 2   SER A CA  1 
ATOM   11  C C   . SER A 1 2   ? 10.616  5.434   -4.796  1.00 18.99 ? 2   SER A C   1 
ATOM   12  O O   . SER A 1 2   ? 9.705   4.850   -4.185  1.00 19.78 ? 2   SER A O   1 
ATOM   13  C CB  . SER A 1 2   ? 10.281  7.661   -5.865  1.00 25.38 ? 2   SER A CB  1 
ATOM   14  O OG  . SER A 1 2   ? 10.962  8.331   -6.920  1.00 32.71 ? 2   SER A OG  1 
ATOM   15  N N   . ALA A 1 3   ? 11.861  5.528   -4.419  1.00 16.32 ? 3   ALA A N   1 
ATOM   16  C CA  . ALA A 1 3   ? 12.295  4.960   -3.124  1.00 14.74 ? 3   ALA A CA  1 
ATOM   17  C C   . ALA A 1 3   ? 11.521  5.790   -2.047  1.00 14.63 ? 3   ALA A C   1 
ATOM   18  O O   . ALA A 1 3   ? 11.335  7.026   -2.195  1.00 13.39 ? 3   ALA A O   1 
ATOM   19  C CB  . ALA A 1 3   ? 13.764  5.053   -2.932  1.00 14.67 ? 3   ALA A CB  1 
ATOM   20  N N   . THR A 1 4   ? 11.041  5.024   -1.066  1.00 12.73 ? 4   THR A N   1 
ATOM   21  C CA  . THR A 1 4   ? 10.262  5.615   0.025   1.00 11.25 ? 4   THR A CA  1 
ATOM   22  C C   . THR A 1 4   ? 10.679  5.054   1.367   1.00 10.63 ? 4   THR A C   1 
ATOM   23  O O   . THR A 1 4   ? 11.171  3.907   1.501   1.00 10.36 ? 4   THR A O   1 
ATOM   24  C CB  . THR A 1 4   ? 8.725   5.485   -0.262  1.00 12.54 ? 4   THR A CB  1 
ATOM   25  O OG1 . THR A 1 4   ? 8.072   6.502   0.605   1.00 15.52 ? 4   THR A OG1 1 
ATOM   26  C CG2 . THR A 1 4   ? 8.095   4.150   0.005   1.00 13.32 ? 4   THR A CG2 1 
ATOM   27  N N   . THR A 1 5   ? 10.496  5.894   2.395   1.00 9.30  ? 5   THR A N   1 
ATOM   28  C CA  . THR A 1 5   ? 10.780  5.515   3.780   1.00 9.61  ? 5   THR A CA  1 
ATOM   29  C C   . THR A 1 5   ? 9.437   5.479   4.555   1.00 8.33  ? 5   THR A C   1 
ATOM   30  O O   . THR A 1 5   ? 8.756   6.516   4.576   1.00 7.90  ? 5   THR A O   1 
ATOM   31  C CB  . THR A 1 5   ? 11.794  6.462   4.532   1.00 9.87  ? 5   THR A CB  1 
ATOM   32  O OG1 . THR A 1 5   ? 12.942  6.580   3.652   1.00 13.12 ? 5   THR A OG1 1 
ATOM   33  C CG2 . THR A 1 5   ? 12.149  5.970   5.923   1.00 10.12 ? 5   THR A CG2 1 
ATOM   34  N N   . CYS A 1 6   ? 9.139   4.362   5.147   1.00 7.17  ? 6   CYS A N   1 
ATOM   35  C CA  . CYS A 1 6   ? 7.916   4.153   5.926   1.00 7.92  ? 6   CYS A CA  1 
ATOM   36  C C   . CYS A 1 6   ? 8.409   3.983   7.371   1.00 7.56  ? 6   CYS A C   1 
ATOM   37  O O   . CYS A 1 6   ? 8.907   2.923   7.692   1.00 6.85  ? 6   CYS A O   1 
ATOM   38  C CB  . CYS A 1 6   ? 7.084   2.918   5.524   1.00 8.04  ? 6   CYS A CB  1 
ATOM   39  S SG  . CYS A 1 6   ? 6.386   3.046   3.841   1.00 7.79  ? 6   CYS A SG  1 
ATOM   40  N N   . GLY A 1 7   ? 8.242   5.096   8.084   1.00 8.75  ? 7   GLY A N   1 
ATOM   41  C CA  . GLY A 1 7   ? 8.761   5.111   9.489   1.00 10.83 ? 7   GLY A CA  1 
ATOM   42  C C   . GLY A 1 7   ? 10.272  5.342   9.314   1.00 11.38 ? 7   GLY A C   1 
ATOM   43  O O   . GLY A 1 7   ? 10.777  6.428   9.000   1.00 13.55 ? 7   GLY A O   1 
ATOM   44  N N   . SER A 1 8   ? 10.977  4.237   9.495   1.00 13.35 ? 8   SER A N   1 
ATOM   45  C CA  . SER A 1 8   ? 12.439  4.253   9.288   1.00 13.79 ? 8   SER A CA  1 
ATOM   46  C C   . SER A 1 8   ? 12.773  3.073   8.358   1.00 14.32 ? 8   SER A C   1 
ATOM   47  O O   . SER A 1 8   ? 13.980  2.730   8.174   1.00 16.04 ? 8   SER A O   1 
ATOM   48  C CB  . SER A 1 8   ? 13.232  4.385   10.561  1.00 17.99 ? 8   SER A CB  1 
ATOM   49  O OG  . SER A 1 8   ? 12.727  3.708   11.707  1.00 21.74 ? 8   SER A OG  1 
ATOM   50  N N   . THR A 1 9   ? 11.741  2.502   7.760   1.00 11.46 ? 9   THR A N   1 
ATOM   51  C CA  . THR A 1 9   ? 11.965  1.341   6.840   1.00 11.05 ? 9   THR A CA  1 
ATOM   52  C C   . THR A 1 9   ? 12.098  1.907   5.429   1.00 10.15 ? 9   THR A C   1 
ATOM   53  O O   . THR A 1 9   ? 11.218  2.610   4.910   1.00 9.02  ? 9   THR A O   1 
ATOM   54  C CB  . THR A 1 9   ? 10.891  0.206   6.881   1.00 10.64 ? 9   THR A CB  1 
ATOM   55  O OG1 . THR A 1 9   ? 10.800  -0.289  8.220   1.00 13.23 ? 9   THR A OG1 1 
ATOM   56  C CG2 . THR A 1 9   ? 11.106  -0.930  5.883   1.00 10.36 ? 9   THR A CG2 1 
ATOM   57  N N   . ASN A 1 10  ? 13.211  1.461   4.803   1.00 9.17  ? 10  ASN A N   1 
ATOM   58  C CA  . ASN A 1 10  ? 13.430  1.945   3.460   1.00 10.34 ? 10  ASN A CA  1 
ATOM   59  C C   . ASN A 1 10  ? 13.035  0.917   2.385   1.00 9.54  ? 10  ASN A C   1 
ATOM   60  O O   . ASN A 1 10  ? 13.520  -0.203  2.509   1.00 9.95  ? 10  ASN A O   1 
ATOM   61  C CB  . ASN A 1 10  ? 14.892  2.361   3.260   1.00 15.55 ? 10  ASN A CB  1 
ATOM   62  C CG  . ASN A 1 10  ? 15.309  3.546   4.125   1.00 19.66 ? 10  ASN A CG  1 
ATOM   63  O OD1 . ASN A 1 10  ? 14.549  4.505   4.300   1.00 20.32 ? 10  ASN A OD1 1 
ATOM   64  N ND2 . ASN A 1 10  ? 16.563  3.409   4.612   1.00 22.54 ? 10  ASN A ND2 1 
ATOM   65  N N   . TYR A 1 11  ? 12.326  1.419   1.392   1.00 8.53  ? 11  TYR A N   1 
ATOM   66  C CA  . TYR A 1 11  ? 11.963  0.545   0.248   1.00 8.00  ? 11  TYR A CA  1 
ATOM   67  C C   . TYR A 1 11  ? 12.503  1.198   -1.028  1.00 9.31  ? 11  TYR A C   1 
ATOM   68  O O   . TYR A 1 11  ? 12.306  2.429   -1.149  1.00 9.46  ? 11  TYR A O   1 
ATOM   69  C CB  . TYR A 1 11  ? 10.432  0.428   0.089   1.00 7.26  ? 11  TYR A CB  1 
ATOM   70  C CG  . TYR A 1 11  ? 9.762   -0.220  1.272   1.00 8.16  ? 11  TYR A CG  1 
ATOM   71  C CD1 . TYR A 1 11  ? 9.011   0.514   2.203   1.00 7.92  ? 11  TYR A CD1 1 
ATOM   72  C CD2 . TYR A 1 11  ? 9.863   -1.596  1.455   1.00 9.42  ? 11  TYR A CD2 1 
ATOM   73  C CE1 . TYR A 1 11  ? 8.389   -0.136  3.261   1.00 8.50  ? 11  TYR A CE1 1 
ATOM   74  C CE2 . TYR A 1 11  ? 9.260   -2.263  2.523   1.00 9.08  ? 11  TYR A CE2 1 
ATOM   75  C CZ  . TYR A 1 11  ? 8.525   -1.511  3.442   1.00 8.60  ? 11  TYR A CZ  1 
ATOM   76  O OH  . TYR A 1 11  ? 7.942   -2.162  4.480   1.00 8.96  ? 11  TYR A OH  1 
ATOM   77  N N   . SER A 1 12  ? 13.037  0.369   -1.934  1.00 7.92  ? 12  SER A N   1 
ATOM   78  C CA  . SER A 1 12  ? 13.540  0.933   -3.215  1.00 7.74  ? 12  SER A CA  1 
ATOM   79  C C   . SER A 1 12  ? 12.355  1.131   -4.169  1.00 7.37  ? 12  SER A C   1 
ATOM   80  O O   . SER A 1 12  ? 11.242  0.554   -3.893  1.00 6.36  ? 12  SER A O   1 
ATOM   81  C CB  . SER A 1 12  ? 14.549  -0.009  -3.865  1.00 8.04  ? 12  SER A CB  1 
ATOM   82  O OG  . SER A 1 12  ? 13.873  -1.199  -4.234  1.00 8.96  ? 12  SER A OG  1 
ATOM   83  N N   . ALA A 1 13  ? 12.600  1.830   -5.277  1.00 7.16  ? 13  ALA A N   1 
ATOM   84  C CA  . ALA A 1 13  ? 11.568  2.045   -6.293  1.00 6.30  ? 13  ALA A CA  1 
ATOM   85  C C   . ALA A 1 13  ? 11.006  0.704   -6.786  1.00 7.31  ? 13  ALA A C   1 
ATOM   86  O O   . ALA A 1 13  ? 9.797   0.492   -6.946  1.00 7.37  ? 13  ALA A O   1 
ATOM   87  C CB  . ALA A 1 13  ? 12.057  2.873   -7.464  1.00 7.27  ? 13  ALA A CB  1 
ATOM   88  N N   . SER A 1 14  ? 11.912  -0.250  -7.013  1.00 8.38  ? 14  SER A N   1 
ATOM   89  C CA  . SER A 1 14  ? 11.547  -1.605  -7.494  1.00 8.34  ? 14  SER A CA  1 
ATOM   90  C C   . SER A 1 14  ? 10.657  -2.348  -6.487  1.00 7.52  ? 14  SER A C   1 
ATOM   91  O O   . SER A 1 14  ? 9.770   -3.080  -6.895  1.00 6.84  ? 14  SER A O   1 
ATOM   92  C CB  . SER A 1 14  ? 12.771  -2.444  -7.864  1.00 10.43 ? 14  SER A CB  1 
ATOM   93  O OG  . SER A 1 14  ? 13.759  -2.575  -6.871  1.00 11.25 ? 14  SER A OG  1 
ATOM   94  N N   . GLN A 1 15  ? 10.974  -2.217  -5.201  1.00 5.72  ? 15  GLN A N   1 
ATOM   95  C CA  . GLN A 1 15  ? 10.169  -2.887  -4.196  1.00 6.95  ? 15  GLN A CA  1 
ATOM   96  C C   . GLN A 1 15  ? 8.744   -2.303  -4.204  1.00 7.56  ? 15  GLN A C   1 
ATOM   97  O O   . GLN A 1 15  ? 7.754   -3.059  -4.060  1.00 7.14  ? 15  GLN A O   1 
ATOM   98  C CB  . GLN A 1 15  ? 10.800  -2.875  -2.813  1.00 7.01  ? 15  GLN A CB  1 
ATOM   99  C CG  . GLN A 1 15  ? 12.124  -3.676  -2.832  1.00 7.30  ? 15  GLN A CG  1 
ATOM   100 C CD  . GLN A 1 15  ? 12.786  -3.487  -1.485  1.00 9.62  ? 15  GLN A CD  1 
ATOM   101 O OE1 . GLN A 1 15  ? 13.072  -2.361  -1.057  1.00 9.06  ? 15  GLN A OE1 1 
ATOM   102 N NE2 . GLN A 1 15  ? 13.018  -4.610  -0.822  1.00 10.78 ? 15  GLN A NE2 1 
ATOM   103 N N   . VAL A 1 16  ? 8.629   -0.977  -4.320  1.00 8.10  ? 16  VAL A N   1 
ATOM   104 C CA  . VAL A 1 16  ? 7.298   -0.353  -4.288  1.00 7.43  ? 16  VAL A CA  1 
ATOM   105 C C   . VAL A 1 16  ? 6.472   -0.859  -5.493  1.00 7.57  ? 16  VAL A C   1 
ATOM   106 O O   . VAL A 1 16  ? 5.292   -1.183  -5.418  1.00 6.44  ? 16  VAL A O   1 
ATOM   107 C CB  . VAL A 1 16  ? 7.383   1.182   -4.249  1.00 7.50  ? 16  VAL A CB  1 
ATOM   108 C CG1 . VAL A 1 16  ? 5.970   1.750   -4.355  1.00 9.18  ? 16  VAL A CG1 1 
ATOM   109 C CG2 . VAL A 1 16  ? 8.135   1.755   -3.053  1.00 9.67  ? 16  VAL A CG2 1 
ATOM   110 N N   . ARG A 1 17  ? 7.178   -0.841  -6.617  1.00 7.70  ? 17  ARG A N   1 
ATOM   111 C CA  . ARG A 1 17  ? 6.615   -1.271  -7.914  1.00 8.85  ? 17  ARG A CA  1 
ATOM   112 C C   . ARG A 1 17  ? 6.143   -2.721  -7.808  1.00 6.80  ? 17  ARG A C   1 
ATOM   113 O O   . ARG A 1 17  ? 5.011   -3.022  -8.218  1.00 7.08  ? 17  ARG A O   1 
ATOM   114 C CB  . ARG A 1 17  ? 7.638   -0.979  -9.007  1.00 9.96  ? 17  ARG A CB  1 
ATOM   115 C CG  . ARG A 1 17  ? 7.102   -1.191  -10.395 1.00 17.22 ? 17  ARG A CG  1 
ATOM   116 C CD  . ARG A 1 17  ? 7.985   -0.634  -11.451 1.00 21.32 ? 17  ARG A CD  1 
ATOM   117 N NE  . ARG A 1 17  ? 7.826   0.803   -11.588 1.00 27.31 ? 17  ARG A NE  1 
ATOM   118 C CZ  . ARG A 1 17  ? 8.702   1.726   -11.186 1.00 31.02 ? 17  ARG A CZ  1 
ATOM   119 N NH1 . ARG A 1 17  ? 9.883   1.423   -10.619 1.00 30.61 ? 17  ARG A NH1 1 
ATOM   120 N NH2 . ARG A 1 17  ? 8.363   3.025   -11.378 1.00 32.40 ? 17  ARG A NH2 1 
ATOM   121 N N   . ALA A 1 18  ? 6.938   -3.588  -7.227  1.00 6.37  ? 18  ALA A N   1 
ATOM   122 C CA  . ALA A 1 18  ? 6.595   -4.998  -7.079  1.00 6.64  ? 18  ALA A CA  1 
ATOM   123 C C   . ALA A 1 18  ? 5.306   -5.199  -6.299  1.00 6.85  ? 18  ALA A C   1 
ATOM   124 O O   . ALA A 1 18  ? 4.505   -6.040  -6.652  1.00 7.50  ? 18  ALA A O   1 
ATOM   125 C CB  . ALA A 1 18  ? 7.730   -5.754  -6.417  1.00 9.64  ? 18  ALA A CB  1 
ATOM   126 N N   . ALA A 1 19  ? 5.172   -4.459  -5.200  1.00 6.32  ? 19  ALA A N   1 
ATOM   127 C CA  . ALA A 1 19  ? 3.986   -4.556  -4.313  1.00 8.14  ? 19  ALA A CA  1 
ATOM   128 C C   . ALA A 1 19  ? 2.706   -4.073  -5.041  1.00 8.22  ? 19  ALA A C   1 
ATOM   129 O O   . ALA A 1 19  ? 1.610   -4.665  -4.998  1.00 8.75  ? 19  ALA A O   1 
ATOM   130 C CB  . ALA A 1 19  ? 4.265   -3.688  -3.058  1.00 6.10  ? 19  ALA A CB  1 
ATOM   131 N N   . ALA A 1 20  ? 2.908   -2.923  -5.701  1.00 6.88  ? 20  ALA A N   1 
ATOM   132 C CA  . ALA A 1 20  ? 1.868   -2.290  -6.485  1.00 7.82  ? 20  ALA A CA  1 
ATOM   133 C C   . ALA A 1 20  ? 1.377   -3.248  -7.596  1.00 7.20  ? 20  ALA A C   1 
ATOM   134 O O   . ALA A 1 20  ? 0.175   -3.363  -7.781  1.00 7.02  ? 20  ALA A O   1 
ATOM   135 C CB  . ALA A 1 20  ? 2.285   -0.921  -6.999  1.00 6.68  ? 20  ALA A CB  1 
ATOM   136 N N   . ASN A 1 21  ? 2.339   -3.851  -8.286  1.00 7.75  ? 21  ASN A N   1 
ATOM   137 C CA  . ASN A 1 21  ? 1.991   -4.784  -9.372  1.00 8.21  ? 21  ASN A CA  1 
ATOM   138 C C   . ASN A 1 21  ? 1.234   -5.964  -8.792  1.00 8.81  ? 21  ASN A C   1 
ATOM   139 O O   . ASN A 1 21  ? 0.227   -6.429  -9.391  1.00 8.04  ? 21  ASN A O   1 
ATOM   140 C CB  . ASN A 1 21  ? 3.193   -5.205  -10.209 1.00 11.07 ? 21  ASN A CB  1 
ATOM   141 C CG  . ASN A 1 21  ? 2.751   -6.316  -11.174 1.00 15.95 ? 21  ASN A CG  1 
ATOM   142 O OD1 . ASN A 1 21  ? 2.009   -6.066  -12.177 1.00 20.48 ? 21  ASN A OD1 1 
ATOM   143 N ND2 . ASN A 1 21  ? 3.103   -7.563  -10.873 1.00 17.95 ? 21  ASN A ND2 1 
ATOM   144 N N   . ALA A 1 22  ? 1.709   -6.479  -7.678  1.00 7.17  ? 22  ALA A N   1 
ATOM   145 C CA  . ALA A 1 22  ? 0.994   -7.638  -7.068  1.00 9.44  ? 22  ALA A CA  1 
ATOM   146 C C   . ALA A 1 22  ? -0.431  -7.225  -6.710  1.00 9.38  ? 22  ALA A C   1 
ATOM   147 O O   . ALA A 1 22  ? -1.402  -8.008  -6.932  1.00 10.12 ? 22  ALA A O   1 
ATOM   148 C CB  . ALA A 1 22  ? 1.797   -8.066  -5.863  1.00 10.62 ? 22  ALA A CB  1 
ATOM   149 N N   . ALA A 1 23  ? -0.514  -6.006  -6.101  1.00 8.21  ? 23  ALA A N   1 
ATOM   150 C CA  . ALA A 1 23  ? -1.859  -5.504  -5.692  1.00 8.39  ? 23  ALA A CA  1 
ATOM   151 C C   . ALA A 1 23  ? -2.834  -5.550  -6.899  1.00 8.00  ? 23  ALA A C   1 
ATOM   152 O O   . ALA A 1 23  ? -3.949  -6.042  -6.849  1.00 7.57  ? 23  ALA A O   1 
ATOM   153 C CB  . ALA A 1 23  ? -1.842  -4.117  -5.055  1.00 5.54  ? 23  ALA A CB  1 
ATOM   154 N N   . CYS A 1 24  ? -2.346  -4.983  -7.996  1.00 8.39  ? 24  CYS A N   1 
ATOM   155 C CA  . CYS A 1 24  ? -3.088  -4.916  -9.274  1.00 8.94  ? 24  CYS A CA  1 
ATOM   156 C C   . CYS A 1 24  ? -3.563  -6.289  -9.755  1.00 8.30  ? 24  CYS A C   1 
ATOM   157 O O   . CYS A 1 24  ? -4.740  -6.469  -10.061 1.00 7.87  ? 24  CYS A O   1 
ATOM   158 C CB  . CYS A 1 24  ? -2.179  -4.196  -10.324 1.00 9.32  ? 24  CYS A CB  1 
ATOM   159 S SG  . CYS A 1 24  ? -3.115  -3.960  -11.880 1.00 10.54 ? 24  CYS A SG  1 
ATOM   160 N N   . GLN A 1 25  ? -2.621  -7.202  -9.810  1.00 9.08  ? 25  GLN A N   1 
ATOM   161 C CA  . GLN A 1 25  ? -2.853  -8.575  -10.257 1.00 10.63 ? 25  GLN A CA  1 
ATOM   162 C C   . GLN A 1 25  ? -3.950  -9.216  -9.389  1.00 10.57 ? 25  GLN A C   1 
ATOM   163 O O   . GLN A 1 25  ? -4.829  -9.828  -10.019 1.00 9.78  ? 25  GLN A O   1 
ATOM   164 C CB  . GLN A 1 25  ? -1.658  -9.495  -10.331 1.00 12.18 ? 25  GLN A CB  1 
ATOM   165 C CG  . GLN A 1 25  ? -0.558  -9.035  -11.274 1.00 19.83 ? 25  GLN A CG  1 
ATOM   166 C CD  . GLN A 1 25  ? -0.951  -8.510  -12.641 1.00 21.62 ? 25  GLN A CD  1 
ATOM   167 O OE1 . GLN A 1 25  ? -1.692  -9.150  -13.407 1.00 23.96 ? 25  GLN A OE1 1 
ATOM   168 N NE2 . GLN A 1 25  ? -0.483  -7.284  -12.982 1.00 20.67 ? 25  GLN A NE2 1 
ATOM   169 N N   . TYR A 1 26  ? -3.871  -9.044  -8.073  1.00 9.78  ? 26  TYR A N   1 
ATOM   170 C CA  . TYR A 1 26  ? -4.954  -9.674  -7.261  1.00 11.20 ? 26  TYR A CA  1 
ATOM   171 C C   . TYR A 1 26  ? -6.327  -9.044  -7.509  1.00 10.23 ? 26  TYR A C   1 
ATOM   172 O O   . TYR A 1 26  ? -7.336  -9.753  -7.589  1.00 11.34 ? 26  TYR A O   1 
ATOM   173 C CB  . TYR A 1 26  ? -4.702  -9.571  -5.732  1.00 10.37 ? 26  TYR A CB  1 
ATOM   174 C CG  . TYR A 1 26  ? -3.717  -10.549 -5.207  1.00 13.51 ? 26  TYR A CG  1 
ATOM   175 C CD1 . TYR A 1 26  ? -2.379  -10.181 -5.011  1.00 13.82 ? 26  TYR A CD1 1 
ATOM   176 C CD2 . TYR A 1 26  ? -4.124  -11.854 -4.901  1.00 16.08 ? 26  TYR A CD2 1 
ATOM   177 C CE1 . TYR A 1 26  ? -1.457  -11.083 -4.493  1.00 17.60 ? 26  TYR A CE1 1 
ATOM   178 C CE2 . TYR A 1 26  ? -3.209  -12.786 -4.410  1.00 18.14 ? 26  TYR A CE2 1 
ATOM   179 C CZ  . TYR A 1 26  ? -1.880  -12.384 -4.193  1.00 20.03 ? 26  TYR A CZ  1 
ATOM   180 O OH  . TYR A 1 26  ? -0.987  -13.320 -3.695  1.00 23.05 ? 26  TYR A OH  1 
ATOM   181 N N   . TYR A 1 27  ? -6.280  -7.721  -7.561  1.00 9.95  ? 27  TYR A N   1 
ATOM   182 C CA  . TYR A 1 27  ? -7.530  -6.929  -7.722  1.00 11.96 ? 27  TYR A CA  1 
ATOM   183 C C   . TYR A 1 27  ? -8.286  -7.286  -8.986  1.00 13.00 ? 27  TYR A C   1 
ATOM   184 O O   . TYR A 1 27  ? -9.488  -7.510  -9.012  1.00 12.13 ? 27  TYR A O   1 
ATOM   185 C CB  . TYR A 1 27  ? -7.139  -5.433  -7.695  1.00 13.23 ? 27  TYR A CB  1 
ATOM   186 C CG  . TYR A 1 27  ? -8.294  -4.554  -8.123  1.00 15.28 ? 27  TYR A CG  1 
ATOM   187 C CD1 . TYR A 1 27  ? -9.473  -4.495  -7.379  1.00 16.62 ? 27  TYR A CD1 1 
ATOM   188 C CD2 . TYR A 1 27  ? -8.197  -3.811  -9.293  1.00 18.82 ? 27  TYR A CD2 1 
ATOM   189 C CE1 . TYR A 1 27  ? -10.533 -3.691  -7.778  1.00 17.75 ? 27  TYR A CE1 1 
ATOM   190 C CE2 . TYR A 1 27  ? -9.248  -2.984  -9.707  1.00 19.43 ? 27  TYR A CE2 1 
ATOM   191 C CZ  . TYR A 1 27  ? -10.411 -2.943  -8.943  1.00 19.82 ? 27  TYR A CZ  1 
ATOM   192 O OH  . TYR A 1 27  ? -11.418 -2.128  -9.418  1.00 22.28 ? 27  TYR A OH  1 
ATOM   193 N N   . GLN A 1 28  ? -7.506  -7.299  -10.076 1.00 14.12 ? 28  GLN A N   1 
ATOM   194 C CA  . GLN A 1 28  ? -8.027  -7.633  -11.413 1.00 15.35 ? 28  GLN A CA  1 
ATOM   195 C C   . GLN A 1 28  ? -8.453  -9.096  -11.506 1.00 15.12 ? 28  GLN A C   1 
ATOM   196 O O   . GLN A 1 28  ? -9.203  -9.413  -12.461 1.00 16.67 ? 28  GLN A O   1 
ATOM   197 C CB  . GLN A 1 28  ? -6.987  -7.306  -12.510 1.00 18.25 ? 28  GLN A CB  1 
ATOM   198 C CG  . GLN A 1 28  ? -6.653  -5.829  -12.572 1.00 23.12 ? 28  GLN A CG  1 
ATOM   199 C CD  . GLN A 1 28  ? -5.895  -5.475  -13.839 1.00 26.27 ? 28  GLN A CD  1 
ATOM   200 O OE1 . GLN A 1 28  ? -6.364  -4.601  -14.581 1.00 30.40 ? 28  GLN A OE1 1 
ATOM   201 N NE2 . GLN A 1 28  ? -4.768  -6.139  -14.072 1.00 26.78 ? 28  GLN A NE2 1 
ATOM   202 N N   . ASN A 1 29  ? -7.998  -9.960  -10.652 1.00 14.61 ? 29  ASN A N   1 
ATOM   203 C CA  . ASN A 1 29  ? -8.338  -11.378 -10.640 1.00 15.58 ? 29  ASN A CA  1 
ATOM   204 C C   . ASN A 1 29  ? -9.448  -11.658 -9.613  1.00 12.60 ? 29  ASN A C   1 
ATOM   205 O O   . ASN A 1 29  ? -9.782  -12.830 -9.429  1.00 12.83 ? 29  ASN A O   1 
ATOM   206 C CB  . ASN A 1 29  ? -7.074  -12.238 -10.379 1.00 18.17 ? 29  ASN A CB  1 
ATOM   207 C CG  . ASN A 1 29  ? -6.301  -12.292 -11.704 1.00 23.06 ? 29  ASN A CG  1 
ATOM   208 O OD1 . ASN A 1 29  ? -6.839  -12.999 -12.598 1.00 26.33 ? 29  ASN A OD1 1 
ATOM   209 N ND2 . ASN A 1 29  ? -5.196  -11.598 -11.899 1.00 22.79 ? 29  ASN A ND2 1 
ATOM   210 N N   . ASP A 1 30  ? -9.902  -10.626 -8.966  1.00 12.38 ? 30  ASP A N   1 
ATOM   211 C CA  . ASP A 1 30  ? -10.943 -10.768 -7.913  1.00 13.15 ? 30  ASP A CA  1 
ATOM   212 C C   . ASP A 1 30  ? -10.556 -11.755 -6.817  1.00 12.04 ? 30  ASP A C   1 
ATOM   213 O O   . ASP A 1 30  ? -11.449 -12.441 -6.253  1.00 11.65 ? 30  ASP A O   1 
ATOM   214 C CB  . ASP A 1 30  ? -12.300 -11.173 -8.506  1.00 17.91 ? 30  ASP A CB  1 
ATOM   215 C CG  . ASP A 1 30  ? -12.964 -10.053 -9.280  1.00 22.25 ? 30  ASP A CG  1 
ATOM   216 O OD1 . ASP A 1 30  ? -13.120 -10.249 -10.505 1.00 27.20 ? 30  ASP A OD1 1 
ATOM   217 O OD2 . ASP A 1 30  ? -13.325 -9.004  -8.712  1.00 25.35 ? 30  ASP A OD2 1 
ATOM   218 N N   . ASP A 1 31  ? -9.287  -11.821 -6.543  1.00 11.10 ? 31  ASP A N   1 
ATOM   219 C CA  . ASP A 1 31  ? -8.688  -12.720 -5.556  1.00 11.05 ? 31  ASP A CA  1 
ATOM   220 C C   . ASP A 1 31  ? -8.014  -11.915 -4.434  1.00 11.35 ? 31  ASP A C   1 
ATOM   221 O O   . ASP A 1 31  ? -7.810  -10.711 -4.629  1.00 9.74  ? 31  ASP A O   1 
ATOM   222 C CB  . ASP A 1 31  ? -7.586  -13.526 -6.291  1.00 14.83 ? 31  ASP A CB  1 
ATOM   223 C CG  . ASP A 1 31  ? -8.118  -14.747 -7.008  1.00 18.52 ? 31  ASP A CG  1 
ATOM   224 O OD1 . ASP A 1 31  ? -9.198  -15.265 -6.704  1.00 18.16 ? 31  ASP A OD1 1 
ATOM   225 O OD2 . ASP A 1 31  ? -7.349  -15.196 -7.905  1.00 21.17 ? 31  ASP A OD2 1 
ATOM   226 N N   . THR A 1 32  ? -7.685  -12.642 -3.379  1.00 11.97 ? 32  THR A N   1 
ATOM   227 C CA  . THR A 1 32  ? -6.958  -12.025 -2.227  1.00 13.54 ? 32  THR A CA  1 
ATOM   228 C C   . THR A 1 32  ? -5.700  -12.870 -1.952  1.00 13.66 ? 32  THR A C   1 
ATOM   229 O O   . THR A 1 32  ? -5.720  -14.058 -2.353  1.00 13.23 ? 32  THR A O   1 
ATOM   230 C CB  . THR A 1 32  ? -7.758  -11.818 -0.900  1.00 14.27 ? 32  THR A CB  1 
ATOM   231 O OG1 . THR A 1 32  ? -8.146  -13.190 -0.498  1.00 16.68 ? 32  THR A OG1 1 
ATOM   232 C CG2 . THR A 1 32  ? -8.910  -10.830 -0.943  1.00 14.46 ? 32  THR A CG2 1 
ATOM   233 N N   . ALA A 1 33  ? -4.698  -12.277 -1.315  1.00 13.42 ? 33  ALA A N   1 
ATOM   234 C CA  . ALA A 1 33  ? -3.452  -12.983 -0.982  1.00 12.76 ? 33  ALA A CA  1 
ATOM   235 C C   . ALA A 1 33  ? -3.759  -13.912 0.204   1.00 14.10 ? 33  ALA A C   1 
ATOM   236 O O   . ALA A 1 33  ? -4.070  -13.443 1.338   1.00 13.88 ? 33  ALA A O   1 
ATOM   237 C CB  . ALA A 1 33  ? -2.327  -12.024 -0.655  1.00 10.27 ? 33  ALA A CB  1 
ATOM   238 N N   . GLY A 1 34  ? -3.721  -15.206 -0.020  1.00 14.84 ? 34  GLY A N   1 
ATOM   239 C CA  . GLY A 1 34  ? -3.994  -16.232 1.021   1.00 16.32 ? 34  GLY A CA  1 
ATOM   240 C C   . GLY A 1 34  ? -5.331  -16.105 1.717   1.00 16.56 ? 34  GLY A C   1 
ATOM   241 O O   . GLY A 1 34  ? -6.395  -15.959 1.096   1.00 18.38 ? 34  GLY A O   1 
ATOM   242 N N   . SER A 1 35  ? -5.304  -16.110 3.059   1.00 17.10 ? 35  SER A N   1 
ATOM   243 C CA  . SER A 1 35  ? -6.524  -16.002 3.868   1.00 16.75 ? 35  SER A CA  1 
ATOM   244 C C   . SER A 1 35  ? -6.888  -14.565 4.252   1.00 16.13 ? 35  SER A C   1 
ATOM   245 O O   . SER A 1 35  ? -7.945  -14.315 4.890   1.00 15.39 ? 35  SER A O   1 
ATOM   246 C CB  . SER A 1 35  ? -6.485  -16.902 5.109   1.00 19.77 ? 35  SER A CB  1 
ATOM   247 O OG  . SER A 1 35  ? -5.709  -16.388 6.180   1.00 23.07 ? 35  SER A OG  1 
ATOM   248 N N   . SER A 1 36  ? -6.010  -13.654 3.820   1.00 14.69 ? 36  SER A N   1 
ATOM   249 C CA  . SER A 1 36  ? -6.204  -12.226 4.102   1.00 13.13 ? 36  SER A CA  1 
ATOM   250 C C   . SER A 1 36  ? -7.263  -11.648 3.175   1.00 11.93 ? 36  SER A C   1 
ATOM   251 O O   . SER A 1 36  ? -7.659  -12.288 2.177   1.00 11.63 ? 36  SER A O   1 
ATOM   252 C CB  . SER A 1 36  ? -4.875  -11.469 3.883   1.00 12.96 ? 36  SER A CB  1 
ATOM   253 O OG  . SER A 1 36  ? -4.757  -11.128 2.515   1.00 11.78 ? 36  SER A OG  1 
ATOM   254 N N   . THR A 1 37  ? -7.650  -10.445 3.560   1.00 10.77 ? 37  THR A N   1 
ATOM   255 C CA  . THR A 1 37  ? -8.631  -9.661  2.793   1.00 12.31 ? 37  THR A CA  1 
ATOM   256 C C   . THR A 1 37  ? -7.962  -8.652  1.853   1.00 9.85  ? 37  THR A C   1 
ATOM   257 O O   . THR A 1 37  ? -8.648  -7.778  1.319   1.00 10.83 ? 37  THR A O   1 
ATOM   258 C CB  . THR A 1 37  ? -9.663  -8.957  3.762   1.00 14.66 ? 37  THR A CB  1 
ATOM   259 O OG1 . THR A 1 37  ? -8.838  -8.016  4.541   1.00 16.79 ? 37  THR A OG1 1 
ATOM   260 C CG2 . THR A 1 37  ? -10.440 -9.987  4.595   1.00 16.90 ? 37  THR A CG2 1 
ATOM   261 N N   . TYR A 1 38  ? -6.652  -8.829  1.661   1.00 10.16 ? 38  TYR A N   1 
ATOM   262 C CA  . TYR A 1 38  ? -5.867  -7.938  0.802   1.00 9.67  ? 38  TYR A CA  1 
ATOM   263 C C   . TYR A 1 38  ? -5.751  -8.503  -0.623  1.00 9.07  ? 38  TYR A C   1 
ATOM   264 O O   . TYR A 1 38  ? -5.535  -9.721  -0.771  1.00 10.84 ? 38  TYR A O   1 
ATOM   265 C CB  . TYR A 1 38  ? -4.420  -7.664  1.289   1.00 8.75  ? 38  TYR A CB  1 
ATOM   266 C CG  . TYR A 1 38  ? -4.396  -7.015  2.668   1.00 9.57  ? 38  TYR A CG  1 
ATOM   267 C CD1 . TYR A 1 38  ? -4.812  -5.684  2.826   1.00 9.46  ? 38  TYR A CD1 1 
ATOM   268 C CD2 . TYR A 1 38  ? -3.940  -7.747  3.761   1.00 7.92  ? 38  TYR A CD2 1 
ATOM   269 C CE1 . TYR A 1 38  ? -4.746  -5.072  4.087   1.00 11.66 ? 38  TYR A CE1 1 
ATOM   270 C CE2 . TYR A 1 38  ? -3.915  -7.164  5.025   1.00 8.97  ? 38  TYR A CE2 1 
ATOM   271 C CZ  . TYR A 1 38  ? -4.312  -5.847  5.187   1.00 11.51 ? 38  TYR A CZ  1 
ATOM   272 O OH  . TYR A 1 38  ? -4.274  -5.279  6.456   1.00 10.72 ? 38  TYR A OH  1 
ATOM   273 N N   . PRO A 1 39  ? -5.831  -7.613  -1.615  1.00 8.97  ? 39  PRO A N   1 
ATOM   274 C CA  . PRO A 1 39  ? -6.112  -6.177  -1.503  1.00 8.49  ? 39  PRO A CA  1 
ATOM   275 C C   . PRO A 1 39  ? -7.609  -5.933  -1.268  1.00 8.79  ? 39  PRO A C   1 
ATOM   276 O O   . PRO A 1 39  ? -8.481  -6.716  -1.671  1.00 8.85  ? 39  PRO A O   1 
ATOM   277 C CB  . PRO A 1 39  ? -5.669  -5.620  -2.859  1.00 8.39  ? 39  PRO A CB  1 
ATOM   278 C CG  . PRO A 1 39  ? -5.799  -6.804  -3.805  1.00 8.85  ? 39  PRO A CG  1 
ATOM   279 C CD  . PRO A 1 39  ? -5.706  -8.070  -2.996  1.00 7.24  ? 39  PRO A CD  1 
ATOM   280 N N   . HIS A 1 40  ? -7.883  -4.819  -0.564  1.00 8.67  ? 40  HIS A N   1 
ATOM   281 C CA  . HIS A 1 40  ? -9.292  -4.440  -0.328  1.00 9.37  ? 40  HIS A CA  1 
ATOM   282 C C   . HIS A 1 40  ? -9.435  -2.938  -0.407  1.00 9.04  ? 40  HIS A C   1 
ATOM   283 O O   . HIS A 1 40  ? -8.445  -2.208  -0.401  1.00 9.63  ? 40  HIS A O   1 
ATOM   284 C CB  . HIS A 1 40  ? -9.889  -4.980  0.971   1.00 10.28 ? 40  HIS A CB  1 
ATOM   285 C CG  . HIS A 1 40  ? -9.275  -4.413  2.207   1.00 11.02 ? 40  HIS A CG  1 
ATOM   286 N ND1 . HIS A 1 40  ? -9.342  -3.063  2.516   1.00 10.73 ? 40  HIS A ND1 1 
ATOM   287 C CD2 . HIS A 1 40  ? -8.604  -5.013  3.199   1.00 11.10 ? 40  HIS A CD2 1 
ATOM   288 C CE1 . HIS A 1 40  ? -8.750  -2.857  3.680   1.00 10.56 ? 40  HIS A CE1 1 
ATOM   289 N NE2 . HIS A 1 40  ? -8.288  -4.010  4.122   1.00 12.88 ? 40  HIS A NE2 1 
ATOM   290 N N   . THR A 1 41  ? -10.644 -2.462  -0.531  1.00 10.37 ? 41  THR A N   1 
ATOM   291 C CA  . THR A 1 41  ? -10.960 -1.048  -0.613  1.00 12.10 ? 41  THR A CA  1 
ATOM   292 C C   . THR A 1 41  ? -10.235 -0.243  0.455   1.00 10.56 ? 41  THR A C   1 
ATOM   293 O O   . THR A 1 41  ? -10.165 -0.684  1.591   1.00 10.97 ? 41  THR A O   1 
ATOM   294 C CB  . THR A 1 41  ? -12.508 -0.731  -0.394  1.00 13.89 ? 41  THR A CB  1 
ATOM   295 O OG1 . THR A 1 41  ? -13.213 -1.471  -1.407  1.00 17.30 ? 41  THR A OG1 1 
ATOM   296 C CG2 . THR A 1 41  ? -12.789 0.796   -0.431  1.00 15.91 ? 41  THR A CG2 1 
ATOM   297 N N   . TYR A 1 42  ? -9.791  0.913   0.045   1.00 11.20 ? 42  TYR A N   1 
ATOM   298 C CA  . TYR A 1 42  ? -9.125  1.840   0.951   1.00 11.67 ? 42  TYR A CA  1 
ATOM   299 C C   . TYR A 1 42  ? -9.923  3.156   0.951   1.00 11.36 ? 42  TYR A C   1 
ATOM   300 O O   . TYR A 1 42  ? -10.053 3.747   -0.120  1.00 11.86 ? 42  TYR A O   1 
ATOM   301 C CB  . TYR A 1 42  ? -7.647  2.133   0.524   1.00 11.23 ? 42  TYR A CB  1 
ATOM   302 C CG  . TYR A 1 42  ? -7.072  3.169   1.492   1.00 11.41 ? 42  TYR A CG  1 
ATOM   303 C CD1 . TYR A 1 42  ? -6.890  4.483   1.096   1.00 11.77 ? 42  TYR A CD1 1 
ATOM   304 C CD2 . TYR A 1 42  ? -6.810  2.839   2.815   1.00 10.91 ? 42  TYR A CD2 1 
ATOM   305 C CE1 . TYR A 1 42  ? -6.380  5.433   1.969   1.00 11.61 ? 42  TYR A CE1 1 
ATOM   306 C CE2 . TYR A 1 42  ? -6.307  3.761   3.712   1.00 11.52 ? 42  TYR A CE2 1 
ATOM   307 C CZ  . TYR A 1 42  ? -6.115  5.073   3.270   1.00 11.19 ? 42  TYR A CZ  1 
ATOM   308 O OH  . TYR A 1 42  ? -5.621  5.973   4.155   1.00 14.85 ? 42  TYR A OH  1 
ATOM   309 N N   . ASN A 1 43  ? -10.404 3.527   2.107   1.00 12.03 ? 43  ASN A N   1 
ATOM   310 C CA  . ASN A 1 43  ? -11.130 4.778   2.314   1.00 14.12 ? 43  ASN A CA  1 
ATOM   311 C C   . ASN A 1 43  ? -10.184 5.855   2.932   1.00 11.79 ? 43  ASN A C   1 
ATOM   312 O O   . ASN A 1 43  ? -9.681  5.773   4.029   1.00 11.11 ? 43  ASN A O   1 
ATOM   313 C CB  . ASN A 1 43  ? -12.370 4.635   3.231   1.00 17.81 ? 43  ASN A CB  1 
ATOM   314 C CG  . ASN A 1 43  ? -13.355 3.645   2.614   1.00 24.18 ? 43  ASN A CG  1 
ATOM   315 O OD1 . ASN A 1 43  ? -13.576 2.559   3.209   1.00 25.13 ? 43  ASN A OD1 1 
ATOM   316 N ND2 . ASN A 1 43  ? -13.939 4.006   1.455   1.00 24.20 ? 43  ASN A ND2 1 
ATOM   317 N N   . ASN A 1 44  ? -10.063 6.908   2.116   1.00 11.64 ? 44  ASN A N   1 
ATOM   318 C CA  . ASN A 1 44  ? -9.232  8.048   2.460   1.00 12.21 ? 44  ASN A CA  1 
ATOM   319 C C   . ASN A 1 44  ? -9.944  8.996   3.438   1.00 12.55 ? 44  ASN A C   1 
ATOM   320 O O   . ASN A 1 44  ? -10.093 10.195  3.185   1.00 12.81 ? 44  ASN A O   1 
ATOM   321 C CB  . ASN A 1 44  ? -8.715  8.673   1.148   1.00 14.24 ? 44  ASN A CB  1 
ATOM   322 C CG  . ASN A 1 44  ? -7.714  9.794   1.405   1.00 13.34 ? 44  ASN A CG  1 
ATOM   323 O OD1 . ASN A 1 44  ? -7.055  9.810   2.463   1.00 15.87 ? 44  ASN A OD1 1 
ATOM   324 N ND2 . ASN A 1 44  ? -7.606  10.712  0.448   1.00 13.81 ? 44  ASN A ND2 1 
ATOM   325 N N   . TYR A 1 45  ? -10.339 8.445   4.593   1.00 13.08 ? 45  TYR A N   1 
ATOM   326 C CA  . TYR A 1 45  ? -11.060 9.273   5.581   1.00 13.64 ? 45  TYR A CA  1 
ATOM   327 C C   . TYR A 1 45  ? -10.113 10.261  6.216   1.00 14.22 ? 45  TYR A C   1 
ATOM   328 O O   . TYR A 1 45  ? -10.549 11.280  6.787   1.00 14.34 ? 45  TYR A O   1 
ATOM   329 C CB  . TYR A 1 45  ? -11.849 8.437   6.590   1.00 12.15 ? 45  TYR A CB  1 
ATOM   330 C CG  . TYR A 1 45  ? -10.946 7.617   7.484   1.00 12.86 ? 45  TYR A CG  1 
ATOM   331 C CD1 . TYR A 1 45  ? -10.594 6.291   7.166   1.00 13.46 ? 45  TYR A CD1 1 
ATOM   332 C CD2 . TYR A 1 45  ? -10.417 8.193   8.630   1.00 13.49 ? 45  TYR A CD2 1 
ATOM   333 C CE1 . TYR A 1 45  ? -9.743  5.577   8.046   1.00 14.16 ? 45  TYR A CE1 1 
ATOM   334 C CE2 . TYR A 1 45  ? -9.579  7.505   9.498   1.00 14.50 ? 45  TYR A CE2 1 
ATOM   335 C CZ  . TYR A 1 45  ? -9.240  6.172   9.202   1.00 13.86 ? 45  TYR A CZ  1 
ATOM   336 O OH  . TYR A 1 45  ? -8.369  5.569   10.088  1.00 14.36 ? 45  TYR A OH  1 
ATOM   337 N N   . GLU A 1 46  ? -8.811  9.994   6.106   1.00 15.47 ? 46  GLU A N   1 
ATOM   338 C CA  . GLU A 1 46  ? -7.858  10.932  6.713   1.00 16.20 ? 46  GLU A CA  1 
ATOM   339 C C   . GLU A 1 46  ? -7.531  12.104  5.818   1.00 17.31 ? 46  GLU A C   1 
ATOM   340 O O   . GLU A 1 46  ? -6.959  13.092  6.341   1.00 18.44 ? 46  GLU A O   1 
ATOM   341 C CB  . GLU A 1 46  ? -6.563  10.207  7.112   1.00 16.50 ? 46  GLU A CB  1 
ATOM   342 C CG  . GLU A 1 46  ? -6.813  9.012   8.029   1.00 17.21 ? 46  GLU A CG  1 
ATOM   343 C CD  . GLU A 1 46  ? -5.570  8.217   8.392   1.00 17.68 ? 46  GLU A CD  1 
ATOM   344 O OE1 . GLU A 1 46  ? -5.577  7.022   8.544   1.00 15.36 ? 46  GLU A OE1 1 
ATOM   345 O OE2 . GLU A 1 46  ? -4.602  9.018   8.542   1.00 18.13 ? 46  GLU A OE2 1 
ATOM   346 N N   . GLY A 1 47  ? -7.806  12.020  4.524   1.00 17.72 ? 47  GLY A N   1 
ATOM   347 C CA  . GLY A 1 47  ? -7.478  13.198  3.691   1.00 18.08 ? 47  GLY A CA  1 
ATOM   348 C C   . GLY A 1 47  ? -6.086  13.271  3.093   1.00 17.25 ? 47  GLY A C   1 
ATOM   349 O O   . GLY A 1 47  ? -5.512  14.389  2.955   1.00 16.59 ? 47  GLY A O   1 
ATOM   350 N N   . PHE A 1 48  ? -5.550  12.144  2.697   1.00 15.52 ? 48  PHE A N   1 
ATOM   351 C CA  . PHE A 1 48  ? -4.252  12.107  1.987   1.00 15.18 ? 48  PHE A CA  1 
ATOM   352 C C   . PHE A 1 48  ? -4.527  12.812  0.616   1.00 15.58 ? 48  PHE A C   1 
ATOM   353 O O   . PHE A 1 48  ? -5.552  12.569  -0.038  1.00 15.79 ? 48  PHE A O   1 
ATOM   354 C CB  . PHE A 1 48  ? -3.693  10.699  1.688   1.00 14.01 ? 48  PHE A CB  1 
ATOM   355 C CG  . PHE A 1 48  ? -3.141  10.015  2.915   1.00 13.05 ? 48  PHE A CG  1 
ATOM   356 C CD1 . PHE A 1 48  ? -1.854  10.319  3.368   1.00 13.18 ? 48  PHE A CD1 1 
ATOM   357 C CD2 . PHE A 1 48  ? -3.929  9.074   3.601   1.00 13.65 ? 48  PHE A CD2 1 
ATOM   358 C CE1 . PHE A 1 48  ? -1.371  9.703   4.522   1.00 12.11 ? 48  PHE A CE1 1 
ATOM   359 C CE2 . PHE A 1 48  ? -3.473  8.459   4.776   1.00 12.25 ? 48  PHE A CE2 1 
ATOM   360 C CZ  . PHE A 1 48  ? -2.184  8.814   5.227   1.00 13.20 ? 48  PHE A CZ  1 
ATOM   361 N N   . ASP A 1 49  ? -3.532  13.612  0.254   1.00 14.81 ? 49  ASP A N   1 
ATOM   362 C CA  . ASP A 1 49  ? -3.547  14.334  -1.027  1.00 14.23 ? 49  ASP A CA  1 
ATOM   363 C C   . ASP A 1 49  ? -2.845  13.439  -2.053  1.00 14.03 ? 49  ASP A C   1 
ATOM   364 O O   . ASP A 1 49  ? -1.699  13.713  -2.451  1.00 14.46 ? 49  ASP A O   1 
ATOM   365 C CB  . ASP A 1 49  ? -2.945  15.724  -0.889  1.00 15.54 ? 49  ASP A CB  1 
ATOM   366 C CG  . ASP A 1 49  ? -3.682  16.719  -0.012  1.00 16.70 ? 49  ASP A CG  1 
ATOM   367 O OD1 . ASP A 1 49  ? -3.179  17.815  0.333   1.00 17.76 ? 49  ASP A OD1 1 
ATOM   368 O OD2 . ASP A 1 49  ? -4.856  16.465  0.344   1.00 17.84 ? 49  ASP A OD2 1 
ATOM   369 N N   . PHE A 1 50  ? -3.498  12.375  -2.461  1.00 13.09 ? 50  PHE A N   1 
ATOM   370 C CA  . PHE A 1 50  ? -2.946  11.445  -3.459  1.00 14.16 ? 50  PHE A CA  1 
ATOM   371 C C   . PHE A 1 50  ? -2.914  12.161  -4.836  1.00 15.28 ? 50  PHE A C   1 
ATOM   372 O O   . PHE A 1 50  ? -3.812  12.965  -5.132  1.00 16.93 ? 50  PHE A O   1 
ATOM   373 C CB  . PHE A 1 50  ? -3.691  10.118  -3.565  1.00 13.98 ? 50  PHE A CB  1 
ATOM   374 C CG  . PHE A 1 50  ? -3.667  9.244   -2.368  1.00 13.16 ? 50  PHE A CG  1 
ATOM   375 C CD1 . PHE A 1 50  ? -2.446  8.828   -1.828  1.00 14.03 ? 50  PHE A CD1 1 
ATOM   376 C CD2 . PHE A 1 50  ? -4.873  8.865   -1.787  1.00 14.61 ? 50  PHE A CD2 1 
ATOM   377 C CE1 . PHE A 1 50  ? -2.422  8.022   -0.697  1.00 13.26 ? 50  PHE A CE1 1 
ATOM   378 C CE2 . PHE A 1 50  ? -4.891  8.028   -0.657  1.00 14.44 ? 50  PHE A CE2 1 
ATOM   379 C CZ  . PHE A 1 50  ? -3.647  7.633   -0.130  1.00 14.21 ? 50  PHE A CZ  1 
ATOM   380 N N   . PRO A 1 51  ? -1.929  11.809  -5.642  1.00 15.60 ? 51  PRO A N   1 
ATOM   381 C CA  . PRO A 1 51  ? -1.747  12.372  -6.982  1.00 15.35 ? 51  PRO A CA  1 
ATOM   382 C C   . PRO A 1 51  ? -2.685  11.796  -8.027  1.00 16.59 ? 51  PRO A C   1 
ATOM   383 O O   . PRO A 1 51  ? -2.740  12.315  -9.171  1.00 16.26 ? 51  PRO A O   1 
ATOM   384 C CB  . PRO A 1 51  ? -0.293  12.032  -7.303  1.00 15.86 ? 51  PRO A CB  1 
ATOM   385 C CG  . PRO A 1 51  ? -0.032  10.736  -6.580  1.00 15.02 ? 51  PRO A CG  1 
ATOM   386 C CD  . PRO A 1 51  ? -0.852  10.843  -5.297  1.00 15.53 ? 51  PRO A CD  1 
ATOM   387 N N   . VAL A 1 52  ? -3.386  10.732  -7.684  1.00 16.21 ? 52  VAL A N   1 
ATOM   388 C CA  . VAL A 1 52  ? -4.366  10.074  -8.543  1.00 16.94 ? 52  VAL A CA  1 
ATOM   389 C C   . VAL A 1 52  ? -5.707  9.989   -7.795  1.00 17.23 ? 52  VAL A C   1 
ATOM   390 O O   . VAL A 1 52  ? -5.872  9.941   -6.572  1.00 17.88 ? 52  VAL A O   1 
ATOM   391 C CB  . VAL A 1 52  ? -3.839  8.730   -9.066  1.00 17.11 ? 52  VAL A CB  1 
ATOM   392 C CG1 . VAL A 1 52  ? -2.464  8.833   -9.715  1.00 18.06 ? 52  VAL A CG1 1 
ATOM   393 C CG2 . VAL A 1 52  ? -3.807  7.663   -7.956  1.00 16.44 ? 52  VAL A CG2 1 
ATOM   394 N N   . ASP A 1 53  ? -6.747  9.945   -8.591  1.00 18.24 ? 53  ASP A N   1 
ATOM   395 C CA  . ASP A 1 53  ? -8.151  9.831   -8.143  1.00 20.47 ? 53  ASP A CA  1 
ATOM   396 C C   . ASP A 1 53  ? -8.443  8.359   -7.803  1.00 18.44 ? 53  ASP A C   1 
ATOM   397 O O   . ASP A 1 53  ? -7.866  7.368   -8.309  1.00 18.01 ? 53  ASP A O   1 
ATOM   398 C CB  . ASP A 1 53  ? -8.925  10.512  -9.235  1.00 28.05 ? 53  ASP A CB  1 
ATOM   399 C CG  . ASP A 1 53  ? -10.372 10.378  -9.517  1.00 33.92 ? 53  ASP A CG  1 
ATOM   400 O OD1 . ASP A 1 53  ? -10.748 9.723   -10.547 1.00 36.14 ? 53  ASP A OD1 1 
ATOM   401 O OD2 . ASP A 1 53  ? -11.184 11.011  -8.752  1.00 35.65 ? 53  ASP A OD2 1 
ATOM   402 N N   . GLY A 1 54  ? -9.379  8.232   -6.881  1.00 17.17 ? 54  GLY A N   1 
ATOM   403 C CA  . GLY A 1 54  ? -9.879  6.941   -6.367  1.00 16.49 ? 54  GLY A CA  1 
ATOM   404 C C   . GLY A 1 54  ? -10.898 6.348   -7.357  1.00 16.62 ? 54  GLY A C   1 
ATOM   405 O O   . GLY A 1 54  ? -10.971 6.849   -8.514  1.00 17.20 ? 54  GLY A O   1 
ATOM   406 N N   . PRO A 1 55  ? -11.612 5.299   -6.933  1.00 15.18 ? 55  PRO A N   1 
ATOM   407 C CA  . PRO A 1 55  ? -11.523 4.645   -5.621  1.00 13.60 ? 55  PRO A CA  1 
ATOM   408 C C   . PRO A 1 55  ? -10.186 3.903   -5.507  1.00 11.00 ? 55  PRO A C   1 
ATOM   409 O O   . PRO A 1 55  ? -9.506  3.648   -6.521  1.00 9.74  ? 55  PRO A O   1 
ATOM   410 C CB  . PRO A 1 55  ? -12.702 3.676   -5.593  1.00 14.25 ? 55  PRO A CB  1 
ATOM   411 C CG  . PRO A 1 55  ? -12.933 3.331   -7.051  1.00 16.41 ? 55  PRO A CG  1 
ATOM   412 C CD  . PRO A 1 55  ? -12.612 4.640   -7.799  1.00 15.34 ? 55  PRO A CD  1 
ATOM   413 N N   . TYR A 1 56  ? -9.862  3.628   -4.252  1.00 9.88  ? 56  TYR A N   1 
ATOM   414 C CA  . TYR A 1 56  ? -8.584  2.979   -3.927  1.00 10.33 ? 56  TYR A CA  1 
ATOM   415 C C   . TYR A 1 56  ? -8.643  1.561   -3.362  1.00 9.49  ? 56  TYR A C   1 
ATOM   416 O O   . TYR A 1 56  ? -9.625  1.114   -2.775  1.00 10.55 ? 56  TYR A O   1 
ATOM   417 C CB  . TYR A 1 56  ? -7.835  3.873   -2.885  1.00 8.99  ? 56  TYR A CB  1 
ATOM   418 C CG  . TYR A 1 56  ? -7.710  5.298   -3.309  1.00 11.61 ? 56  TYR A CG  1 
ATOM   419 C CD1 . TYR A 1 56  ? -6.789  5.655   -4.308  1.00 11.42 ? 56  TYR A CD1 1 
ATOM   420 C CD2 . TYR A 1 56  ? -8.491  6.308   -2.733  1.00 12.30 ? 56  TYR A CD2 1 
ATOM   421 C CE1 . TYR A 1 56  ? -6.608  6.977   -4.710  1.00 11.14 ? 56  TYR A CE1 1 
ATOM   422 C CE2 . TYR A 1 56  ? -8.321  7.643   -3.127  1.00 12.61 ? 56  TYR A CE2 1 
ATOM   423 C CZ  . TYR A 1 56  ? -7.368  7.984   -4.107  1.00 11.61 ? 56  TYR A CZ  1 
ATOM   424 O OH  . TYR A 1 56  ? -7.285  9.287   -4.515  1.00 12.28 ? 56  TYR A OH  1 
ATOM   425 N N   . GLN A 1 57  ? -7.480  0.911   -3.500  1.00 9.29  ? 57  GLN A N   1 
ATOM   426 C CA  . GLN A 1 57  ? -7.149  -0.420  -2.988  1.00 8.97  ? 57  GLN A CA  1 
ATOM   427 C C   . GLN A 1 57  ? -5.810  -0.315  -2.203  1.00 8.61  ? 57  GLN A C   1 
ATOM   428 O O   . GLN A 1 57  ? -4.890  0.405   -2.617  1.00 9.06  ? 57  GLN A O   1 
ATOM   429 C CB  . GLN A 1 57  ? -7.038  -1.526  -4.041  1.00 7.71  ? 57  GLN A CB  1 
ATOM   430 C CG  . GLN A 1 57  ? -8.356  -1.751  -4.794  1.00 9.26  ? 57  GLN A CG  1 
ATOM   431 C CD  . GLN A 1 57  ? -9.290  -2.704  -4.030  1.00 10.85 ? 57  GLN A CD  1 
ATOM   432 O OE1 . GLN A 1 57  ? -8.833  -3.775  -3.600  1.00 12.61 ? 57  GLN A OE1 1 
ATOM   433 N NE2 . GLN A 1 57  ? -10.568 -2.384  -3.906  1.00 11.40 ? 57  GLN A NE2 1 
ATOM   434 N N   . GLU A 1 58  ? -5.771  -1.014  -1.067  1.00 7.17  ? 58  GLU A N   1 
ATOM   435 C CA  . GLU A 1 58  ? -4.532  -1.052  -0.267  1.00 7.42  ? 58  GLU A CA  1 
ATOM   436 C C   . GLU A 1 58  ? -4.050  -2.506  -0.224  1.00 6.26  ? 58  GLU A C   1 
ATOM   437 O O   . GLU A 1 58  ? -4.818  -3.483  -0.322  1.00 6.70  ? 58  GLU A O   1 
ATOM   438 C CB  . GLU A 1 58  ? -4.674  -0.525  1.151   1.00 8.78  ? 58  GLU A CB  1 
ATOM   439 C CG  . GLU A 1 58  ? -5.577  -1.396  2.021   1.00 11.83 ? 58  GLU A CG  1 
ATOM   440 C CD  . GLU A 1 58  ? -5.607  -1.075  3.477   1.00 12.43 ? 58  GLU A CD  1 
ATOM   441 O OE1 . GLU A 1 58  ? -6.619  -0.511  3.873   1.00 14.19 ? 58  GLU A OE1 1 
ATOM   442 O OE2 . GLU A 1 58  ? -4.628  -1.387  4.154   1.00 13.53 ? 58  GLU A OE2 1 
ATOM   443 N N   . PHE A 1 59  ? -2.757  -2.622  -0.106  1.00 6.39  ? 59  PHE A N   1 
ATOM   444 C CA  . PHE A 1 59  ? -2.070  -3.934  -0.091  1.00 6.31  ? 59  PHE A CA  1 
ATOM   445 C C   . PHE A 1 59  ? -0.773  -3.748  0.701   1.00 5.85  ? 59  PHE A C   1 
ATOM   446 O O   . PHE A 1 59  ? -0.172  -2.681  0.602   1.00 5.95  ? 59  PHE A O   1 
ATOM   447 C CB  . PHE A 1 59  ? -1.750  -4.302  -1.571  1.00 6.76  ? 59  PHE A CB  1 
ATOM   448 C CG  . PHE A 1 59  ? -1.357  -5.739  -1.804  1.00 6.84  ? 59  PHE A CG  1 
ATOM   449 C CD1 . PHE A 1 59  ? -2.336  -6.731  -1.742  1.00 6.18  ? 59  PHE A CD1 1 
ATOM   450 C CD2 . PHE A 1 59  ? -0.006  -6.036  -2.080  1.00 6.22  ? 59  PHE A CD2 1 
ATOM   451 C CE1 . PHE A 1 59  ? -1.938  -8.051  -1.960  1.00 7.12  ? 59  PHE A CE1 1 
ATOM   452 C CE2 . PHE A 1 59  ? 0.396   -7.352  -2.267  1.00 7.24  ? 59  PHE A CE2 1 
ATOM   453 C CZ  . PHE A 1 59  ? -0.593  -8.351  -2.218  1.00 7.74  ? 59  PHE A CZ  1 
ATOM   454 N N   . PRO A 1 60  ? -0.397  -4.731  1.515   1.00 7.11  ? 60  PRO A N   1 
ATOM   455 C CA  . PRO A 1 60  ? 0.843   -4.610  2.290   1.00 6.59  ? 60  PRO A CA  1 
ATOM   456 C C   . PRO A 1 60  ? 2.079   -4.552  1.395   1.00 6.44  ? 60  PRO A C   1 
ATOM   457 O O   . PRO A 1 60  ? 2.103   -5.114  0.283   1.00 6.79  ? 60  PRO A O   1 
ATOM   458 C CB  . PRO A 1 60  ? 0.921   -5.935  3.093   1.00 6.52  ? 60  PRO A CB  1 
ATOM   459 C CG  . PRO A 1 60  ? -0.516  -6.421  3.136   1.00 6.63  ? 60  PRO A CG  1 
ATOM   460 C CD  . PRO A 1 60  ? -1.092  -6.027  1.768   1.00 6.70  ? 60  PRO A CD  1 
ATOM   461 N N   . ILE A 1 61  ? 3.096   -3.952  1.941   1.00 6.80  ? 61  ILE A N   1 
ATOM   462 C CA  . ILE A 1 61  ? 4.460   -3.894  1.396   1.00 6.39  ? 61  ILE A CA  1 
ATOM   463 C C   . ILE A 1 61  ? 5.386   -4.287  2.562   1.00 7.48  ? 61  ILE A C   1 
ATOM   464 O O   . ILE A 1 61  ? 5.197   -3.805  3.684   1.00 6.34  ? 61  ILE A O   1 
ATOM   465 C CB  . ILE A 1 61  ? 4.879   -2.527  0.784   1.00 8.07  ? 61  ILE A CB  1 
ATOM   466 C CG1 . ILE A 1 61  ? 6.336   -2.657  0.188   1.00 6.36  ? 61  ILE A CG1 1 
ATOM   467 C CG2 . ILE A 1 61  ? 4.709   -1.348  1.791   1.00 6.81  ? 61  ILE A CG2 1 
ATOM   468 C CD1 . ILE A 1 61  ? 6.739   -1.518  -0.765  1.00 6.42  ? 61  ILE A CD1 1 
ATOM   469 N N   . LYS A 1 62  ? 6.319   -5.169  2.297   1.00 8.61  ? 62  LYS A N   1 
ATOM   470 C CA  . LYS A 1 62  ? 7.287   -5.611  3.351   1.00 9.71  ? 62  LYS A CA  1 
ATOM   471 C C   . LYS A 1 62  ? 8.659   -5.787  2.682   1.00 9.87  ? 62  LYS A C   1 
ATOM   472 O O   . LYS A 1 62  ? 8.733   -5.960  1.466   1.00 9.04  ? 62  LYS A O   1 
ATOM   473 C CB  . LYS A 1 62  ? 6.859   -6.828  4.099   1.00 12.87 ? 62  LYS A CB  1 
ATOM   474 C CG  . LYS A 1 62  ? 5.684   -7.643  3.603   1.00 18.01 ? 62  LYS A CG  1 
ATOM   475 C CD  . LYS A 1 62  ? 4.821   -8.130  4.783   1.00 19.96 ? 62  LYS A CD  1 
ATOM   476 C CE  . LYS A 1 62  ? 5.427   -9.323  5.496   1.00 24.20 ? 62  LYS A CE  1 
ATOM   477 N NZ  . LYS A 1 62  ? 5.242   -9.233  6.982   1.00 28.16 ? 62  LYS A NZ  1 
ATOM   478 N N   . SER A 1 63  ? 9.714   -5.646  3.457   1.00 10.46 ? 63  SER A N   1 
ATOM   479 C CA  . SER A 1 63  ? 11.115  -5.744  3.032   1.00 12.16 ? 63  SER A CA  1 
ATOM   480 C C   . SER A 1 63  ? 11.524  -7.098  2.443   1.00 12.65 ? 63  SER A C   1 
ATOM   481 O O   . SER A 1 63  ? 12.250  -7.176  1.465   1.00 14.67 ? 63  SER A O   1 
ATOM   482 C CB  . SER A 1 63  ? 12.005  -5.510  4.291   1.00 13.31 ? 63  SER A CB  1 
ATOM   483 O OG  . SER A 1 63  ? 11.646  -4.222  4.784   1.00 18.82 ? 63  SER A OG  1 
ATOM   484 N N   . GLY A 1 64  ? 11.012  -8.160  3.030   1.00 13.41 ? 64  GLY A N   1 
ATOM   485 C CA  . GLY A 1 64  ? 11.256  -9.539  2.706   1.00 12.99 ? 64  GLY A CA  1 
ATOM   486 C C   . GLY A 1 64  ? 10.676  -10.135 1.468   1.00 13.08 ? 64  GLY A C   1 
ATOM   487 O O   . GLY A 1 64  ? 10.986  -11.315 1.150   1.00 13.73 ? 64  GLY A O   1 
ATOM   488 N N   . GLY A 1 65  ? 9.832   -9.402  0.770   1.00 11.49 ? 65  GLY A N   1 
ATOM   489 C CA  . GLY A 1 65  ? 9.196   -9.923  -0.463  1.00 11.00 ? 65  GLY A CA  1 
ATOM   490 C C   . GLY A 1 65  ? 7.736   -9.501  -0.574  1.00 9.92  ? 65  GLY A C   1 
ATOM   491 O O   . GLY A 1 65  ? 7.135   -8.877  0.341   1.00 10.13 ? 65  GLY A O   1 
ATOM   492 N N   . VAL A 1 66  ? 7.172   -9.796  -1.713  1.00 8.53  ? 67  VAL A N   1 
ATOM   493 C CA  . VAL A 1 66  ? 5.770   -9.489  -2.040  1.00 8.66  ? 67  VAL A CA  1 
ATOM   494 C C   . VAL A 1 66  ? 4.921   -10.293 -1.031  1.00 7.77  ? 67  VAL A C   1 
ATOM   495 O O   . VAL A 1 66  ? 5.237   -11.442 -0.687  1.00 9.65  ? 67  VAL A O   1 
ATOM   496 C CB  . VAL A 1 66  ? 5.498   -9.832  -3.517  1.00 9.09  ? 67  VAL A CB  1 
ATOM   497 C CG1 . VAL A 1 66  ? 4.025   -9.741  -3.852  1.00 9.91  ? 67  VAL A CG1 1 
ATOM   498 C CG2 . VAL A 1 66  ? 6.368   -8.983  -4.431  1.00 8.76  ? 67  VAL A CG2 1 
ATOM   499 N N   . TYR A 1 67  ? 3.894   -9.639  -0.560  1.00 7.37  ? 68  TYR A N   1 
ATOM   500 C CA  . TYR A 1 67  ? 2.974   -10.230 0.387   1.00 8.17  ? 68  TYR A CA  1 
ATOM   501 C C   . TYR A 1 67  ? 2.167   -11.372 -0.274  1.00 8.53  ? 68  TYR A C   1 
ATOM   502 O O   . TYR A 1 67  ? 1.586   -11.176 -1.334  1.00 9.57  ? 68  TYR A O   1 
ATOM   503 C CB  . TYR A 1 67  ? 2.044   -9.140  0.903   1.00 6.73  ? 68  TYR A CB  1 
ATOM   504 C CG  . TYR A 1 67  ? 1.019   -9.650  1.939   1.00 6.99  ? 68  TYR A CG  1 
ATOM   505 C CD1 . TYR A 1 67  ? -0.304  -9.805  1.555   1.00 7.00  ? 68  TYR A CD1 1 
ATOM   506 C CD2 . TYR A 1 67  ? 1.395   -9.906  3.254   1.00 6.97  ? 68  TYR A CD2 1 
ATOM   507 C CE1 . TYR A 1 67  ? -1.255  -10.200 2.465   1.00 7.98  ? 68  TYR A CE1 1 
ATOM   508 C CE2 . TYR A 1 67  ? 0.432   -10.290 4.196   1.00 7.09  ? 68  TYR A CE2 1 
ATOM   509 C CZ  . TYR A 1 67  ? -0.886  -10.413 3.805   1.00 7.38  ? 68  TYR A CZ  1 
ATOM   510 O OH  . TYR A 1 67  ? -1.826  -10.851 4.685   1.00 8.43  ? 68  TYR A OH  1 
ATOM   511 N N   . THR A 1 68  ? 2.157   -12.473 0.475   1.00 10.54 ? 69  THR A N   1 
ATOM   512 C CA  . THR A 1 68  ? 1.405   -13.656 0.058   1.00 12.56 ? 69  THR A CA  1 
ATOM   513 C C   . THR A 1 68  ? 0.390   -14.117 1.090   1.00 13.18 ? 69  THR A C   1 
ATOM   514 O O   . THR A 1 68  ? -0.342  -15.102 0.830   1.00 15.00 ? 69  THR A O   1 
ATOM   515 C CB  . THR A 1 68  ? 2.420   -14.828 -0.359  1.00 12.50 ? 69  THR A CB  1 
ATOM   516 O OG1 . THR A 1 68  ? 3.300   -15.113 0.729   1.00 14.88 ? 69  THR A OG1 1 
ATOM   517 C CG2 . THR A 1 68  ? 3.169   -14.410 -1.619  1.00 15.39 ? 69  THR A CG2 1 
ATOM   518 N N   . GLY A 1 69  ? 0.279   -13.454 2.222   1.00 12.55 ? 70  GLY A N   1 
ATOM   519 C CA  . GLY A 1 69  ? -0.609  -13.801 3.332   1.00 12.08 ? 70  GLY A CA  1 
ATOM   520 C C   . GLY A 1 69  ? 0.216   -13.703 4.640   1.00 12.18 ? 70  GLY A C   1 
ATOM   521 O O   . GLY A 1 69  ? 1.448   -13.397 4.628   1.00 11.36 ? 70  GLY A O   1 
ATOM   522 N N   . GLY A 1 70  ? -0.531  -13.918 5.737   1.00 11.11 ? 71  GLY A N   1 
ATOM   523 C CA  . GLY A 1 70  ? 0.133   -13.858 7.062   1.00 9.19  ? 71  GLY A CA  1 
ATOM   524 C C   . GLY A 1 70  ? 0.073   -12.388 7.531   1.00 9.07  ? 71  GLY A C   1 
ATOM   525 O O   . GLY A 1 70  ? -0.697  -11.531 7.076   1.00 9.31  ? 71  GLY A O   1 
ATOM   526 N N   . SER A 1 71  ? 0.908   -12.152 8.520   1.00 9.64  ? 72  SER A N   1 
ATOM   527 C CA  . SER A 1 71  ? 0.913   -10.804 9.141   1.00 10.56 ? 72  SER A CA  1 
ATOM   528 C C   . SER A 1 71  ? 1.352   -9.783  8.091   1.00 9.19  ? 72  SER A C   1 
ATOM   529 O O   . SER A 1 71  ? 2.428   -9.916  7.484   1.00 9.64  ? 72  SER A O   1 
ATOM   530 C CB  . SER A 1 71  ? 1.833   -10.840 10.357  1.00 12.78 ? 72  SER A CB  1 
ATOM   531 O OG  . SER A 1 71  ? 1.823   -9.483  10.904  1.00 21.98 ? 72  SER A OG  1 
ATOM   532 N N   . PRO A 1 72  ? 0.541   -8.757  7.887   1.00 8.18  ? 73  PRO A N   1 
ATOM   533 C CA  . PRO A 1 72  ? 0.873   -7.723  6.914   1.00 8.73  ? 73  PRO A CA  1 
ATOM   534 C C   . PRO A 1 72  ? 1.898   -6.664  7.364   1.00 7.75  ? 73  PRO A C   1 
ATOM   535 O O   . PRO A 1 72  ? 2.358   -5.870  6.494   1.00 8.10  ? 73  PRO A O   1 
ATOM   536 C CB  . PRO A 1 72  ? -0.498  -7.065  6.672   1.00 8.58  ? 73  PRO A CB  1 
ATOM   537 C CG  . PRO A 1 72  ? -1.169  -7.164  8.036   1.00 9.39  ? 73  PRO A CG  1 
ATOM   538 C CD  . PRO A 1 72  ? -0.774  -8.530  8.538   1.00 8.64  ? 73  PRO A CD  1 
ATOM   539 N N   . GLY A 1 73  ? 2.225   -6.574  8.639   1.00 8.05  ? 74  GLY A N   1 
ATOM   540 C CA  . GLY A 1 73  ? 3.201   -5.478  8.984   1.00 7.57  ? 74  GLY A CA  1 
ATOM   541 C C   . GLY A 1 73  ? 2.423   -4.169  9.018   1.00 7.74  ? 74  GLY A C   1 
ATOM   542 O O   . GLY A 1 73  ? 1.188   -4.091  8.929   1.00 7.78  ? 74  GLY A O   1 
ATOM   543 N N   . ALA A 1 74  ? 3.215   -3.084  9.150   1.00 7.16  ? 75  ALA A N   1 
ATOM   544 C CA  . ALA A 1 74  ? 2.640   -1.725  9.289   1.00 6.45  ? 75  ALA A CA  1 
ATOM   545 C C   . ALA A 1 74  ? 2.500   -0.918  8.041   1.00 6.18  ? 75  ALA A C   1 
ATOM   546 O O   . ALA A 1 74  ? 1.866   0.145   8.105   1.00 6.15  ? 75  ALA A O   1 
ATOM   547 C CB  . ALA A 1 74  ? 3.571   -0.901  10.230  1.00 6.32  ? 75  ALA A CB  1 
ATOM   548 N N   . ASP A 1 75  ? 3.094   -1.367  6.938   1.00 5.70  ? 76  ASP A N   1 
ATOM   549 C CA  . ASP A 1 75  ? 3.134   -0.598  5.691   1.00 6.45  ? 76  ASP A CA  1 
ATOM   550 C C   . ASP A 1 75  ? 2.217   -1.123  4.565   1.00 5.62  ? 76  ASP A C   1 
ATOM   551 O O   . ASP A 1 75  ? 2.053   -2.339  4.436   1.00 5.44  ? 76  ASP A O   1 
ATOM   552 C CB  . ASP A 1 75  ? 4.582   -0.495  5.168   1.00 5.93  ? 76  ASP A CB  1 
ATOM   553 C CG  . ASP A 1 75  ? 5.570   -0.169  6.284   1.00 7.88  ? 76  ASP A CG  1 
ATOM   554 O OD1 . ASP A 1 75  ? 5.243   0.556   7.238   1.00 6.99  ? 76  ASP A OD1 1 
ATOM   555 O OD2 . ASP A 1 75  ? 6.711   -0.660  6.190   1.00 8.71  ? 76  ASP A OD2 1 
ATOM   556 N N   . ARG A 1 76  ? 1.721   -0.131  3.827   1.00 5.00  ? 77  ARG A N   1 
ATOM   557 C CA  . ARG A 1 76  ? 0.843   -0.436  2.686   1.00 6.62  ? 77  ARG A CA  1 
ATOM   558 C C   . ARG A 1 76  ? 1.156   0.471   1.471   1.00 5.79  ? 77  ARG A C   1 
ATOM   559 O O   . ARG A 1 76  ? 1.590   1.627   1.611   1.00 6.14  ? 77  ARG A O   1 
ATOM   560 C CB  . ARG A 1 76  ? -0.655  -0.181  2.992   1.00 6.95  ? 77  ARG A CB  1 
ATOM   561 C CG  . ARG A 1 76  ? -1.188  -0.704  4.302   1.00 7.94  ? 77  ARG A CG  1 
ATOM   562 C CD  . ARG A 1 76  ? -1.506  -2.185  4.259   1.00 7.77  ? 77  ARG A CD  1 
ATOM   563 N NE  . ARG A 1 76  ? -1.988  -2.539  5.594   1.00 7.82  ? 77  ARG A NE  1 
ATOM   564 C CZ  . ARG A 1 76  ? -1.201  -2.962  6.560   1.00 7.56  ? 77  ARG A CZ  1 
ATOM   565 N NH1 . ARG A 1 76  ? 0.108   -3.127  6.404   1.00 7.70  ? 77  ARG A NH1 1 
ATOM   566 N NH2 . ARG A 1 76  ? -1.747  -3.346  7.716   1.00 8.67  ? 77  ARG A NH2 1 
ATOM   567 N N   . VAL A 1 77  ? 0.861   -0.148  0.328   1.00 5.00  ? 78  VAL A N   1 
ATOM   568 C CA  . VAL A 1 77  ? 0.883   0.601   -0.952  1.00 5.88  ? 78  VAL A CA  1 
ATOM   569 C C   . VAL A 1 77  ? -0.617  0.844   -1.253  1.00 5.00  ? 78  VAL A C   1 
ATOM   570 O O   . VAL A 1 77  ? -1.490  0.038   -0.843  1.00 5.56  ? 78  VAL A O   1 
ATOM   571 C CB  . VAL A 1 77  ? 1.603   -0.060  -2.113  1.00 6.08  ? 78  VAL A CB  1 
ATOM   572 C CG1 . VAL A 1 77  ? 3.118   -0.056  -1.844  1.00 8.43  ? 78  VAL A CG1 1 
ATOM   573 C CG2 . VAL A 1 77  ? 1.065   -1.397  -2.509  1.00 6.93  ? 78  VAL A CG2 1 
ATOM   574 N N   . VAL A 1 78  ? -0.853  1.960   -1.888  1.00 5.79  ? 79  VAL A N   1 
ATOM   575 C CA  . VAL A 1 78  ? -2.206  2.355   -2.307  1.00 7.33  ? 79  VAL A CA  1 
ATOM   576 C C   . VAL A 1 78  ? -2.200  2.575   -3.844  1.00 8.25  ? 79  VAL A C   1 
ATOM   577 O O   . VAL A 1 78  ? -1.398  3.346   -4.375  1.00 8.08  ? 79  VAL A O   1 
ATOM   578 C CB  . VAL A 1 78  ? -2.757  3.583   -1.563  1.00 8.90  ? 79  VAL A CB  1 
ATOM   579 C CG1 . VAL A 1 78  ? -4.218  3.888   -1.977  1.00 8.17  ? 79  VAL A CG1 1 
ATOM   580 C CG2 . VAL A 1 78  ? -2.677  3.491   -0.041  1.00 7.99  ? 79  VAL A CG2 1 
ATOM   581 N N   . ILE A 1 79  ? -3.131  1.876   -4.460  1.00 8.52  ? 80  ILE A N   1 
ATOM   582 C CA  . ILE A 1 79  ? -3.322  1.988   -5.942  1.00 9.21  ? 80  ILE A CA  1 
ATOM   583 C C   . ILE A 1 79  ? -4.801  2.325   -6.179  1.00 9.84  ? 80  ILE A C   1 
ATOM   584 O O   . ILE A 1 79  ? -5.654  2.126   -5.281  1.00 9.32  ? 80  ILE A O   1 
ATOM   585 C CB  . ILE A 1 79  ? -2.909  0.677   -6.719  1.00 9.27  ? 80  ILE A CB  1 
ATOM   586 C CG1 . ILE A 1 79  ? -3.822  -0.520  -6.301  1.00 9.01  ? 80  ILE A CG1 1 
ATOM   587 C CG2 . ILE A 1 79  ? -1.409  0.299   -6.618  1.00 9.37  ? 80  ILE A CG2 1 
ATOM   588 C CD1 . ILE A 1 79  ? -3.774  -1.757  -7.271  1.00 8.21  ? 80  ILE A CD1 1 
ATOM   589 N N   . ASN A 1 80  ? -5.113  2.844   -7.385  1.00 10.19 ? 81  ASN A N   1 
ATOM   590 C CA  . ASN A 1 80  ? -6.519  3.116   -7.738  1.00 10.86 ? 81  ASN A CA  1 
ATOM   591 C C   . ASN A 1 80  ? -6.978  1.915   -8.588  1.00 11.23 ? 81  ASN A C   1 
ATOM   592 O O   . ASN A 1 80  ? -6.167  1.003   -8.822  1.00 10.80 ? 81  ASN A O   1 
ATOM   593 C CB  . ASN A 1 80  ? -6.825  4.481   -8.340  1.00 11.83 ? 81  ASN A CB  1 
ATOM   594 C CG  . ASN A 1 80  ? -6.277  4.635   -9.769  1.00 11.89 ? 81  ASN A CG  1 
ATOM   595 O OD1 . ASN A 1 80  ? -5.907  3.659   -10.438 1.00 12.66 ? 81  ASN A OD1 1 
ATOM   596 N ND2 . ASN A 1 80  ? -6.247  5.905   -10.202 1.00 13.50 ? 81  ASN A ND2 1 
ATOM   597 N N   . THR A 1 81  ? -8.218  1.944   -9.001  1.00 12.50 ? 82  THR A N   1 
ATOM   598 C CA  . THR A 1 81  ? -8.882  0.845   -9.725  1.00 15.75 ? 82  THR A CA  1 
ATOM   599 C C   . THR A 1 81  ? -8.352  0.634   -11.123 1.00 15.65 ? 82  THR A C   1 
ATOM   600 O O   . THR A 1 81  ? -8.671  -0.390  -11.779 1.00 16.53 ? 82  THR A O   1 
ATOM   601 C CB  . THR A 1 81  ? -10.461 0.847   -9.564  1.00 16.06 ? 82  THR A CB  1 
ATOM   602 O OG1 . THR A 1 81  ? -10.978 2.109   -10.056 1.00 19.43 ? 82  THR A OG1 1 
ATOM   603 C CG2 . THR A 1 81  ? -10.923 0.557   -8.139  1.00 17.04 ? 82  THR A CG2 1 
ATOM   604 N N   . ASN A 1 82  ? -7.498  1.553   -11.545 1.00 15.69 ? 83  ASN A N   1 
ATOM   605 C CA  . ASN A 1 82  ? -6.821  1.464   -12.840 1.00 15.57 ? 83  ASN A CA  1 
ATOM   606 C C   . ASN A 1 82  ? -5.369  1.033   -12.648 1.00 14.05 ? 83  ASN A C   1 
ATOM   607 O O   . ASN A 1 82  ? -4.538  1.083   -13.567 1.00 13.26 ? 83  ASN A O   1 
ATOM   608 C CB  . ASN A 1 82  ? -6.907  2.814   -13.573 1.00 20.77 ? 83  ASN A CB  1 
ATOM   609 C CG  . ASN A 1 82  ? -8.300  2.894   -14.219 1.00 24.17 ? 83  ASN A CG  1 
ATOM   610 O OD1 . ASN A 1 82  ? -9.125  3.700   -13.773 1.00 27.96 ? 83  ASN A OD1 1 
ATOM   611 N ND2 . ASN A 1 82  ? -8.463  2.025   -15.219 1.00 25.26 ? 83  ASN A ND2 1 
ATOM   612 N N   . CYS A 1 83  ? -5.043  0.686   -11.408 1.00 12.45 ? 84  CYS A N   1 
ATOM   613 C CA  . CYS A 1 83  ? -3.693  0.281   -11.045 1.00 11.44 ? 84  CYS A CA  1 
ATOM   614 C C   . CYS A 1 83  ? -2.670  1.420   -11.125 1.00 11.77 ? 84  CYS A C   1 
ATOM   615 O O   . CYS A 1 83  ? -1.474  1.135   -11.321 1.00 13.22 ? 84  CYS A O   1 
ATOM   616 C CB  . CYS A 1 83  ? -3.229  -0.941  -11.849 1.00 11.31 ? 84  CYS A CB  1 
ATOM   617 S SG  . CYS A 1 83  ? -4.304  -2.348  -11.423 1.00 10.72 ? 84  CYS A SG  1 
ATOM   618 N N   . GLU A 1 84  ? -3.150  2.639   -11.020 1.00 11.84 ? 85  GLU A N   1 
ATOM   619 C CA  . GLU A 1 84  ? -2.270  3.823   -10.980 1.00 12.63 ? 85  GLU A CA  1 
ATOM   620 C C   . GLU A 1 84  ? -1.795  3.880   -9.492  1.00 12.59 ? 85  GLU A C   1 
ATOM   621 O O   . GLU A 1 84  ? -2.592  3.664   -8.553  1.00 10.60 ? 85  GLU A O   1 
ATOM   622 C CB  . GLU A 1 84  ? -2.964  5.117   -11.325 1.00 14.54 ? 85  GLU A CB  1 
ATOM   623 C CG  . GLU A 1 84  ? -3.383  5.456   -12.731 1.00 18.82 ? 85  GLU A CG  1 
ATOM   624 C CD  . GLU A 1 84  ? -4.491  6.374   -13.057 1.00 20.03 ? 85  GLU A CD  1 
ATOM   625 O OE1 . GLU A 1 84  ? -4.945  6.538   -14.186 1.00 26.01 ? 85  GLU A OE1 1 
ATOM   626 O OE2 . GLU A 1 84  ? -5.048  7.031   -12.169 1.00 23.18 ? 85  GLU A OE2 1 
ATOM   627 N N   . TYR A 1 85  ? -0.500  4.076   -9.332  1.00 11.63 ? 86  TYR A N   1 
ATOM   628 C CA  . TYR A 1 85  ? 0.103   4.187   -7.991  1.00 10.96 ? 86  TYR A CA  1 
ATOM   629 C C   . TYR A 1 85  ? -0.347  5.473   -7.318  1.00 10.84 ? 86  TYR A C   1 
ATOM   630 O O   . TYR A 1 85  ? -0.191  6.600   -7.861  1.00 11.00 ? 86  TYR A O   1 
ATOM   631 C CB  . TYR A 1 85  ? 1.646   4.121   -8.109  1.00 10.49 ? 86  TYR A CB  1 
ATOM   632 C CG  . TYR A 1 85  ? 2.334   4.211   -6.762  1.00 9.78  ? 86  TYR A CG  1 
ATOM   633 C CD1 . TYR A 1 85  ? 3.012   5.373   -6.370  1.00 10.44 ? 86  TYR A CD1 1 
ATOM   634 C CD2 . TYR A 1 85  ? 2.272   3.140   -5.862  1.00 9.53  ? 86  TYR A CD2 1 
ATOM   635 C CE1 . TYR A 1 85  ? 3.628   5.441   -5.117  1.00 10.56 ? 86  TYR A CE1 1 
ATOM   636 C CE2 . TYR A 1 85  ? 2.866   3.205   -4.622  1.00 9.80  ? 86  TYR A CE2 1 
ATOM   637 C CZ  . TYR A 1 85  ? 3.536   4.369   -4.232  1.00 10.37 ? 86  TYR A CZ  1 
ATOM   638 O OH  . TYR A 1 85  ? 4.123   4.393   -3.011  1.00 10.37 ? 86  TYR A OH  1 
ATOM   639 N N   . ALA A 1 86  ? -0.898  5.371   -6.116  1.00 9.86  ? 87  ALA A N   1 
ATOM   640 C CA  . ALA A 1 86  ? -1.342  6.555   -5.361  1.00 9.35  ? 87  ALA A CA  1 
ATOM   641 C C   . ALA A 1 86  ? -0.335  6.961   -4.288  1.00 9.77  ? 87  ALA A C   1 
ATOM   642 O O   . ALA A 1 86  ? -0.157  8.175   -4.010  1.00 9.62  ? 87  ALA A O   1 
ATOM   643 C CB  . ALA A 1 86  ? -2.709  6.357   -4.746  1.00 9.78  ? 87  ALA A CB  1 
ATOM   644 N N   . GLY A 1 87  ? 0.269   5.975   -3.622  1.00 8.28  ? 88  GLY A N   1 
ATOM   645 C CA  . GLY A 1 87  ? 1.263   6.329   -2.553  1.00 7.64  ? 88  GLY A CA  1 
ATOM   646 C C   . GLY A 1 87  ? 1.502   5.181   -1.598  1.00 6.60  ? 88  GLY A C   1 
ATOM   647 O O   . GLY A 1 87  ? 1.007   4.043   -1.817  1.00 7.42  ? 88  GLY A O   1 
ATOM   648 N N   . ALA A 1 88  ? 2.292   5.504   -0.572  1.00 5.58  ? 89  ALA A N   1 
ATOM   649 C CA  . ALA A 1 88  ? 2.649   4.515   0.468   1.00 6.57  ? 89  ALA A CA  1 
ATOM   650 C C   . ALA A 1 88  ? 2.275   5.098   1.843   1.00 5.69  ? 89  ALA A C   1 
ATOM   651 O O   . ALA A 1 88  ? 2.604   6.265   2.056   1.00 5.92  ? 89  ALA A O   1 
ATOM   652 C CB  . ALA A 1 88  ? 4.090   4.034   0.377   1.00 5.00  ? 89  ALA A CB  1 
ATOM   653 N N   . ILE A 1 89  ? 1.579   4.273   2.636   1.00 5.15  ? 90  ILE A N   1 
ATOM   654 C CA  . ILE A 1 89  ? 1.187   4.706   4.002   1.00 6.20  ? 90  ILE A CA  1 
ATOM   655 C C   . ILE A 1 89  ? 1.623   3.693   5.055   1.00 5.18  ? 90  ILE A C   1 
ATOM   656 O O   . ILE A 1 89  ? 1.917   2.515   4.776   1.00 5.00  ? 90  ILE A O   1 
ATOM   657 C CB  . ILE A 1 89  ? -0.340  4.986   4.059   1.00 6.37  ? 90  ILE A CB  1 
ATOM   658 C CG1 . ILE A 1 89  ? -1.072  3.660   3.713   1.00 8.11  ? 90  ILE A CG1 1 
ATOM   659 C CG2 . ILE A 1 89  ? -0.724  6.157   3.113   1.00 7.93  ? 90  ILE A CG2 1 
ATOM   660 C CD1 . ILE A 1 89  ? -2.629  3.768   3.921   1.00 9.38  ? 90  ILE A CD1 1 
ATOM   661 N N   . THR A 1 90  ? 1.701   4.178   6.304   1.00 5.00  ? 91  THR A N   1 
ATOM   662 C CA  . THR A 1 90  ? 2.149   3.310   7.384   1.00 5.94  ? 91  THR A CA  1 
ATOM   663 C C   . THR A 1 90  ? 1.465   3.588   8.709   1.00 5.43  ? 91  THR A C   1 
ATOM   664 O O   . THR A 1 90  ? 1.098   4.744   8.967   1.00 6.13  ? 91  THR A O   1 
ATOM   665 C CB  . THR A 1 90  ? 3.730   3.507   7.572   1.00 5.60  ? 91  THR A CB  1 
ATOM   666 O OG1 . THR A 1 90  ? 4.153   2.558   8.558   1.00 6.34  ? 91  THR A OG1 1 
ATOM   667 C CG2 . THR A 1 90  ? 4.160   4.946   7.895   1.00 5.36  ? 91  THR A CG2 1 
ATOM   668 N N   . HIS A 1 91  ? 1.314   2.547   9.522   1.00 6.91  ? 92  HIS A N   1 
ATOM   669 C CA  . HIS A 1 91  ? 0.744   2.736   10.884  1.00 6.48  ? 92  HIS A CA  1 
ATOM   670 C C   . HIS A 1 91  ? 1.841   3.312   11.798  1.00 7.92  ? 92  HIS A C   1 
ATOM   671 O O   . HIS A 1 91  ? 1.631   3.777   12.940  1.00 7.44  ? 92  HIS A O   1 
ATOM   672 C CB  . HIS A 1 91  ? 0.350   1.354   11.424  1.00 8.04  ? 92  HIS A CB  1 
ATOM   673 C CG  . HIS A 1 91  ? -1.017  0.919   10.977  1.00 10.23 ? 92  HIS A CG  1 
ATOM   674 N ND1 . HIS A 1 91  ? -2.218  1.574   11.142  1.00 10.78 ? 92  HIS A ND1 1 
ATOM   675 C CD2 . HIS A 1 91  ? -1.333  -0.253  10.347  1.00 10.21 ? 92  HIS A CD2 1 
ATOM   676 C CE1 . HIS A 1 91  ? -3.208  0.868   10.633  1.00 11.05 ? 92  HIS A CE1 1 
ATOM   677 N NE2 . HIS A 1 91  ? -2.698  -0.255  10.162  1.00 10.85 ? 92  HIS A NE2 1 
ATOM   678 N N   . THR A 1 92  ? 3.088   3.161   11.340  1.00 7.19  ? 93  THR A N   1 
ATOM   679 C CA  . THR A 1 92  ? 4.248   3.642   12.125  1.00 7.88  ? 93  THR A CA  1 
ATOM   680 C C   . THR A 1 92  ? 4.211   5.155   12.238  1.00 6.69  ? 93  THR A C   1 
ATOM   681 O O   . THR A 1 92  ? 4.278   5.884   11.239  1.00 7.54  ? 93  THR A O   1 
ATOM   682 C CB  . THR A 1 92  ? 5.624   3.103   11.560  1.00 7.80  ? 93  THR A CB  1 
ATOM   683 O OG1 . THR A 1 92  ? 5.408   1.678   11.508  1.00 6.88  ? 93  THR A OG1 1 
ATOM   684 C CG2 . THR A 1 92  ? 6.807   3.473   12.475  1.00 8.30  ? 93  THR A CG2 1 
ATOM   685 N N   . GLY A 1 93  ? 4.078   5.588   13.499  1.00 7.17  ? 94  GLY A N   1 
ATOM   686 C CA  . GLY A 1 93  ? 4.023   7.045   13.760  1.00 9.26  ? 94  GLY A CA  1 
ATOM   687 C C   . GLY A 1 93  ? 2.620   7.623   13.747  1.00 9.10  ? 94  GLY A C   1 
ATOM   688 O O   . GLY A 1 93  ? 2.465   8.865   13.865  1.00 7.57  ? 94  GLY A O   1 
ATOM   689 N N   . ALA A 1 94  ? 1.643   6.743   13.584  1.00 8.84  ? 95  ALA A N   1 
ATOM   690 C CA  . ALA A 1 94  ? 0.207   7.152   13.599  1.00 8.77  ? 95  ALA A CA  1 
ATOM   691 C C   . ALA A 1 94  ? -0.384  6.714   14.948  1.00 10.13 ? 95  ALA A C   1 
ATOM   692 O O   . ALA A 1 94  ? 0.161   5.800   15.614  1.00 10.73 ? 95  ALA A O   1 
ATOM   693 C CB  . ALA A 1 94  ? -0.509  6.406   12.464  1.00 7.08  ? 95  ALA A CB  1 
ATOM   694 N N   . SER A 1 95  ? -1.491  7.308   15.348  1.00 11.35 ? 96  SER A N   1 
ATOM   695 C CA  . SER A 1 95  ? -2.133  6.832   16.618  1.00 13.32 ? 96  SER A CA  1 
ATOM   696 C C   . SER A 1 95  ? -3.280  5.911   16.209  1.00 13.59 ? 96  SER A C   1 
ATOM   697 O O   . SER A 1 95  ? -3.790  5.947   15.063  1.00 11.97 ? 96  SER A O   1 
ATOM   698 C CB  . SER A 1 95  ? -2.564  7.975   17.513  1.00 15.67 ? 96  SER A CB  1 
ATOM   699 O OG  . SER A 1 95  ? -3.102  9.050   16.774  1.00 21.52 ? 96  SER A OG  1 
ATOM   700 N N   . GLY A 1 96  ? -3.684  5.089   17.160  1.00 14.13 ? 97  GLY A N   1 
ATOM   701 C CA  . GLY A 1 96  ? -4.786  4.138   16.965  1.00 13.68 ? 97  GLY A CA  1 
ATOM   702 C C   . GLY A 1 96  ? -4.564  3.322   15.666  1.00 13.43 ? 97  GLY A C   1 
ATOM   703 O O   . GLY A 1 96  ? -3.448  2.831   15.419  1.00 13.06 ? 97  GLY A O   1 
ATOM   704 N N   . ASN A 1 97  ? -5.678  3.194   14.927  1.00 11.80 ? 98  ASN A N   1 
ATOM   705 C CA  . ASN A 1 97  ? -5.623  2.429   13.676  1.00 12.23 ? 98  ASN A CA  1 
ATOM   706 C C   . ASN A 1 97  ? -5.420  3.352   12.470  1.00 11.56 ? 98  ASN A C   1 
ATOM   707 O O   . ASN A 1 97  ? -5.654  2.939   11.309  1.00 10.15 ? 98  ASN A O   1 
ATOM   708 C CB  . ASN A 1 97  ? -6.855  1.519   13.497  1.00 14.42 ? 98  ASN A CB  1 
ATOM   709 C CG  . ASN A 1 97  ? -7.118  0.528   14.603  1.00 16.07 ? 98  ASN A CG  1 
ATOM   710 O OD1 . ASN A 1 97  ? -7.504  0.910   15.710  1.00 18.17 ? 98  ASN A OD1 1 
ATOM   711 N ND2 . ASN A 1 97  ? -6.943  -0.761  14.337  1.00 15.81 ? 98  ASN A ND2 1 
ATOM   712 N N   . ASN A 1 98  ? -4.980  4.566   12.709  1.00 9.93  ? 99  ASN A N   1 
ATOM   713 C CA  . ASN A 1 98  ? -4.768  5.495   11.571  1.00 8.98  ? 99  ASN A CA  1 
ATOM   714 C C   . ASN A 1 98  ? -3.448  5.177   10.872  1.00 7.29  ? 99  ASN A C   1 
ATOM   715 O O   . ASN A 1 98  ? -2.608  4.436   11.365  1.00 7.06  ? 99  ASN A O   1 
ATOM   716 C CB  . ASN A 1 98  ? -4.708  6.942   12.123  1.00 10.96 ? 99  ASN A CB  1 
ATOM   717 C CG  . ASN A 1 98  ? -6.072  7.369   12.694  1.00 16.09 ? 99  ASN A CG  1 
ATOM   718 O OD1 . ASN A 1 98  ? -7.136  7.090   12.122  1.00 16.01 ? 99  ASN A OD1 1 
ATOM   719 N ND2 . ASN A 1 98  ? -5.991  8.019   13.875  1.00 17.21 ? 99  ASN A ND2 1 
ATOM   720 N N   . PHE A 1 99  ? -3.309  5.895   9.767   1.00 6.26  ? 100 PHE A N   1 
ATOM   721 C CA  . PHE A 1 99  ? -2.081  5.820   8.971   1.00 5.87  ? 100 PHE A CA  1 
ATOM   722 C C   . PHE A 1 99  ? -1.493  7.244   8.834   1.00 6.10  ? 100 PHE A C   1 
ATOM   723 O O   . PHE A 1 99  ? -2.229  8.226   8.886   1.00 8.27  ? 100 PHE A O   1 
ATOM   724 C CB  . PHE A 1 99  ? -2.367  5.308   7.560   1.00 8.15  ? 100 PHE A CB  1 
ATOM   725 C CG  . PHE A 1 99  ? -2.656  3.867   7.378   1.00 7.88  ? 100 PHE A CG  1 
ATOM   726 C CD1 . PHE A 1 99  ? -1.628  2.938   7.336   1.00 10.71 ? 100 PHE A CD1 1 
ATOM   727 C CD2 . PHE A 1 99  ? -3.999  3.431   7.260   1.00 10.95 ? 100 PHE A CD2 1 
ATOM   728 C CE1 . PHE A 1 99  ? -1.912  1.561   7.176   1.00 9.63  ? 100 PHE A CE1 1 
ATOM   729 C CE2 . PHE A 1 99  ? -4.309  2.079   7.037   1.00 10.95 ? 100 PHE A CE2 1 
ATOM   730 C CZ  . PHE A 1 99  ? -3.237  1.173   7.032   1.00 11.11 ? 100 PHE A CZ  1 
ATOM   731 N N   . VAL A 1 100 ? -0.232  7.320   8.613   1.00 6.74  ? 101 VAL A N   1 
ATOM   732 C CA  . VAL A 1 100 ? 0.554   8.510   8.251   1.00 6.43  ? 101 VAL A CA  1 
ATOM   733 C C   . VAL A 1 100 ? 1.206   8.145   6.903   1.00 6.52  ? 101 VAL A C   1 
ATOM   734 O O   . VAL A 1 100 ? 1.297   6.948   6.487   1.00 6.51  ? 101 VAL A O   1 
ATOM   735 C CB  . VAL A 1 100 ? 1.552   8.966   9.303   1.00 6.78  ? 101 VAL A CB  1 
ATOM   736 C CG1 . VAL A 1 100 ? 0.848   9.614   10.504  1.00 8.31  ? 101 VAL A CG1 1 
ATOM   737 C CG2 . VAL A 1 100 ? 2.466   7.858   9.804   1.00 5.87  ? 101 VAL A CG2 1 
ATOM   738 N N   . GLY A 1 101 ? 1.706   9.162   6.211   1.00 7.63  ? 102 GLY A N   1 
ATOM   739 C CA  . GLY A 1 101 ? 2.329   8.835   4.884   1.00 6.72  ? 102 GLY A CA  1 
ATOM   740 C C   . GLY A 1 101 ? 3.765   8.377   5.062   1.00 6.09  ? 102 GLY A C   1 
ATOM   741 O O   . GLY A 1 101 ? 4.480   8.706   5.988   1.00 5.51  ? 102 GLY A O   1 
ATOM   742 N N   . CYS A 1 102 ? 4.136   7.511   4.103   1.00 5.72  ? 103 CYS A N   1 
ATOM   743 C CA  . CYS A 1 102 ? 5.590   7.179   3.991   1.00 7.64  ? 103 CYS A CA  1 
ATOM   744 C C   . CYS A 1 102 ? 6.151   8.432   3.255   1.00 8.06  ? 103 CYS A C   1 
ATOM   745 O O   . CYS A 1 102 ? 5.328   9.223   2.724   1.00 8.69  ? 103 CYS A O   1 
ATOM   746 C CB  . CYS A 1 102 ? 5.792   5.952   3.118   1.00 7.50  ? 103 CYS A CB  1 
ATOM   747 S SG  . CYS A 1 102 ? 5.007   4.542   3.992   1.00 7.55  ? 103 CYS A SG  1 
ATOM   748 N N   . SER A 1 103 ? 7.439   8.564   3.224   1.00 7.89  ? 104 SER A N   1 
ATOM   749 C CA  . SER A 1 103 ? 8.015   9.737   2.520   1.00 9.74  ? 104 SER A CA  1 
ATOM   750 C C   . SER A 1 103 ? 7.496   9.845   1.091   1.00 10.73 ? 104 SER A C   1 
ATOM   751 O O   . SER A 1 103 ? 7.441   8.927   0.260   1.00 10.36 ? 104 SER A O   1 
ATOM   752 C CB  . SER A 1 103 ? 9.538   9.695   2.668   1.00 10.36 ? 104 SER A CB  1 
ATOM   753 O OG  . SER A 1 103 ? 10.091  8.763   1.763   1.00 12.42 ? 104 SER A OG  1 
ATOM   754 N N   . GLY A 1 104 ? 7.039   11.058  0.747   1.00 11.65 ? 105 GLY A N   1 
ATOM   755 C CA  . GLY A 1 104 ? 6.513   11.369  -0.568  1.00 12.23 ? 105 GLY A CA  1 
ATOM   756 C C   . GLY A 1 104 ? 5.001   11.339  -0.617  1.00 11.69 ? 105 GLY A C   1 
ATOM   757 O O   . GLY A 1 104 ? 4.413   11.821  -1.605  1.00 14.18 ? 105 GLY A O   1 
ATOM   758 N N   . THR A 1 105 ? 4.379   10.767  0.397   1.00 10.14 ? 106 THR A N   1 
ATOM   759 C CA  . THR A 1 105 ? 2.893   10.730  0.390   1.00 9.78  ? 106 THR A CA  1 
ATOM   760 C C   . THR A 1 105 ? 2.482   11.677  1.525   1.00 9.79  ? 106 THR A C   1 
ATOM   761 O O   . THR A 1 105 ? 2.904   11.404  2.670   1.00 9.62  ? 106 THR A O   1 
ATOM   762 C CB  . THR A 1 105 ? 2.314   9.301   0.664   1.00 11.03 ? 106 THR A CB  1 
ATOM   763 O OG1 . THR A 1 105 ? 2.703   8.454   -0.446  1.00 10.25 ? 106 THR A OG1 1 
ATOM   764 C CG2 . THR A 1 105 ? 0.789   9.288   0.954   1.00 12.74 ? 106 THR A CG2 1 
ATOM   765 N N   . ASN A 1 106 ? 1.710   12.649  1.125   1.00 10.40 ? 107 ASN A N   1 
ATOM   766 C CA  . ASN A 1 106 ? 1.244   13.656  2.121   1.00 13.32 ? 107 ASN A CA  1 
ATOM   767 C C   . ASN A 1 106 ? -0.255  13.931  2.057   1.00 12.82 ? 107 ASN A C   1 
ATOM   768 O O   . ASN A 1 106 ? -1.004  13.258  1.352   1.00 11.89 ? 107 ASN A O   1 
ATOM   769 C CB  . ASN A 1 106 ? 2.124   14.929  1.985   1.00 16.06 ? 107 ASN A CB  1 
ATOM   770 C CG  . ASN A 1 106 ? 3.550   14.685  2.446   1.00 17.67 ? 107 ASN A CG  1 
ATOM   771 O OD1 . ASN A 1 106 ? 3.851   14.681  3.648   1.00 21.06 ? 107 ASN A OD1 1 
ATOM   772 N ND2 . ASN A 1 106 ? 4.443   14.450  1.506   1.00 20.68 ? 107 ASN A ND2 1 
ATOM   773 O OXT . ASN A 1 106 ? -0.653  14.876  2.779   1.00 15.58 ? 107 ASN A OXT 1 
HETATM 774 O O   . HOH B 2 .   ? 14.736  0.568   -7.330  1.00 15.20 ? 108 HOH A O   1 
HETATM 775 O O   . HOH B 2 .   ? 0.866   -0.018  -10.219 1.00 33.48 ? 109 HOH A O   1 
HETATM 776 O O   . HOH B 2 .   ? 7.701   -5.554  -2.597  1.00 8.50  ? 110 HOH A O   1 
HETATM 777 O O   . HOH B 2 .   ? 3.515   -6.877  -1.266  1.00 7.72  ? 111 HOH A O   1 
HETATM 778 O O   . HOH B 2 .   ? 1.768   -12.480 -3.758  1.00 16.01 ? 112 HOH A O   1 
HETATM 779 O O   . HOH B 2 .   ? -14.064 -1.819  -8.273  1.00 22.90 ? 113 HOH A O   1 
HETATM 780 O O   . HOH B 2 .   ? 1.968   13.920  5.882   1.00 35.09 ? 114 HOH A O   1 
HETATM 781 O O   . HOH B 2 .   ? -12.291 -4.491  -1.893  1.00 36.51 ? 115 HOH A O   1 
HETATM 782 O O   . HOH B 2 .   ? -11.530 4.483   -2.201  1.00 17.20 ? 116 HOH A O   1 
HETATM 783 O O   . HOH B 2 .   ? -11.641 2.977   6.230   1.00 22.27 ? 117 HOH A O   1 
HETATM 784 O O   . HOH B 2 .   ? 13.107  -2.841  2.761   1.00 24.62 ? 118 HOH A O   1 
HETATM 785 O O   . HOH B 2 .   ? 6.155   -15.336 1.180   1.00 32.08 ? 119 HOH A O   1 
HETATM 786 O O   . HOH B 2 .   ? 5.463   -8.068  9.180   1.00 37.34 ? 120 HOH A O   1 
HETATM 787 O O   . HOH B 2 .   ? -8.005  7.670   -14.871 1.00 29.57 ? 121 HOH A O   1 
HETATM 788 O O   . HOH B 2 .   ? -2.524  9.389   13.659  1.00 17.01 ? 122 HOH A O   1 
HETATM 789 O O   . HOH B 2 .   ? -12.273 10.025  -0.778  1.00 38.38 ? 123 HOH A O   1 
HETATM 790 O O   . HOH B 2 .   ? 4.372   -4.069  6.315   1.00 7.05  ? 124 HOH A O   1 
HETATM 791 O O   . HOH B 2 .   ? -2.879  15.809  2.791   1.00 14.20 ? 125 HOH A O   1 
HETATM 792 O O   . HOH B 2 .   ? 4.925   -8.296  -8.267  1.00 15.11 ? 126 HOH A O   1 
HETATM 793 O O   . HOH B 2 .   ? 3.666   -12.640 2.893   1.00 20.86 ? 127 HOH A O   1 
HETATM 794 O O   . HOH B 2 .   ? 6.148   -6.255  -0.441  1.00 6.12  ? 128 HOH A O   1 
HETATM 795 O O   . HOH B 2 .   ? 5.275   12.026  4.298   1.00 19.54 ? 129 HOH A O   1 
HETATM 796 O O   . HOH B 2 .   ? -11.559 7.441   -0.769  1.00 22.60 ? 130 HOH A O   1 
HETATM 797 O O   . HOH B 2 .   ? -11.470 12.547  -10.965 1.00 19.89 ? 131 HOH A O   1 
HETATM 798 O O   . HOH B 2 .   ? 6.961   13.474  2.644   1.00 32.58 ? 132 HOH A O   1 
HETATM 799 O O   . HOH B 2 .   ? 6.620   7.565   7.321   1.00 9.22  ? 133 HOH A O   1 
HETATM 800 O O   . HOH B 2 .   ? -9.893  10.633  -1.643  1.00 44.55 ? 134 HOH A O   1 
HETATM 801 O O   . HOH B 2 .   ? 9.684   1.534   10.524  1.00 23.77 ? 135 HOH A O   1 
HETATM 802 O O   . HOH B 2 .   ? 2.398   -14.040 9.862   1.00 28.97 ? 136 HOH A O   1 
HETATM 803 O O   . HOH B 2 .   ? 15.069  -0.327  5.733   1.00 30.39 ? 137 HOH A O   1 
HETATM 804 O O   . HOH B 2 .   ? 6.770   5.995   -3.233  1.00 24.73 ? 138 HOH A O   1 
HETATM 805 O O   . HOH B 2 .   ? -9.472  4.331   12.879  1.00 34.43 ? 139 HOH A O   1 
HETATM 806 O O   . HOH B 2 .   ? 8.923   -4.424  6.039   1.00 11.00 ? 140 HOH A O   1 
HETATM 807 O O   . HOH B 2 .   ? 2.974   -9.426  -12.881 1.00 40.21 ? 141 HOH A O   1 
HETATM 808 O O   . HOH B 2 .   ? 14.932  -7.231  0.833   1.00 34.94 ? 142 HOH A O   1 
HETATM 809 O O   . HOH B 2 .   ? 5.093   7.504   -0.509  1.00 17.81 ? 143 HOH A O   1 
HETATM 810 O O   . HOH B 2 .   ? -6.741  -9.531  6.263   1.00 23.54 ? 144 HOH A O   1 
HETATM 811 O O   . HOH B 2 .   ? -10.098 1.545   4.264   1.00 25.10 ? 145 HOH A O   1 
HETATM 812 O O   . HOH B 2 .   ? -15.348 1.261   2.470   1.00 26.55 ? 146 HOH A O   1 
HETATM 813 O O   . HOH B 2 .   ? 7.005   1.088   9.322   1.00 9.91  ? 147 HOH A O   1 
HETATM 814 O O   . HOH B 2 .   ? 1.415   11.799  7.299   1.00 12.77 ? 148 HOH A O   1 
HETATM 815 O O   . HOH B 2 .   ? 9.574   -13.489 0.557   1.00 23.50 ? 149 HOH A O   1 
HETATM 816 O O   . HOH B 2 .   ? -4.661  -2.332  6.911   1.00 17.60 ? 150 HOH A O   1 
HETATM 817 O O   . HOH B 2 .   ? -8.073  0.818   5.581   1.00 40.43 ? 151 HOH A O   1 
HETATM 818 O O   . HOH B 2 .   ? -7.228  8.191   5.006   1.00 22.34 ? 152 HOH A O   1 
HETATM 819 O O   . HOH B 2 .   ? -9.304  -8.427  -4.585  1.00 19.56 ? 153 HOH A O   1 
HETATM 820 O O   . HOH B 2 .   ? -0.746  3.350   17.336  1.00 36.97 ? 154 HOH A O   1 
HETATM 821 O O   . HOH B 2 .   ? -2.611  5.383   19.778  1.00 17.52 ? 155 HOH A O   1 
HETATM 822 O O   . HOH B 2 .   ? 3.073   4.629   15.957  1.00 18.69 ? 156 HOH A O   1 
HETATM 823 O O   . HOH B 2 .   ? 6.174   7.491   10.084  1.00 10.58 ? 157 HOH A O   1 
HETATM 824 O O   . HOH B 2 .   ? 9.689   -4.513  -9.377  1.00 25.42 ? 158 HOH A O   1 
HETATM 825 O O   . HOH B 2 .   ? 0.659   2.407   -13.816 1.00 35.45 ? 159 HOH A O   1 
HETATM 826 O O   . HOH B 2 .   ? -3.156  -14.639 5.493   1.00 13.97 ? 160 HOH A O   1 
HETATM 827 O O   . HOH B 2 .   ? 6.586   -5.137  7.519   1.00 26.21 ? 161 HOH A O   1 
HETATM 828 O O   . HOH B 2 .   ? 8.210   -1.685  8.377   1.00 22.83 ? 162 HOH A O   1 
HETATM 829 O O   . HOH B 2 .   ? 9.921   -5.885  -0.986  1.00 15.11 ? 163 HOH A O   1 
HETATM 830 O O   . HOH B 2 .   ? 13.405  9.181   -3.845  1.00 29.24 ? 164 HOH A O   1 
HETATM 831 O O   . HOH B 2 .   ? 1.665   10.054  -2.718  1.00 20.14 ? 165 HOH A O   1 
HETATM 832 O O   . HOH B 2 .   ? -6.912  3.381   8.645   1.00 38.87 ? 166 HOH A O   1 
HETATM 833 O O   . HOH B 2 .   ? -6.751  5.431   7.123   1.00 16.91 ? 167 HOH A O   1 
HETATM 834 O O   . HOH B 2 .   ? 1.047   12.934  -1.557  1.00 17.85 ? 168 HOH A O   1 
HETATM 835 O O   . HOH B 2 .   ? 11.802  6.358   -8.911  1.00 23.61 ? 169 HOH A O   1 
HETATM 836 O O   . HOH B 2 .   ? 8.970   8.671   -1.693  1.00 27.92 ? 170 HOH A O   1 
HETATM 837 O O   . HOH B 2 .   ? 14.581  4.485   0.577   1.00 30.12 ? 171 HOH A O   1 
HETATM 838 O O   . HOH B 2 .   ? 9.400   8.403   8.054   1.00 19.79 ? 172 HOH A O   1 
HETATM 839 O O   . HOH B 2 .   ? 4.211   -6.618  -14.740 1.00 23.16 ? 173 HOH A O   1 
HETATM 840 O O   . HOH B 2 .   ? -10.174 -15.125 -11.574 1.00 39.48 ? 174 HOH A O   1 
HETATM 841 O O   . HOH B 2 .   ? -8.689  -16.662 -9.639  1.00 29.65 ? 175 HOH A O   1 
HETATM 842 O O   . HOH B 2 .   ? -12.348 0.596   2.691   1.00 40.76 ? 176 HOH A O   1 
HETATM 843 O O   . HOH B 2 .   ? -7.004  11.485  -11.535 1.00 37.78 ? 177 HOH A O   1 
HETATM 844 O O   . HOH B 2 .   ? -2.347  -17.072 4.374   1.00 28.87 ? 178 HOH A O   1 
HETATM 845 O O   . HOH B 2 .   ? -3.035  10.054  11.254  1.00 27.56 ? 179 HOH A O   1 
HETATM 846 O O   . HOH B 2 .   ? 7.198   -6.609  -9.814  1.00 38.95 ? 180 HOH A O   1 
HETATM 847 O O   . HOH B 2 .   ? -10.458 12.950  3.144   1.00 28.16 ? 181 HOH A O   1 
HETATM 848 O O   . HOH B 2 .   ? -11.896 -1.914  -12.045 1.00 34.49 ? 182 HOH A O   1 
HETATM 849 O O   . HOH B 2 .   ? -10.198 -6.009  -4.133  1.00 21.79 ? 183 HOH A O   1 
HETATM 850 O O   . HOH B 2 .   ? 5.066   0.150   13.795  1.00 33.03 ? 184 HOH A O   1 
HETATM 851 O O   . HOH B 2 .   ? 1.584   12.164  -3.727  1.00 34.29 ? 185 HOH A O   1 
HETATM 852 O O   . HOH B 2 .   ? -8.465  4.312   5.783   1.00 30.78 ? 186 HOH A O   1 
HETATM 853 O O   . HOH B 2 .   ? 5.000   -14.817 4.350   1.00 50.03 ? 187 HOH A O   1 
HETATM 854 O O   . HOH B 2 .   ? 15.443  -4.497  1.890   1.00 36.53 ? 188 HOH A O   1 
HETATM 855 O O   . HOH B 2 .   ? 0.619   7.855   -10.229 1.00 54.04 ? 189 HOH A O   1 
HETATM 856 O O   . HOH B 2 .   ? -7.286  15.319  0.029   1.00 30.40 ? 190 HOH A O   1 
HETATM 857 O O   . HOH B 2 .   ? -9.489  17.663  -2.961  1.00 32.48 ? 191 HOH A O   1 
HETATM 858 O O   . HOH B 2 .   ? 11.458  -1.223  -10.887 1.00 25.96 ? 192 HOH A O   1 
HETATM 859 O O   . HOH B 2 .   ? 11.298  -3.780  -11.764 1.00 44.41 ? 193 HOH A O   1 
HETATM 860 O O   . HOH B 2 .   ? -10.918 -6.983  -6.689  1.00 27.13 ? 194 HOH A O   1 
HETATM 861 O O   . HOH B 2 .   ? -7.235  -4.232  6.788   1.00 24.38 ? 195 HOH A O   1 
HETATM 862 O O   . HOH B 2 .   ? -6.789  -2.539  8.180   1.00 42.96 ? 196 HOH A O   1 
HETATM 863 O O   . HOH B 2 .   ? -6.321  9.298   -12.169 1.00 34.44 ? 197 HOH A O   1 
HETATM 864 O O   . HOH B 2 .   ? -1.562  11.446  7.882   1.00 46.19 ? 198 HOH A O   1 
HETATM 865 O O   . HOH B 2 .   ? -3.226  12.761  6.225   1.00 38.97 ? 199 HOH A O   1 
HETATM 866 O O   . HOH B 2 .   ? -15.059 11.013  -7.753  1.00 39.58 ? 200 HOH A O   1 
HETATM 867 O O   . HOH B 2 .   ? 14.382  -2.878  6.445   1.00 38.10 ? 201 HOH A O   1 
HETATM 868 O O   . HOH B 2 .   ? 15.120  -5.086  7.600   1.00 45.40 ? 202 HOH A O   1 
HETATM 869 O O   . HOH B 2 .   ? -6.430  -7.323  7.531   1.00 32.86 ? 203 HOH A O   1 
HETATM 870 O O   . HOH B 2 .   ? -9.881  13.352  0.657   1.00 30.01 ? 204 HOH A O   1 
HETATM 871 O O   . HOH B 2 .   ? -4.753  -2.269  9.610   1.00 37.53 ? 205 HOH A O   1 
HETATM 872 O O   . HOH B 2 .   ? -1.841  -12.289 -8.431  1.00 33.81 ? 206 HOH A O   1 
HETATM 873 O O   . HOH B 2 .   ? -3.280  -14.211 -8.179  1.00 41.25 ? 207 HOH A O   1 
HETATM 874 O O   . HOH B 2 .   ? 6.980   -10.889 2.366   1.00 41.35 ? 208 HOH A O   1 
HETATM 875 O O   . HOH B 2 .   ? 6.816   -13.448 -0.333  1.00 37.78 ? 209 HOH A O   1 
HETATM 876 O O   . HOH B 2 .   ? 15.301  8.131   4.562   1.00 41.10 ? 210 HOH A O   1 
HETATM 877 O O   . HOH B 2 .   ? -12.308 -5.436  3.493   1.00 38.18 ? 211 HOH A O   1 
HETATM 878 O O   . HOH B 2 .   ? 2.787   8.793   -4.661  1.00 45.55 ? 212 HOH A O   1 
HETATM 879 O O   . HOH B 2 .   ? -1.818  13.893  7.689   1.00 37.29 ? 213 HOH A O   1 
HETATM 880 O O   . HOH B 2 .   ? 16.139  0.129   10.636  1.00 46.49 ? 214 HOH A O   1 
# 
